data_3IBW
# 
_entry.id   3IBW 
# 
_audit_conform.dict_name       mmcif_pdbx.dic 
_audit_conform.dict_version    5.397 
_audit_conform.dict_location   http://mmcif.pdb.org/dictionaries/ascii/mmcif_pdbx.dic 
# 
loop_
_database_2.database_id 
_database_2.database_code 
_database_2.pdbx_database_accession 
_database_2.pdbx_DOI 
PDB   3IBW         pdb_00003ibw 10.2210/pdb3ibw/pdb 
RCSB  RCSB054219   ?            ?                   
WWPDB D_1000054219 ?            ?                   
# 
loop_
_pdbx_audit_revision_history.ordinal 
_pdbx_audit_revision_history.data_content_type 
_pdbx_audit_revision_history.major_revision 
_pdbx_audit_revision_history.minor_revision 
_pdbx_audit_revision_history.revision_date 
1 'Structure model' 1 0 2009-07-28 
2 'Structure model' 1 1 2011-07-13 
3 'Structure model' 1 2 2017-10-25 
4 'Structure model' 1 3 2019-07-24 
5 'Structure model' 1 4 2021-10-13 
6 'Structure model' 1 5 2024-10-16 
# 
_pdbx_audit_revision_details.ordinal             1 
_pdbx_audit_revision_details.revision_ordinal    1 
_pdbx_audit_revision_details.data_content_type   'Structure model' 
_pdbx_audit_revision_details.provider            repository 
_pdbx_audit_revision_details.type                'Initial release' 
_pdbx_audit_revision_details.description         ? 
_pdbx_audit_revision_details.details             ? 
# 
loop_
_pdbx_audit_revision_group.ordinal 
_pdbx_audit_revision_group.revision_ordinal 
_pdbx_audit_revision_group.data_content_type 
_pdbx_audit_revision_group.group 
1 2 'Structure model' 'Version format compliance'  
2 3 'Structure model' 'Author supporting evidence' 
3 3 'Structure model' 'Refinement description'     
4 4 'Structure model' 'Data collection'            
5 4 'Structure model' 'Derived calculations'       
6 4 'Structure model' 'Refinement description'     
7 5 'Structure model' 'Database references'        
8 6 'Structure model' 'Data collection'            
9 6 'Structure model' 'Structure summary'          
# 
loop_
_pdbx_audit_revision_category.ordinal 
_pdbx_audit_revision_category.revision_ordinal 
_pdbx_audit_revision_category.data_content_type 
_pdbx_audit_revision_category.category 
1  3 'Structure model' pdbx_struct_assembly_auth_evidence 
2  3 'Structure model' software                           
3  4 'Structure model' software                           
4  4 'Structure model' struct_conn                        
5  5 'Structure model' database_2                         
6  5 'Structure model' struct_ref_seq_dif                 
7  6 'Structure model' chem_comp_atom                     
8  6 'Structure model' chem_comp_bond                     
9  6 'Structure model' pdbx_entry_details                 
10 6 'Structure model' pdbx_modification_feature          
# 
loop_
_pdbx_audit_revision_item.ordinal 
_pdbx_audit_revision_item.revision_ordinal 
_pdbx_audit_revision_item.data_content_type 
_pdbx_audit_revision_item.item 
1  3 'Structure model' '_software.name'                      
2  4 'Structure model' '_software.contact_author'            
3  4 'Structure model' '_software.contact_author_email'      
4  4 'Structure model' '_software.language'                  
5  4 'Structure model' '_software.location'                  
6  4 'Structure model' '_software.name'                      
7  4 'Structure model' '_software.type'                      
8  4 'Structure model' '_software.version'                   
9  4 'Structure model' '_struct_conn.pdbx_leaving_atom_flag' 
10 5 'Structure model' '_database_2.pdbx_DOI'                
11 5 'Structure model' '_database_2.pdbx_database_accession' 
12 5 'Structure model' '_struct_ref_seq_dif.details'         
# 
_pdbx_database_status.entry_id                        3IBW 
_pdbx_database_status.deposit_site                    RCSB 
_pdbx_database_status.process_site                    RCSB 
_pdbx_database_status.recvd_initial_deposition_date   2009-07-17 
_pdbx_database_status.status_code                     REL 
_pdbx_database_status.status_code_sf                  REL 
_pdbx_database_status.status_code_mr                  ? 
_pdbx_database_status.SG_entry                        Y 
_pdbx_database_status.pdb_format_compatible           Y 
_pdbx_database_status.status_code_cs                  ? 
_pdbx_database_status.methods_development_category    ? 
_pdbx_database_status.status_code_nmr_data            ? 
# 
_pdbx_database_related.db_name        TargetDB 
_pdbx_database_related.db_id          CtR148A 
_pdbx_database_related.details        . 
_pdbx_database_related.content_type   unspecified 
# 
loop_
_audit_author.name 
_audit_author.pdbx_ordinal 
'Vorobiev, S.'                                    1  
'Su, M.'                                          2  
'Seetharaman, J.'                                 3  
'Janjua, J.'                                      4  
'Xiao, R.'                                        5  
'Ciccosanti, C.'                                  6  
'Wang, H.'                                        7  
'Everett, J.K.'                                   8  
'Nair, R.'                                        9  
'Acton, T.B.'                                     10 
'Rost, B.'                                        11 
'Montelione, G.T.'                                12 
'Tong, L.'                                        13 
'Hunt, J.F.'                                      14 
'Northeast Structural Genomics Consortium (NESG)' 15 
# 
_citation.id                        primary 
_citation.title                     'Crystal Structure of the ACT domain from GTP pyrophosphokinase of Chlorobium tepidum.' 
_citation.journal_abbrev            'To be Published' 
_citation.journal_volume            ? 
_citation.page_first                ? 
_citation.page_last                 ? 
_citation.year                      ? 
_citation.journal_id_ASTM           ? 
_citation.country                   ? 
_citation.journal_id_ISSN           ? 
_citation.journal_id_CSD            0353 
_citation.book_publisher            ? 
_citation.pdbx_database_id_PubMed   ? 
_citation.pdbx_database_id_DOI      ? 
# 
loop_
_citation_author.citation_id 
_citation_author.name 
_citation_author.ordinal 
_citation_author.identifier_ORCID 
primary 'Vorobiev, S.'     1  ? 
primary 'Su, M.'           2  ? 
primary 'Seetharaman, J.'  3  ? 
primary 'Janjua, J.'       4  ? 
primary 'Xiao, R.'         5  ? 
primary 'Ciccosanti, C.'   6  ? 
primary 'Wang, H.'         7  ? 
primary 'Everett, J.K.'    8  ? 
primary 'Nair, R.'         9  ? 
primary 'Acton, T.B.'      10 ? 
primary 'Rost, B.'         11 ? 
primary 'Montelione, G.T.' 12 ? 
primary 'Tong, L.'         13 ? 
primary 'Hunt, J.F.'       14 ? 
# 
loop_
_entity.id 
_entity.type 
_entity.src_method 
_entity.pdbx_description 
_entity.formula_weight 
_entity.pdbx_number_of_molecules 
_entity.pdbx_ec 
_entity.pdbx_mutation 
_entity.pdbx_fragment 
_entity.details 
1 polymer man 'GTP pyrophosphokinase' 10238.252 2   2.7.6.5 I667N 'ACT domain' ? 
2 water   nat water                   18.015    151 ?       ?     ?            ? 
# 
_entity_poly.entity_id                      1 
_entity_poly.type                           'polypeptide(L)' 
_entity_poly.nstd_linkage                   no 
_entity_poly.nstd_monomer                   yes 
_entity_poly.pdbx_seq_one_letter_code       
;(MSE)TDFLAGIRIVGEDKNG(MSE)TNQITGVISKFDTNIRTIVLNAKDGIFTCNL(MSE)IFVKNTDKLTTL(MSE)D
KLRKVQGVFTVERLSNLEHHHHHH
;
_entity_poly.pdbx_seq_one_letter_code_can   
;MTDFLAGIRIVGEDKNGMTNQITGVISKFDTNIRTIVLNAKDGIFTCNLMIFVKNTDKLTTLMDKLRKVQGVFTVERLSN
LEHHHHHH
;
_entity_poly.pdbx_strand_id                 A,B 
_entity_poly.pdbx_target_identifier         CtR148A 
# 
_pdbx_entity_nonpoly.entity_id   2 
_pdbx_entity_nonpoly.name        water 
_pdbx_entity_nonpoly.comp_id     HOH 
# 
loop_
_entity_poly_seq.entity_id 
_entity_poly_seq.num 
_entity_poly_seq.mon_id 
_entity_poly_seq.hetero 
1 1  MSE n 
1 2  THR n 
1 3  ASP n 
1 4  PHE n 
1 5  LEU n 
1 6  ALA n 
1 7  GLY n 
1 8  ILE n 
1 9  ARG n 
1 10 ILE n 
1 11 VAL n 
1 12 GLY n 
1 13 GLU n 
1 14 ASP n 
1 15 LYS n 
1 16 ASN n 
1 17 GLY n 
1 18 MSE n 
1 19 THR n 
1 20 ASN n 
1 21 GLN n 
1 22 ILE n 
1 23 THR n 
1 24 GLY n 
1 25 VAL n 
1 26 ILE n 
1 27 SER n 
1 28 LYS n 
1 29 PHE n 
1 30 ASP n 
1 31 THR n 
1 32 ASN n 
1 33 ILE n 
1 34 ARG n 
1 35 THR n 
1 36 ILE n 
1 37 VAL n 
1 38 LEU n 
1 39 ASN n 
1 40 ALA n 
1 41 LYS n 
1 42 ASP n 
1 43 GLY n 
1 44 ILE n 
1 45 PHE n 
1 46 THR n 
1 47 CYS n 
1 48 ASN n 
1 49 LEU n 
1 50 MSE n 
1 51 ILE n 
1 52 PHE n 
1 53 VAL n 
1 54 LYS n 
1 55 ASN n 
1 56 THR n 
1 57 ASP n 
1 58 LYS n 
1 59 LEU n 
1 60 THR n 
1 61 THR n 
1 62 LEU n 
1 63 MSE n 
1 64 ASP n 
1 65 LYS n 
1 66 LEU n 
1 67 ARG n 
1 68 LYS n 
1 69 VAL n 
1 70 GLN n 
1 71 GLY n 
1 72 VAL n 
1 73 PHE n 
1 74 THR n 
1 75 VAL n 
1 76 GLU n 
1 77 ARG n 
1 78 LEU n 
1 79 SER n 
1 80 ASN n 
1 81 LEU n 
1 82 GLU n 
1 83 HIS n 
1 84 HIS n 
1 85 HIS n 
1 86 HIS n 
1 87 HIS n 
1 88 HIS n 
# 
_entity_src_gen.entity_id                          1 
_entity_src_gen.pdbx_src_id                        1 
_entity_src_gen.pdbx_alt_source_flag               sample 
_entity_src_gen.pdbx_seq_type                      ? 
_entity_src_gen.pdbx_beg_seq_num                   ? 
_entity_src_gen.pdbx_end_seq_num                   ? 
_entity_src_gen.gene_src_common_name               ? 
_entity_src_gen.gene_src_genus                     ? 
_entity_src_gen.pdbx_gene_src_gene                 'CT1545, relA' 
_entity_src_gen.gene_src_species                   ? 
_entity_src_gen.gene_src_strain                    'ATCC 49652/DSM 12025/TLS' 
_entity_src_gen.gene_src_tissue                    ? 
_entity_src_gen.gene_src_tissue_fraction           ? 
_entity_src_gen.gene_src_details                   ? 
_entity_src_gen.pdbx_gene_src_fragment             ? 
_entity_src_gen.pdbx_gene_src_scientific_name      'Chlorobaculum tepidum' 
_entity_src_gen.pdbx_gene_src_ncbi_taxonomy_id     1097 
_entity_src_gen.pdbx_gene_src_variant              ? 
_entity_src_gen.pdbx_gene_src_cell_line            ? 
_entity_src_gen.pdbx_gene_src_atcc                 ? 
_entity_src_gen.pdbx_gene_src_organ                ? 
_entity_src_gen.pdbx_gene_src_organelle            ? 
_entity_src_gen.pdbx_gene_src_cell                 ? 
_entity_src_gen.pdbx_gene_src_cellular_location    ? 
_entity_src_gen.host_org_common_name               ? 
_entity_src_gen.pdbx_host_org_scientific_name      'Escherichia coli BL21(DE3)' 
_entity_src_gen.pdbx_host_org_ncbi_taxonomy_id     469008 
_entity_src_gen.host_org_genus                     ? 
_entity_src_gen.pdbx_host_org_gene                 ? 
_entity_src_gen.pdbx_host_org_organ                ? 
_entity_src_gen.host_org_species                   ? 
_entity_src_gen.pdbx_host_org_tissue               ? 
_entity_src_gen.pdbx_host_org_tissue_fraction      ? 
_entity_src_gen.pdbx_host_org_strain               'BL21(DE3)+ Magic' 
_entity_src_gen.pdbx_host_org_variant              ? 
_entity_src_gen.pdbx_host_org_cell_line            ? 
_entity_src_gen.pdbx_host_org_atcc                 ? 
_entity_src_gen.pdbx_host_org_culture_collection   ? 
_entity_src_gen.pdbx_host_org_cell                 ? 
_entity_src_gen.pdbx_host_org_organelle            ? 
_entity_src_gen.pdbx_host_org_cellular_location    ? 
_entity_src_gen.pdbx_host_org_vector_type          plasmid 
_entity_src_gen.pdbx_host_org_vector               ? 
_entity_src_gen.host_org_details                   ? 
_entity_src_gen.expression_system_id               ? 
_entity_src_gen.plasmid_name                       'pET 21-23C' 
_entity_src_gen.plasmid_details                    ? 
_entity_src_gen.pdbx_description                   ? 
# 
loop_
_chem_comp.id 
_chem_comp.type 
_chem_comp.mon_nstd_flag 
_chem_comp.name 
_chem_comp.pdbx_synonyms 
_chem_comp.formula 
_chem_comp.formula_weight 
ALA 'L-peptide linking' y ALANINE          ? 'C3 H7 N O2'     89.093  
ARG 'L-peptide linking' y ARGININE         ? 'C6 H15 N4 O2 1' 175.209 
ASN 'L-peptide linking' y ASPARAGINE       ? 'C4 H8 N2 O3'    132.118 
ASP 'L-peptide linking' y 'ASPARTIC ACID'  ? 'C4 H7 N O4'     133.103 
CYS 'L-peptide linking' y CYSTEINE         ? 'C3 H7 N O2 S'   121.158 
GLN 'L-peptide linking' y GLUTAMINE        ? 'C5 H10 N2 O3'   146.144 
GLU 'L-peptide linking' y 'GLUTAMIC ACID'  ? 'C5 H9 N O4'     147.129 
GLY 'peptide linking'   y GLYCINE          ? 'C2 H5 N O2'     75.067  
HIS 'L-peptide linking' y HISTIDINE        ? 'C6 H10 N3 O2 1' 156.162 
HOH non-polymer         . WATER            ? 'H2 O'           18.015  
ILE 'L-peptide linking' y ISOLEUCINE       ? 'C6 H13 N O2'    131.173 
LEU 'L-peptide linking' y LEUCINE          ? 'C6 H13 N O2'    131.173 
LYS 'L-peptide linking' y LYSINE           ? 'C6 H15 N2 O2 1' 147.195 
MSE 'L-peptide linking' n SELENOMETHIONINE ? 'C5 H11 N O2 Se' 196.106 
PHE 'L-peptide linking' y PHENYLALANINE    ? 'C9 H11 N O2'    165.189 
SER 'L-peptide linking' y SERINE           ? 'C3 H7 N O3'     105.093 
THR 'L-peptide linking' y THREONINE        ? 'C4 H9 N O3'     119.119 
VAL 'L-peptide linking' y VALINE           ? 'C5 H11 N O2'    117.146 
# 
loop_
_pdbx_poly_seq_scheme.asym_id 
_pdbx_poly_seq_scheme.entity_id 
_pdbx_poly_seq_scheme.seq_id 
_pdbx_poly_seq_scheme.mon_id 
_pdbx_poly_seq_scheme.ndb_seq_num 
_pdbx_poly_seq_scheme.pdb_seq_num 
_pdbx_poly_seq_scheme.auth_seq_num 
_pdbx_poly_seq_scheme.pdb_mon_id 
_pdbx_poly_seq_scheme.auth_mon_id 
_pdbx_poly_seq_scheme.pdb_strand_id 
_pdbx_poly_seq_scheme.pdb_ins_code 
_pdbx_poly_seq_scheme.hetero 
A 1 1  MSE 1  652 ?   ?   ?   A . n 
A 1 2  THR 2  653 653 THR ALA A . n 
A 1 3  ASP 3  654 654 ASP ASP A . n 
A 1 4  PHE 4  655 655 PHE PHE A . n 
A 1 5  LEU 5  656 656 LEU LEU A . n 
A 1 6  ALA 6  657 657 ALA ALA A . n 
A 1 7  GLY 7  658 658 GLY GLY A . n 
A 1 8  ILE 8  659 659 ILE ILE A . n 
A 1 9  ARG 9  660 660 ARG ARG A . n 
A 1 10 ILE 10 661 661 ILE ILE A . n 
A 1 11 VAL 11 662 662 VAL VAL A . n 
A 1 12 GLY 12 663 663 GLY GLY A . n 
A 1 13 GLU 13 664 664 GLU GLU A . n 
A 1 14 ASP 14 665 665 ASP ASP A . n 
A 1 15 LYS 15 666 666 LYS LYS A . n 
A 1 16 ASN 16 667 667 ASN ASN A . n 
A 1 17 GLY 17 668 668 GLY GLY A . n 
A 1 18 MSE 18 669 669 MSE MSE A . n 
A 1 19 THR 19 670 670 THR THR A . n 
A 1 20 ASN 20 671 671 ASN ASN A . n 
A 1 21 GLN 21 672 672 GLN GLN A . n 
A 1 22 ILE 22 673 673 ILE ILE A . n 
A 1 23 THR 23 674 674 THR THR A . n 
A 1 24 GLY 24 675 675 GLY GLY A . n 
A 1 25 VAL 25 676 676 VAL VAL A . n 
A 1 26 ILE 26 677 677 ILE ILE A . n 
A 1 27 SER 27 678 678 SER SER A . n 
A 1 28 LYS 28 679 679 LYS LYS A . n 
A 1 29 PHE 29 680 680 PHE PHE A . n 
A 1 30 ASP 30 681 681 ASP ASP A . n 
A 1 31 THR 31 682 682 THR THR A . n 
A 1 32 ASN 32 683 683 ASN ASN A . n 
A 1 33 ILE 33 684 684 ILE ILE A . n 
A 1 34 ARG 34 685 685 ARG ARG A . n 
A 1 35 THR 35 686 686 THR THR A . n 
A 1 36 ILE 36 687 687 ILE ILE A . n 
A 1 37 VAL 37 688 688 VAL VAL A . n 
A 1 38 LEU 38 689 689 LEU LEU A . n 
A 1 39 ASN 39 690 690 ASN ASN A . n 
A 1 40 ALA 40 691 691 ALA ALA A . n 
A 1 41 LYS 41 692 692 LYS LYS A . n 
A 1 42 ASP 42 693 693 ASP ASP A . n 
A 1 43 GLY 43 694 694 GLY GLY A . n 
A 1 44 ILE 44 695 695 ILE ILE A . n 
A 1 45 PHE 45 696 696 PHE PHE A . n 
A 1 46 THR 46 697 697 THR THR A . n 
A 1 47 CYS 47 698 698 CYS CYS A . n 
A 1 48 ASN 48 699 699 ASN ASN A . n 
A 1 49 LEU 49 700 700 LEU LEU A . n 
A 1 50 MSE 50 701 701 MSE MSE A . n 
A 1 51 ILE 51 702 702 ILE ILE A . n 
A 1 52 PHE 52 703 703 PHE PHE A . n 
A 1 53 VAL 53 704 704 VAL VAL A . n 
A 1 54 LYS 54 705 705 LYS LYS A . n 
A 1 55 ASN 55 706 706 ASN ASN A . n 
A 1 56 THR 56 707 707 THR THR A . n 
A 1 57 ASP 57 708 708 ASP ASP A . n 
A 1 58 LYS 58 709 709 LYS LYS A . n 
A 1 59 LEU 59 710 710 LEU LEU A . n 
A 1 60 THR 60 711 711 THR THR A . n 
A 1 61 THR 61 712 712 THR THR A . n 
A 1 62 LEU 62 713 713 LEU LEU A . n 
A 1 63 MSE 63 714 714 MSE MSE A . n 
A 1 64 ASP 64 715 715 ASP ASP A . n 
A 1 65 LYS 65 716 716 LYS LYS A . n 
A 1 66 LEU 66 717 717 LEU LEU A . n 
A 1 67 ARG 67 718 718 ARG ARG A . n 
A 1 68 LYS 68 719 719 LYS LYS A . n 
A 1 69 VAL 69 720 720 VAL VAL A . n 
A 1 70 GLN 70 721 721 GLN GLN A . n 
A 1 71 GLY 71 722 722 GLY GLY A . n 
A 1 72 VAL 72 723 723 VAL VAL A . n 
A 1 73 PHE 73 724 724 PHE PHE A . n 
A 1 74 THR 74 725 725 THR THR A . n 
A 1 75 VAL 75 726 726 VAL VAL A . n 
A 1 76 GLU 76 727 727 GLU GLU A . n 
A 1 77 ARG 77 728 728 ARG ARG A . n 
A 1 78 LEU 78 729 729 LEU LEU A . n 
A 1 79 SER 79 730 730 SER SER A . n 
A 1 80 ASN 80 731 731 ASN ALA A . n 
A 1 81 LEU 81 732 ?   ?   ?   A . n 
A 1 82 GLU 82 733 ?   ?   ?   A . n 
A 1 83 HIS 83 734 ?   ?   ?   A . n 
A 1 84 HIS 84 735 ?   ?   ?   A . n 
A 1 85 HIS 85 736 ?   ?   ?   A . n 
A 1 86 HIS 86 737 ?   ?   ?   A . n 
A 1 87 HIS 87 738 ?   ?   ?   A . n 
A 1 88 HIS 88 739 ?   ?   ?   A . n 
B 1 1  MSE 1  652 ?   ?   ?   B . n 
B 1 2  THR 2  653 653 THR ALA B . n 
B 1 3  ASP 3  654 654 ASP ASP B . n 
B 1 4  PHE 4  655 655 PHE PHE B . n 
B 1 5  LEU 5  656 656 LEU LEU B . n 
B 1 6  ALA 6  657 657 ALA ALA B . n 
B 1 7  GLY 7  658 658 GLY GLY B . n 
B 1 8  ILE 8  659 659 ILE ILE B . n 
B 1 9  ARG 9  660 660 ARG ARG B . n 
B 1 10 ILE 10 661 661 ILE ILE B . n 
B 1 11 VAL 11 662 662 VAL VAL B . n 
B 1 12 GLY 12 663 663 GLY GLY B . n 
B 1 13 GLU 13 664 664 GLU GLU B . n 
B 1 14 ASP 14 665 665 ASP ASP B . n 
B 1 15 LYS 15 666 666 LYS ALA B . n 
B 1 16 ASN 16 667 667 ASN ALA B . n 
B 1 17 GLY 17 668 668 GLY GLY B . n 
B 1 18 MSE 18 669 669 MSE MSE B . n 
B 1 19 THR 19 670 670 THR THR B . n 
B 1 20 ASN 20 671 671 ASN ASN B . n 
B 1 21 GLN 21 672 672 GLN GLN B . n 
B 1 22 ILE 22 673 673 ILE ILE B . n 
B 1 23 THR 23 674 674 THR THR B . n 
B 1 24 GLY 24 675 675 GLY GLY B . n 
B 1 25 VAL 25 676 676 VAL VAL B . n 
B 1 26 ILE 26 677 677 ILE ILE B . n 
B 1 27 SER 27 678 678 SER SER B . n 
B 1 28 LYS 28 679 679 LYS LYS B . n 
B 1 29 PHE 29 680 680 PHE PHE B . n 
B 1 30 ASP 30 681 681 ASP ASP B . n 
B 1 31 THR 31 682 682 THR THR B . n 
B 1 32 ASN 32 683 683 ASN ASN B . n 
B 1 33 ILE 33 684 684 ILE ILE B . n 
B 1 34 ARG 34 685 685 ARG ARG B . n 
B 1 35 THR 35 686 686 THR THR B . n 
B 1 36 ILE 36 687 687 ILE ILE B . n 
B 1 37 VAL 37 688 688 VAL VAL B . n 
B 1 38 LEU 38 689 689 LEU LEU B . n 
B 1 39 ASN 39 690 690 ASN ASN B . n 
B 1 40 ALA 40 691 691 ALA ALA B . n 
B 1 41 LYS 41 692 692 LYS LYS B . n 
B 1 42 ASP 42 693 693 ASP ASP B . n 
B 1 43 GLY 43 694 694 GLY GLY B . n 
B 1 44 ILE 44 695 695 ILE ILE B . n 
B 1 45 PHE 45 696 696 PHE PHE B . n 
B 1 46 THR 46 697 697 THR THR B . n 
B 1 47 CYS 47 698 698 CYS CYS B . n 
B 1 48 ASN 48 699 699 ASN ASN B . n 
B 1 49 LEU 49 700 700 LEU LEU B . n 
B 1 50 MSE 50 701 701 MSE MSE B . n 
B 1 51 ILE 51 702 702 ILE ILE B . n 
B 1 52 PHE 52 703 703 PHE PHE B . n 
B 1 53 VAL 53 704 704 VAL VAL B . n 
B 1 54 LYS 54 705 705 LYS LYS B . n 
B 1 55 ASN 55 706 706 ASN ASN B . n 
B 1 56 THR 56 707 707 THR THR B . n 
B 1 57 ASP 57 708 708 ASP ASP B . n 
B 1 58 LYS 58 709 709 LYS LYS B . n 
B 1 59 LEU 59 710 710 LEU LEU B . n 
B 1 60 THR 60 711 711 THR THR B . n 
B 1 61 THR 61 712 712 THR THR B . n 
B 1 62 LEU 62 713 713 LEU LEU B . n 
B 1 63 MSE 63 714 714 MSE MSE B . n 
B 1 64 ASP 64 715 715 ASP ASP B . n 
B 1 65 LYS 65 716 716 LYS LYS B . n 
B 1 66 LEU 66 717 717 LEU LEU B . n 
B 1 67 ARG 67 718 718 ARG ARG B . n 
B 1 68 LYS 68 719 719 LYS LYS B . n 
B 1 69 VAL 69 720 720 VAL VAL B . n 
B 1 70 GLN 70 721 721 GLN GLN B . n 
B 1 71 GLY 71 722 722 GLY GLY B . n 
B 1 72 VAL 72 723 723 VAL VAL B . n 
B 1 73 PHE 73 724 724 PHE PHE B . n 
B 1 74 THR 74 725 725 THR THR B . n 
B 1 75 VAL 75 726 726 VAL VAL B . n 
B 1 76 GLU 76 727 727 GLU GLU B . n 
B 1 77 ARG 77 728 728 ARG ARG B . n 
B 1 78 LEU 78 729 729 LEU LEU B . n 
B 1 79 SER 79 730 ?   ?   ?   B . n 
B 1 80 ASN 80 731 ?   ?   ?   B . n 
B 1 81 LEU 81 732 ?   ?   ?   B . n 
B 1 82 GLU 82 733 ?   ?   ?   B . n 
B 1 83 HIS 83 734 ?   ?   ?   B . n 
B 1 84 HIS 84 735 ?   ?   ?   B . n 
B 1 85 HIS 85 736 ?   ?   ?   B . n 
B 1 86 HIS 86 737 ?   ?   ?   B . n 
B 1 87 HIS 87 738 ?   ?   ?   B . n 
B 1 88 HIS 88 739 ?   ?   ?   B . n 
# 
loop_
_pdbx_nonpoly_scheme.asym_id 
_pdbx_nonpoly_scheme.entity_id 
_pdbx_nonpoly_scheme.mon_id 
_pdbx_nonpoly_scheme.ndb_seq_num 
_pdbx_nonpoly_scheme.pdb_seq_num 
_pdbx_nonpoly_scheme.auth_seq_num 
_pdbx_nonpoly_scheme.pdb_mon_id 
_pdbx_nonpoly_scheme.auth_mon_id 
_pdbx_nonpoly_scheme.pdb_strand_id 
_pdbx_nonpoly_scheme.pdb_ins_code 
C 2 HOH 1  802 802 HOH WAT A . 
C 2 HOH 2  808 808 HOH WAT A . 
C 2 HOH 3  809 809 HOH WAT A . 
C 2 HOH 4  810 810 HOH WAT A . 
C 2 HOH 5  813 813 HOH WAT A . 
C 2 HOH 6  815 815 HOH WAT A . 
C 2 HOH 7  816 816 HOH WAT A . 
C 2 HOH 8  817 817 HOH WAT A . 
C 2 HOH 9  819 819 HOH WAT A . 
C 2 HOH 10 823 823 HOH WAT A . 
C 2 HOH 11 825 825 HOH WAT A . 
C 2 HOH 12 826 826 HOH WAT A . 
C 2 HOH 13 827 827 HOH WAT A . 
C 2 HOH 14 828 828 HOH WAT A . 
C 2 HOH 15 829 829 HOH WAT A . 
C 2 HOH 16 832 832 HOH WAT A . 
C 2 HOH 17 833 833 HOH WAT A . 
C 2 HOH 18 834 834 HOH WAT A . 
C 2 HOH 19 840 840 HOH WAT A . 
C 2 HOH 20 841 841 HOH WAT A . 
C 2 HOH 21 842 842 HOH WAT A . 
C 2 HOH 22 844 844 HOH WAT A . 
C 2 HOH 23 852 852 HOH WAT A . 
C 2 HOH 24 854 854 HOH WAT A . 
C 2 HOH 25 855 855 HOH WAT A . 
C 2 HOH 26 863 863 HOH WAT A . 
C 2 HOH 27 865 865 HOH WAT A . 
C 2 HOH 28 866 866 HOH WAT A . 
C 2 HOH 29 868 868 HOH WAT A . 
C 2 HOH 30 869 869 HOH WAT A . 
C 2 HOH 31 870 870 HOH WAT A . 
C 2 HOH 32 872 872 HOH WAT A . 
C 2 HOH 33 875 875 HOH WAT A . 
C 2 HOH 34 879 879 HOH WAT A . 
C 2 HOH 35 882 882 HOH WAT A . 
C 2 HOH 36 884 884 HOH WAT A . 
C 2 HOH 37 886 886 HOH WAT A . 
C 2 HOH 38 887 887 HOH WAT A . 
C 2 HOH 39 889 889 HOH WAT A . 
C 2 HOH 40 890 890 HOH WAT A . 
C 2 HOH 41 893 893 HOH WAT A . 
C 2 HOH 42 897 897 HOH WAT A . 
C 2 HOH 43 899 899 HOH WAT A . 
C 2 HOH 44 908 908 HOH WAT A . 
C 2 HOH 45 909 909 HOH WAT A . 
C 2 HOH 46 910 910 HOH WAT A . 
C 2 HOH 47 915 915 HOH WAT A . 
C 2 HOH 48 916 916 HOH WAT A . 
C 2 HOH 49 920 920 HOH WAT A . 
C 2 HOH 50 923 923 HOH WAT A . 
C 2 HOH 51 926 926 HOH WAT A . 
C 2 HOH 52 927 927 HOH WAT A . 
C 2 HOH 53 928 928 HOH WAT A . 
C 2 HOH 54 935 935 HOH WAT A . 
C 2 HOH 55 937 937 HOH WAT A . 
C 2 HOH 56 938 938 HOH WAT A . 
C 2 HOH 57 939 939 HOH WAT A . 
C 2 HOH 58 943 943 HOH WAT A . 
C 2 HOH 59 945 945 HOH WAT A . 
C 2 HOH 60 946 946 HOH WAT A . 
C 2 HOH 61 951 951 HOH WAT A . 
C 2 HOH 62 952 952 HOH WAT A . 
C 2 HOH 63 953 953 HOH WAT A . 
D 2 HOH 1  801 801 HOH WAT B . 
D 2 HOH 2  803 803 HOH WAT B . 
D 2 HOH 3  804 804 HOH WAT B . 
D 2 HOH 4  805 805 HOH WAT B . 
D 2 HOH 5  806 806 HOH WAT B . 
D 2 HOH 6  807 807 HOH WAT B . 
D 2 HOH 7  811 811 HOH WAT B . 
D 2 HOH 8  812 812 HOH WAT B . 
D 2 HOH 9  814 814 HOH WAT B . 
D 2 HOH 10 818 818 HOH WAT B . 
D 2 HOH 11 820 820 HOH WAT B . 
D 2 HOH 12 821 821 HOH WAT B . 
D 2 HOH 13 822 822 HOH WAT B . 
D 2 HOH 14 824 824 HOH WAT B . 
D 2 HOH 15 830 830 HOH WAT B . 
D 2 HOH 16 831 831 HOH WAT B . 
D 2 HOH 17 835 835 HOH WAT B . 
D 2 HOH 18 836 836 HOH WAT B . 
D 2 HOH 19 837 837 HOH WAT B . 
D 2 HOH 20 838 838 HOH WAT B . 
D 2 HOH 21 839 839 HOH WAT B . 
D 2 HOH 22 843 843 HOH WAT B . 
D 2 HOH 23 845 845 HOH WAT B . 
D 2 HOH 24 846 846 HOH WAT B . 
D 2 HOH 25 847 847 HOH WAT B . 
D 2 HOH 26 848 848 HOH WAT B . 
D 2 HOH 27 849 849 HOH WAT B . 
D 2 HOH 28 850 850 HOH WAT B . 
D 2 HOH 29 851 851 HOH WAT B . 
D 2 HOH 30 853 853 HOH WAT B . 
D 2 HOH 31 856 856 HOH WAT B . 
D 2 HOH 32 857 857 HOH WAT B . 
D 2 HOH 33 858 858 HOH WAT B . 
D 2 HOH 34 859 859 HOH WAT B . 
D 2 HOH 35 860 860 HOH WAT B . 
D 2 HOH 36 861 861 HOH WAT B . 
D 2 HOH 37 862 862 HOH WAT B . 
D 2 HOH 38 867 867 HOH WAT B . 
D 2 HOH 39 871 871 HOH WAT B . 
D 2 HOH 40 873 873 HOH WAT B . 
D 2 HOH 41 874 874 HOH WAT B . 
D 2 HOH 42 876 876 HOH WAT B . 
D 2 HOH 43 877 877 HOH WAT B . 
D 2 HOH 44 878 878 HOH WAT B . 
D 2 HOH 45 880 880 HOH WAT B . 
D 2 HOH 46 881 881 HOH WAT B . 
D 2 HOH 47 883 883 HOH WAT B . 
D 2 HOH 48 885 885 HOH WAT B . 
D 2 HOH 49 888 888 HOH WAT B . 
D 2 HOH 50 891 891 HOH WAT B . 
D 2 HOH 51 892 892 HOH WAT B . 
D 2 HOH 52 894 894 HOH WAT B . 
D 2 HOH 53 896 896 HOH WAT B . 
D 2 HOH 54 898 898 HOH WAT B . 
D 2 HOH 55 900 900 HOH WAT B . 
D 2 HOH 56 901 901 HOH WAT B . 
D 2 HOH 57 902 902 HOH WAT B . 
D 2 HOH 58 903 903 HOH WAT B . 
D 2 HOH 59 904 904 HOH WAT B . 
D 2 HOH 60 905 905 HOH WAT B . 
D 2 HOH 61 906 906 HOH WAT B . 
D 2 HOH 62 907 907 HOH WAT B . 
D 2 HOH 63 911 911 HOH WAT B . 
D 2 HOH 64 912 912 HOH WAT B . 
D 2 HOH 65 913 913 HOH WAT B . 
D 2 HOH 66 914 914 HOH WAT B . 
D 2 HOH 67 917 917 HOH WAT B . 
D 2 HOH 68 918 918 HOH WAT B . 
D 2 HOH 69 919 919 HOH WAT B . 
D 2 HOH 70 921 921 HOH WAT B . 
D 2 HOH 71 922 922 HOH WAT B . 
D 2 HOH 72 924 924 HOH WAT B . 
D 2 HOH 73 925 925 HOH WAT B . 
D 2 HOH 74 929 929 HOH WAT B . 
D 2 HOH 75 930 930 HOH WAT B . 
D 2 HOH 76 931 931 HOH WAT B . 
D 2 HOH 77 932 932 HOH WAT B . 
D 2 HOH 78 933 933 HOH WAT B . 
D 2 HOH 79 934 934 HOH WAT B . 
D 2 HOH 80 936 936 HOH WAT B . 
D 2 HOH 81 940 940 HOH WAT B . 
D 2 HOH 82 941 941 HOH WAT B . 
D 2 HOH 83 942 942 HOH WAT B . 
D 2 HOH 84 944 944 HOH WAT B . 
D 2 HOH 85 947 947 HOH WAT B . 
D 2 HOH 86 948 948 HOH WAT B . 
D 2 HOH 87 949 949 HOH WAT B . 
D 2 HOH 88 950 950 HOH WAT B . 
# 
loop_
_pdbx_unobs_or_zero_occ_atoms.id 
_pdbx_unobs_or_zero_occ_atoms.PDB_model_num 
_pdbx_unobs_or_zero_occ_atoms.polymer_flag 
_pdbx_unobs_or_zero_occ_atoms.occupancy_flag 
_pdbx_unobs_or_zero_occ_atoms.auth_asym_id 
_pdbx_unobs_or_zero_occ_atoms.auth_comp_id 
_pdbx_unobs_or_zero_occ_atoms.auth_seq_id 
_pdbx_unobs_or_zero_occ_atoms.PDB_ins_code 
_pdbx_unobs_or_zero_occ_atoms.auth_atom_id 
_pdbx_unobs_or_zero_occ_atoms.label_alt_id 
_pdbx_unobs_or_zero_occ_atoms.label_asym_id 
_pdbx_unobs_or_zero_occ_atoms.label_comp_id 
_pdbx_unobs_or_zero_occ_atoms.label_seq_id 
_pdbx_unobs_or_zero_occ_atoms.label_atom_id 
1  1 Y 1 A THR 653 ? OG1 ? A THR 2  OG1 
2  1 Y 1 A THR 653 ? CG2 ? A THR 2  CG2 
3  1 Y 1 A ASN 731 ? CG  ? A ASN 80 CG  
4  1 Y 1 A ASN 731 ? OD1 ? A ASN 80 OD1 
5  1 Y 1 A ASN 731 ? ND2 ? A ASN 80 ND2 
6  1 Y 1 B THR 653 ? OG1 ? B THR 2  OG1 
7  1 Y 1 B THR 653 ? CG2 ? B THR 2  CG2 
8  1 Y 1 B LYS 666 ? CG  ? B LYS 15 CG  
9  1 Y 1 B LYS 666 ? CD  ? B LYS 15 CD  
10 1 Y 1 B LYS 666 ? CE  ? B LYS 15 CE  
11 1 Y 1 B LYS 666 ? NZ  ? B LYS 15 NZ  
12 1 Y 1 B ASN 667 ? CG  ? B ASN 16 CG  
13 1 Y 1 B ASN 667 ? OD1 ? B ASN 16 OD1 
14 1 Y 1 B ASN 667 ? ND2 ? B ASN 16 ND2 
# 
loop_
_software.name 
_software.version 
_software.date 
_software.type 
_software.contact_author 
_software.contact_author_email 
_software.classification 
_software.location 
_software.language 
_software.citation_id 
_software.pdbx_ordinal 
CNS         1.2  ?                 ?       ?                 ?                        refinement        ? ?          ? 1 
PDB_EXTRACT 3.00 'March. 27, 2007' package PDB               sw-help@rcsb.rutgers.edu 'data extraction' 
http://pdb.rutgers.edu/software/ C++        ? 2 
HKL-2000    .    ?                 ?       ?                 ?                        'data collection' ? ?          ? 3 
HKL-2000    .    ?                 ?       ?                 ?                        'data reduction'  ? ?          ? 4 
HKL-2000    .    ?                 ?       ?                 ?                        'data scaling'    ? ?          ? 5 
SnB         .    ?                 ?       ?                 ?                        phasing           ? ?          ? 6 
RESOLVE     .    ?                 ?       ?                 ?                        phasing           ? ?          ? 7 
REFMAC      .    ?                 program 'Murshudov, G.N.' ccp4@dl.ac.uk            refinement        
http://www.ccp4.ac.uk/main.html  Fortran_77 ? 8 
# 
_cell.entry_id           3IBW 
_cell.length_a           64.306 
_cell.length_b           64.306 
_cell.length_c           93.963 
_cell.angle_alpha        90.000 
_cell.angle_beta         90.000 
_cell.angle_gamma        90.000 
_cell.pdbx_unique_axis   ? 
_cell.Z_PDB              16 
_cell.length_a_esd       ? 
_cell.length_b_esd       ? 
_cell.length_c_esd       ? 
_cell.angle_alpha_esd    ? 
_cell.angle_beta_esd     ? 
_cell.angle_gamma_esd    ? 
# 
_symmetry.entry_id                         3IBW 
_symmetry.space_group_name_H-M             'P 43 21 2' 
_symmetry.Int_Tables_number                96 
_symmetry.pdbx_full_space_group_name_H-M   ? 
_symmetry.cell_setting                     ? 
_symmetry.space_group_name_Hall            ? 
# 
_exptl.crystals_number   1 
_exptl.entry_id          3IBW 
_exptl.method            'X-RAY DIFFRACTION' 
# 
_exptl_crystal.id                    1 
_exptl_crystal.density_Matthews      2.37 
_exptl_crystal.density_meas          ? 
_exptl_crystal.density_percent_sol   48.14 
_exptl_crystal.description           ? 
_exptl_crystal.F_000                 ? 
_exptl_crystal.preparation           ? 
# 
_exptl_crystal_grow.crystal_id      1 
_exptl_crystal_grow.method          'VAPOR DIFFUSION, HANGING DROP' 
_exptl_crystal_grow.pH              6.5 
_exptl_crystal_grow.temp            293 
_exptl_crystal_grow.pdbx_details    
;20% PEG 8000, 0.17 ammonium phosphate, 0.085M cacodylic acid, 15% glycerol, pH 6.5 , VAPOR DIFFUSION, HANGING DROP, temperature 293K
;
_exptl_crystal_grow.temp_details    ? 
_exptl_crystal_grow.pdbx_pH_range   ? 
# 
_diffrn.id                     1 
_diffrn.ambient_temp           100 
_diffrn.ambient_temp_details   ? 
_diffrn.crystal_id             1 
# 
_diffrn_detector.diffrn_id              1 
_diffrn_detector.detector               CCD 
_diffrn_detector.type                   'MAR CCD 165 mm' 
_diffrn_detector.pdbx_collection_date   2009-07-10 
_diffrn_detector.details                ? 
# 
_diffrn_radiation.diffrn_id                        1 
_diffrn_radiation.pdbx_diffrn_protocol             'SINGLE WAVELENGTH' 
_diffrn_radiation.monochromator                    'Si 111 CHANNEL' 
_diffrn_radiation.wavelength_id                    1 
_diffrn_radiation.pdbx_monochromatic_or_laue_m_l   M 
_diffrn_radiation.pdbx_scattering_type             x-ray 
# 
_diffrn_radiation_wavelength.id           1 
_diffrn_radiation_wavelength.wavelength   0.97853 
_diffrn_radiation_wavelength.wt           1.0 
# 
_diffrn_source.diffrn_id                   1 
_diffrn_source.source                      SYNCHROTRON 
_diffrn_source.type                        'NSLS BEAMLINE X4C' 
_diffrn_source.pdbx_wavelength_list        0.97853 
_diffrn_source.pdbx_wavelength             ? 
_diffrn_source.pdbx_synchrotron_site       NSLS 
_diffrn_source.pdbx_synchrotron_beamline   X4C 
# 
_reflns.entry_id                     3IBW 
_reflns.B_iso_Wilson_estimate        9.500 
_reflns.observed_criterion_sigma_F   0.0 
_reflns.observed_criterion_sigma_I   0.0 
_reflns.d_resolution_high            1.93 
_reflns.d_resolution_low             50 
_reflns.number_all                   28314 
_reflns.number_obs                   28229 
_reflns.percent_possible_obs         99.7 
_reflns.pdbx_Rmerge_I_obs            0.074 
_reflns.pdbx_Rsym_value              ? 
_reflns.pdbx_netI_over_sigmaI        34.9 
_reflns.pdbx_redundancy              8.4 
_reflns.R_free_details               ? 
_reflns.limit_h_max                  ? 
_reflns.limit_h_min                  ? 
_reflns.limit_k_max                  ? 
_reflns.limit_k_min                  ? 
_reflns.limit_l_max                  ? 
_reflns.limit_l_min                  ? 
_reflns.observed_criterion_F_max     ? 
_reflns.observed_criterion_F_min     ? 
_reflns.pdbx_chi_squared             ? 
_reflns.pdbx_scaling_rejects         ? 
_reflns.pdbx_diffrn_id               1 
_reflns.pdbx_ordinal                 1 
# 
_reflns_shell.d_res_high             1.93 
_reflns_shell.d_res_low              1.96 
_reflns_shell.percent_possible_obs   ? 
_reflns_shell.percent_possible_all   96.9 
_reflns_shell.Rmerge_I_obs           0.290 
_reflns_shell.meanI_over_sigI_obs    9.5 
_reflns_shell.pdbx_Rsym_value        ? 
_reflns_shell.pdbx_redundancy        5.8 
_reflns_shell.number_unique_all      1410 
_reflns_shell.number_measured_all    ? 
_reflns_shell.number_measured_obs    ? 
_reflns_shell.number_unique_obs      ? 
_reflns_shell.pdbx_chi_squared       ? 
_reflns_shell.pdbx_diffrn_id         ? 
_reflns_shell.pdbx_ordinal           1 
# 
_refine.entry_id                                 3IBW 
_refine.ls_d_res_high                            1.930 
_refine.ls_d_res_low                             40.930 
_refine.pdbx_ls_sigma_F                          1.00 
_refine.pdbx_data_cutoff_high_absF               89532.648 
_refine.pdbx_data_cutoff_low_absF                0.000 
_refine.ls_percent_reflns_obs                    95.200 
_refine.ls_number_reflns_obs                     26944 
_refine.pdbx_ls_cross_valid_method               THROUGHOUT 
_refine.pdbx_R_Free_selection_details            RANDOM 
_refine.ls_R_factor_R_work                       0.198 
_refine.ls_R_factor_R_free                       0.192 
_refine.ls_percent_reflns_R_free                 5.000 
_refine.ls_number_reflns_R_free                  1343 
_refine.ls_R_factor_R_free_error                 0.005 
_refine.B_iso_mean                               22.500 
_refine.solvent_model_param_bsol                 57.350 
_refine.solvent_model_param_ksol                 0.400 
_refine.pdbx_isotropic_thermal_model             RESTRAINED 
_refine.aniso_B[1][1]                            0.200 
_refine.aniso_B[2][2]                            0.200 
_refine.aniso_B[3][3]                            -0.400 
_refine.aniso_B[1][2]                            0.000 
_refine.aniso_B[1][3]                            0.000 
_refine.aniso_B[2][3]                            0.000 
_refine.solvent_model_details                    'FLAT MODEL' 
_refine.pdbx_ls_sigma_I                          ? 
_refine.ls_number_reflns_all                     ? 
_refine.ls_R_factor_all                          ? 
_refine.ls_R_factor_obs                          ? 
_refine.ls_redundancy_reflns_obs                 ? 
_refine.ls_number_parameters                     ? 
_refine.ls_number_restraints                     ? 
_refine.ls_R_factor_R_free_error_details         ? 
_refine.pdbx_method_to_determine_struct          SAD 
_refine.pdbx_starting_model                      ? 
_refine.pdbx_stereochem_target_val_spec_case     ? 
_refine.pdbx_stereochemistry_target_values       'Engh & Huber' 
_refine.occupancy_max                            ? 
_refine.occupancy_min                            ? 
_refine.details                                  ? 
_refine.B_iso_min                                ? 
_refine.B_iso_max                                ? 
_refine.correlation_coeff_Fo_to_Fc               ? 
_refine.correlation_coeff_Fo_to_Fc_free          ? 
_refine.pdbx_solvent_vdw_probe_radii             ? 
_refine.pdbx_solvent_ion_probe_radii             ? 
_refine.pdbx_solvent_shrinkage_radii             ? 
_refine.overall_SU_R_Cruickshank_DPI             ? 
_refine.overall_SU_R_free                        ? 
_refine.overall_SU_ML                            ? 
_refine.overall_SU_B                             ? 
_refine.pdbx_overall_ESU_R_Free                  ? 
_refine.pdbx_data_cutoff_high_rms_absF           ? 
_refine.pdbx_overall_ESU_R                       ? 
_refine.ls_wR_factor_R_free                      ? 
_refine.ls_wR_factor_R_work                      ? 
_refine.overall_FOM_free_R_set                   ? 
_refine.overall_FOM_work_R_set                   ? 
_refine.pdbx_overall_phase_error                 ? 
_refine.pdbx_refine_id                           'X-RAY DIFFRACTION' 
_refine.pdbx_diffrn_id                           1 
_refine.pdbx_TLS_residual_ADP_flag               ? 
_refine.pdbx_overall_SU_R_free_Cruickshank_DPI   ? 
_refine.pdbx_overall_SU_R_Blow_DPI               ? 
_refine.pdbx_overall_SU_R_free_Blow_DPI          ? 
# 
_refine_analyze.entry_id                        3IBW 
_refine_analyze.Luzzati_coordinate_error_obs    0.200 
_refine_analyze.Luzzati_sigma_a_obs             0.070 
_refine_analyze.Luzzati_d_res_low_obs           5.000 
_refine_analyze.Luzzati_coordinate_error_free   0.200 
_refine_analyze.Luzzati_sigma_a_free            0.090 
_refine_analyze.Luzzati_d_res_low_free          ? 
_refine_analyze.number_disordered_residues      ? 
_refine_analyze.occupancy_sum_non_hydrogen      ? 
_refine_analyze.occupancy_sum_hydrogen          ? 
_refine_analyze.pdbx_Luzzati_d_res_high_obs     ? 
_refine_analyze.pdbx_refine_id                  'X-RAY DIFFRACTION' 
# 
_refine_hist.pdbx_refine_id                   'X-RAY DIFFRACTION' 
_refine_hist.cycle_id                         LAST 
_refine_hist.pdbx_number_atoms_protein        1206 
_refine_hist.pdbx_number_atoms_nucleic_acid   0 
_refine_hist.pdbx_number_atoms_ligand         0 
_refine_hist.number_atoms_solvent             151 
_refine_hist.number_atoms_total               1357 
_refine_hist.d_res_high                       1.930 
_refine_hist.d_res_low                        40.930 
# 
loop_
_refine_ls_restr.type 
_refine_ls_restr.number 
_refine_ls_restr.dev_ideal 
_refine_ls_restr.dev_ideal_target 
_refine_ls_restr.weight 
_refine_ls_restr.pdbx_refine_id 
_refine_ls_restr.pdbx_restraint_function 
c_bond_d           ? 0.007  ? ? 'X-RAY DIFFRACTION' ? 
c_angle_deg        ? 1.300  ? ? 'X-RAY DIFFRACTION' ? 
c_dihedral_angle_d ? 25.000 ? ? 'X-RAY DIFFRACTION' ? 
c_improper_angle_d ? 0.840  ? ? 'X-RAY DIFFRACTION' ? 
# 
_refine_ls_shell.d_res_high                       1.930 
_refine_ls_shell.d_res_low                        2.050 
_refine_ls_shell.pdbx_total_number_of_bins_used   6 
_refine_ls_shell.percent_reflns_obs               87.800 
_refine_ls_shell.number_reflns_R_work             3901 
_refine_ls_shell.R_factor_all                     ? 
_refine_ls_shell.R_factor_R_work                  0.188 
_refine_ls_shell.R_factor_R_free                  0.181 
_refine_ls_shell.percent_reflns_R_free            5.500 
_refine_ls_shell.number_reflns_R_free             226 
_refine_ls_shell.R_factor_R_free_error            0.012 
_refine_ls_shell.number_reflns_all                ? 
_refine_ls_shell.number_reflns_obs                4127 
_refine_ls_shell.redundancy_reflns_obs            ? 
_refine_ls_shell.pdbx_refine_id                   'X-RAY DIFFRACTION' 
# 
loop_
_pdbx_xplor_file.serial_no 
_pdbx_xplor_file.param_file 
_pdbx_xplor_file.topol_file 
_pdbx_xplor_file.pdbx_refine_id 
1 protein_rep.param protein.top 'X-RAY DIFFRACTION' 
2 dna-rna_rep.param dna-rna.top 'X-RAY DIFFRACTION' 
3 water_rep.param   water.top   'X-RAY DIFFRACTION' 
4 ion.param         ion.top     'X-RAY DIFFRACTION' 
# 
_struct.entry_id                  3IBW 
_struct.title                     
;Crystal Structure of the ACT domain from GTP pyrophosphokinase of Chlorobium tepidum. Northeast Structural Genomics Consortium Target CtR148A
;
_struct.pdbx_model_details        ? 
_struct.pdbx_CASP_flag            N 
_struct.pdbx_model_type_details   ? 
# 
_struct_keywords.entry_id        3IBW 
_struct_keywords.text            
;GTP pyrophosphokinase, ACT domain, kinase, transferase, NESG, CtR148A, Structural Genomics, PSI-2, Protein Structure Initiative, Northeast Structural Genomics Consortium
;
_struct_keywords.pdbx_keywords   TRANSFERASE 
# 
loop_
_struct_asym.id 
_struct_asym.pdbx_blank_PDB_chainid_flag 
_struct_asym.pdbx_modified 
_struct_asym.entity_id 
_struct_asym.details 
A N N 1 ? 
B N N 1 ? 
C N N 2 ? 
D N N 2 ? 
# 
_struct_ref.id                         1 
_struct_ref.db_name                    UNP 
_struct_ref.db_code                    Q8KC80_CHLTE 
_struct_ref.pdbx_db_accession          Q8KC80 
_struct_ref.entity_id                  1 
_struct_ref.pdbx_seq_one_letter_code   TDFLAGIRIVGEDKIGMTNQITGVISKFDTNIRTIVLNAKDGIFTCNLMIFVKNTDKLTTLMDKLRKVQGVFTVERLSN 
_struct_ref.pdbx_align_begin           653 
_struct_ref.pdbx_db_isoform            ? 
# 
loop_
_struct_ref_seq.align_id 
_struct_ref_seq.ref_id 
_struct_ref_seq.pdbx_PDB_id_code 
_struct_ref_seq.pdbx_strand_id 
_struct_ref_seq.seq_align_beg 
_struct_ref_seq.pdbx_seq_align_beg_ins_code 
_struct_ref_seq.seq_align_end 
_struct_ref_seq.pdbx_seq_align_end_ins_code 
_struct_ref_seq.pdbx_db_accession 
_struct_ref_seq.db_align_beg 
_struct_ref_seq.pdbx_db_align_beg_ins_code 
_struct_ref_seq.db_align_end 
_struct_ref_seq.pdbx_db_align_end_ins_code 
_struct_ref_seq.pdbx_auth_seq_align_beg 
_struct_ref_seq.pdbx_auth_seq_align_end 
1 1 3IBW A 2 ? 80 ? Q8KC80 653 ? 731 ? 653 731 
2 1 3IBW B 2 ? 80 ? Q8KC80 653 ? 731 ? 653 731 
# 
loop_
_struct_ref_seq_dif.align_id 
_struct_ref_seq_dif.pdbx_pdb_id_code 
_struct_ref_seq_dif.mon_id 
_struct_ref_seq_dif.pdbx_pdb_strand_id 
_struct_ref_seq_dif.seq_num 
_struct_ref_seq_dif.pdbx_pdb_ins_code 
_struct_ref_seq_dif.pdbx_seq_db_name 
_struct_ref_seq_dif.pdbx_seq_db_accession_code 
_struct_ref_seq_dif.db_mon_id 
_struct_ref_seq_dif.pdbx_seq_db_seq_num 
_struct_ref_seq_dif.details 
_struct_ref_seq_dif.pdbx_auth_seq_num 
_struct_ref_seq_dif.pdbx_ordinal 
1 3IBW MSE A 1  ? UNP Q8KC80 ?   ?   'expression tag'      652 1  
1 3IBW ASN A 16 ? UNP Q8KC80 ILE 667 'engineered mutation' 667 2  
1 3IBW LEU A 81 ? UNP Q8KC80 ?   ?   'expression tag'      732 3  
1 3IBW GLU A 82 ? UNP Q8KC80 ?   ?   'expression tag'      733 4  
1 3IBW HIS A 83 ? UNP Q8KC80 ?   ?   'expression tag'      734 5  
1 3IBW HIS A 84 ? UNP Q8KC80 ?   ?   'expression tag'      735 6  
1 3IBW HIS A 85 ? UNP Q8KC80 ?   ?   'expression tag'      736 7  
1 3IBW HIS A 86 ? UNP Q8KC80 ?   ?   'expression tag'      737 8  
1 3IBW HIS A 87 ? UNP Q8KC80 ?   ?   'expression tag'      738 9  
1 3IBW HIS A 88 ? UNP Q8KC80 ?   ?   'expression tag'      739 10 
2 3IBW MSE B 1  ? UNP Q8KC80 ?   ?   'expression tag'      652 11 
2 3IBW ASN B 16 ? UNP Q8KC80 ILE 667 'engineered mutation' 667 12 
2 3IBW LEU B 81 ? UNP Q8KC80 ?   ?   'expression tag'      732 13 
2 3IBW GLU B 82 ? UNP Q8KC80 ?   ?   'expression tag'      733 14 
2 3IBW HIS B 83 ? UNP Q8KC80 ?   ?   'expression tag'      734 15 
2 3IBW HIS B 84 ? UNP Q8KC80 ?   ?   'expression tag'      735 16 
2 3IBW HIS B 85 ? UNP Q8KC80 ?   ?   'expression tag'      736 17 
2 3IBW HIS B 86 ? UNP Q8KC80 ?   ?   'expression tag'      737 18 
2 3IBW HIS B 87 ? UNP Q8KC80 ?   ?   'expression tag'      738 19 
2 3IBW HIS B 88 ? UNP Q8KC80 ?   ?   'expression tag'      739 20 
# 
_pdbx_struct_assembly.id                   1 
_pdbx_struct_assembly.details              author_and_software_defined_assembly 
_pdbx_struct_assembly.method_details       PISA 
_pdbx_struct_assembly.oligomeric_details   dimeric 
_pdbx_struct_assembly.oligomeric_count     2 
# 
loop_
_pdbx_struct_assembly_prop.biol_id 
_pdbx_struct_assembly_prop.type 
_pdbx_struct_assembly_prop.value 
_pdbx_struct_assembly_prop.details 
1 'ABSA (A^2)' 1470 ? 
1 MORE         -0   ? 
1 'SSA (A^2)'  7920 ? 
# 
_pdbx_struct_assembly_gen.assembly_id       1 
_pdbx_struct_assembly_gen.oper_expression   1 
_pdbx_struct_assembly_gen.asym_id_list      A,B,C,D 
# 
_pdbx_struct_assembly_auth_evidence.id                     1 
_pdbx_struct_assembly_auth_evidence.assembly_id            1 
_pdbx_struct_assembly_auth_evidence.experimental_support   'assay for oligomerization' 
_pdbx_struct_assembly_auth_evidence.details                ? 
# 
_pdbx_struct_oper_list.id                   1 
_pdbx_struct_oper_list.type                 'identity operation' 
_pdbx_struct_oper_list.name                 1_555 
_pdbx_struct_oper_list.symmetry_operation   x,y,z 
_pdbx_struct_oper_list.matrix[1][1]         1.0000000000 
_pdbx_struct_oper_list.matrix[1][2]         0.0000000000 
_pdbx_struct_oper_list.matrix[1][3]         0.0000000000 
_pdbx_struct_oper_list.vector[1]            0.0000000000 
_pdbx_struct_oper_list.matrix[2][1]         0.0000000000 
_pdbx_struct_oper_list.matrix[2][2]         1.0000000000 
_pdbx_struct_oper_list.matrix[2][3]         0.0000000000 
_pdbx_struct_oper_list.vector[2]            0.0000000000 
_pdbx_struct_oper_list.matrix[3][1]         0.0000000000 
_pdbx_struct_oper_list.matrix[3][2]         0.0000000000 
_pdbx_struct_oper_list.matrix[3][3]         1.0000000000 
_pdbx_struct_oper_list.vector[3]            0.0000000000 
# 
_struct_biol.id        1 
_struct_biol.details   'dimer according to aggregation screening' 
# 
loop_
_struct_conf.conf_type_id 
_struct_conf.id 
_struct_conf.pdbx_PDB_helix_id 
_struct_conf.beg_label_comp_id 
_struct_conf.beg_label_asym_id 
_struct_conf.beg_label_seq_id 
_struct_conf.pdbx_beg_PDB_ins_code 
_struct_conf.end_label_comp_id 
_struct_conf.end_label_asym_id 
_struct_conf.end_label_seq_id 
_struct_conf.pdbx_end_PDB_ins_code 
_struct_conf.beg_auth_comp_id 
_struct_conf.beg_auth_asym_id 
_struct_conf.beg_auth_seq_id 
_struct_conf.end_auth_comp_id 
_struct_conf.end_auth_asym_id 
_struct_conf.end_auth_seq_id 
_struct_conf.pdbx_PDB_helix_class 
_struct_conf.details 
_struct_conf.pdbx_PDB_helix_length 
HELX_P HELX_P1 1 GLY A 17 ? PHE A 29 ? GLY A 668 PHE A 680 1 ? 13 
HELX_P HELX_P2 2 ASN A 55 ? LYS A 68 ? ASN A 706 LYS A 719 1 ? 14 
HELX_P HELX_P3 3 GLY B 17 ? PHE B 29 ? GLY B 668 PHE B 680 1 ? 13 
HELX_P HELX_P4 4 ASN B 55 ? LYS B 68 ? ASN B 706 LYS B 719 1 ? 14 
# 
_struct_conf_type.id          HELX_P 
_struct_conf_type.criteria    ? 
_struct_conf_type.reference   ? 
# 
loop_
_struct_conn.id 
_struct_conn.conn_type_id 
_struct_conn.pdbx_leaving_atom_flag 
_struct_conn.pdbx_PDB_id 
_struct_conn.ptnr1_label_asym_id 
_struct_conn.ptnr1_label_comp_id 
_struct_conn.ptnr1_label_seq_id 
_struct_conn.ptnr1_label_atom_id 
_struct_conn.pdbx_ptnr1_label_alt_id 
_struct_conn.pdbx_ptnr1_PDB_ins_code 
_struct_conn.pdbx_ptnr1_standard_comp_id 
_struct_conn.ptnr1_symmetry 
_struct_conn.ptnr2_label_asym_id 
_struct_conn.ptnr2_label_comp_id 
_struct_conn.ptnr2_label_seq_id 
_struct_conn.ptnr2_label_atom_id 
_struct_conn.pdbx_ptnr2_label_alt_id 
_struct_conn.pdbx_ptnr2_PDB_ins_code 
_struct_conn.ptnr1_auth_asym_id 
_struct_conn.ptnr1_auth_comp_id 
_struct_conn.ptnr1_auth_seq_id 
_struct_conn.ptnr2_auth_asym_id 
_struct_conn.ptnr2_auth_comp_id 
_struct_conn.ptnr2_auth_seq_id 
_struct_conn.ptnr2_symmetry 
_struct_conn.pdbx_ptnr3_label_atom_id 
_struct_conn.pdbx_ptnr3_label_seq_id 
_struct_conn.pdbx_ptnr3_label_comp_id 
_struct_conn.pdbx_ptnr3_label_asym_id 
_struct_conn.pdbx_ptnr3_label_alt_id 
_struct_conn.pdbx_ptnr3_PDB_ins_code 
_struct_conn.details 
_struct_conn.pdbx_dist_value 
_struct_conn.pdbx_value_order 
_struct_conn.pdbx_role 
covale1  covale both ? A GLY 17 C ? ? ? 1_555 A MSE 18 N ? ? A GLY 668 A MSE 669 1_555 ? ? ? ? ? ? ? 1.328 ? ? 
covale2  covale both ? A MSE 18 C ? ? ? 1_555 A THR 19 N ? ? A MSE 669 A THR 670 1_555 ? ? ? ? ? ? ? 1.332 ? ? 
covale3  covale both ? A LEU 49 C ? ? ? 1_555 A MSE 50 N ? ? A LEU 700 A MSE 701 1_555 ? ? ? ? ? ? ? 1.332 ? ? 
covale4  covale both ? A MSE 50 C ? ? ? 1_555 A ILE 51 N ? ? A MSE 701 A ILE 702 1_555 ? ? ? ? ? ? ? 1.326 ? ? 
covale5  covale both ? A LEU 62 C ? ? ? 1_555 A MSE 63 N ? ? A LEU 713 A MSE 714 1_555 ? ? ? ? ? ? ? 1.333 ? ? 
covale6  covale both ? A MSE 63 C ? ? ? 1_555 A ASP 64 N ? ? A MSE 714 A ASP 715 1_555 ? ? ? ? ? ? ? 1.334 ? ? 
covale7  covale both ? B GLY 17 C ? ? ? 1_555 B MSE 18 N ? ? B GLY 668 B MSE 669 1_555 ? ? ? ? ? ? ? 1.328 ? ? 
covale8  covale both ? B MSE 18 C ? ? ? 1_555 B THR 19 N ? ? B MSE 669 B THR 670 1_555 ? ? ? ? ? ? ? 1.329 ? ? 
covale9  covale both ? B LEU 49 C ? ? ? 1_555 B MSE 50 N ? ? B LEU 700 B MSE 701 1_555 ? ? ? ? ? ? ? 1.335 ? ? 
covale10 covale both ? B MSE 50 C ? ? ? 1_555 B ILE 51 N ? ? B MSE 701 B ILE 702 1_555 ? ? ? ? ? ? ? 1.325 ? ? 
covale11 covale both ? B LEU 62 C ? ? ? 1_555 B MSE 63 N ? ? B LEU 713 B MSE 714 1_555 ? ? ? ? ? ? ? 1.330 ? ? 
covale12 covale both ? B MSE 63 C ? ? ? 1_555 B ASP 64 N ? ? B MSE 714 B ASP 715 1_555 ? ? ? ? ? ? ? 1.331 ? ? 
# 
_struct_conn_type.id          covale 
_struct_conn_type.criteria    ? 
_struct_conn_type.reference   ? 
# 
loop_
_pdbx_modification_feature.ordinal 
_pdbx_modification_feature.label_comp_id 
_pdbx_modification_feature.label_asym_id 
_pdbx_modification_feature.label_seq_id 
_pdbx_modification_feature.label_alt_id 
_pdbx_modification_feature.modified_residue_label_comp_id 
_pdbx_modification_feature.modified_residue_label_asym_id 
_pdbx_modification_feature.modified_residue_label_seq_id 
_pdbx_modification_feature.modified_residue_label_alt_id 
_pdbx_modification_feature.auth_comp_id 
_pdbx_modification_feature.auth_asym_id 
_pdbx_modification_feature.auth_seq_id 
_pdbx_modification_feature.PDB_ins_code 
_pdbx_modification_feature.symmetry 
_pdbx_modification_feature.modified_residue_auth_comp_id 
_pdbx_modification_feature.modified_residue_auth_asym_id 
_pdbx_modification_feature.modified_residue_auth_seq_id 
_pdbx_modification_feature.modified_residue_PDB_ins_code 
_pdbx_modification_feature.modified_residue_symmetry 
_pdbx_modification_feature.comp_id_linking_atom 
_pdbx_modification_feature.modified_residue_id_linking_atom 
_pdbx_modification_feature.modified_residue_id 
_pdbx_modification_feature.ref_pcm_id 
_pdbx_modification_feature.ref_comp_id 
_pdbx_modification_feature.type 
_pdbx_modification_feature.category 
1 MSE A 18 ? . . . . MSE A 669 ? 1_555 . . . . . . . MET 1 MSE Selenomethionine 'Named protein modification' 
2 MSE A 50 ? . . . . MSE A 701 ? 1_555 . . . . . . . MET 1 MSE Selenomethionine 'Named protein modification' 
3 MSE A 63 ? . . . . MSE A 714 ? 1_555 . . . . . . . MET 1 MSE Selenomethionine 'Named protein modification' 
4 MSE B 18 ? . . . . MSE B 669 ? 1_555 . . . . . . . MET 1 MSE Selenomethionine 'Named protein modification' 
5 MSE B 50 ? . . . . MSE B 701 ? 1_555 . . . . . . . MET 1 MSE Selenomethionine 'Named protein modification' 
6 MSE B 63 ? . . . . MSE B 714 ? 1_555 . . . . . . . MET 1 MSE Selenomethionine 'Named protein modification' 
# 
_struct_sheet.id               A 
_struct_sheet.type             ? 
_struct_sheet.number_strands   8 
_struct_sheet.details          ? 
# 
loop_
_struct_sheet_order.sheet_id 
_struct_sheet_order.range_id_1 
_struct_sheet_order.range_id_2 
_struct_sheet_order.offset 
_struct_sheet_order.sense 
A 1 2 ? anti-parallel 
A 2 3 ? anti-parallel 
A 3 4 ? anti-parallel 
A 4 5 ? anti-parallel 
A 5 6 ? anti-parallel 
A 6 7 ? anti-parallel 
A 7 8 ? anti-parallel 
# 
loop_
_struct_sheet_range.sheet_id 
_struct_sheet_range.id 
_struct_sheet_range.beg_label_comp_id 
_struct_sheet_range.beg_label_asym_id 
_struct_sheet_range.beg_label_seq_id 
_struct_sheet_range.pdbx_beg_PDB_ins_code 
_struct_sheet_range.end_label_comp_id 
_struct_sheet_range.end_label_asym_id 
_struct_sheet_range.end_label_seq_id 
_struct_sheet_range.pdbx_end_PDB_ins_code 
_struct_sheet_range.beg_auth_comp_id 
_struct_sheet_range.beg_auth_asym_id 
_struct_sheet_range.beg_auth_seq_id 
_struct_sheet_range.end_auth_comp_id 
_struct_sheet_range.end_auth_asym_id 
_struct_sheet_range.end_auth_seq_id 
A 1 VAL A 72 ? LEU A 78 ? VAL A 723 LEU A 729 
A 2 PHE A 4  ? GLU A 13 ? PHE A 655 GLU A 664 
A 3 ILE A 44 ? VAL A 53 ? ILE A 695 VAL A 704 
A 4 ASN A 32 ? LYS A 41 ? ASN A 683 LYS A 692 
A 5 ASN B 32 ? LYS B 41 ? ASN B 683 LYS B 692 
A 6 ILE B 44 ? VAL B 53 ? ILE B 695 VAL B 704 
A 7 PHE B 4  ? GLU B 13 ? PHE B 655 GLU B 664 
A 8 VAL B 72 ? LEU B 78 ? VAL B 723 LEU B 729 
# 
loop_
_pdbx_struct_sheet_hbond.sheet_id 
_pdbx_struct_sheet_hbond.range_id_1 
_pdbx_struct_sheet_hbond.range_id_2 
_pdbx_struct_sheet_hbond.range_1_label_atom_id 
_pdbx_struct_sheet_hbond.range_1_label_comp_id 
_pdbx_struct_sheet_hbond.range_1_label_asym_id 
_pdbx_struct_sheet_hbond.range_1_label_seq_id 
_pdbx_struct_sheet_hbond.range_1_PDB_ins_code 
_pdbx_struct_sheet_hbond.range_1_auth_atom_id 
_pdbx_struct_sheet_hbond.range_1_auth_comp_id 
_pdbx_struct_sheet_hbond.range_1_auth_asym_id 
_pdbx_struct_sheet_hbond.range_1_auth_seq_id 
_pdbx_struct_sheet_hbond.range_2_label_atom_id 
_pdbx_struct_sheet_hbond.range_2_label_comp_id 
_pdbx_struct_sheet_hbond.range_2_label_asym_id 
_pdbx_struct_sheet_hbond.range_2_label_seq_id 
_pdbx_struct_sheet_hbond.range_2_PDB_ins_code 
_pdbx_struct_sheet_hbond.range_2_auth_atom_id 
_pdbx_struct_sheet_hbond.range_2_auth_comp_id 
_pdbx_struct_sheet_hbond.range_2_auth_asym_id 
_pdbx_struct_sheet_hbond.range_2_auth_seq_id 
A 1 2 O GLU A 76 ? O GLU A 727 N ARG A 9  ? N ARG A 660 
A 2 3 N ILE A 8  ? N ILE A 659 O LEU A 49 ? O LEU A 700 
A 3 4 O MSE A 50 ? O MSE A 701 N ARG A 34 ? N ARG A 685 
A 4 5 N ILE A 36 ? N ILE A 687 O LEU B 38 ? O LEU B 689 
A 5 6 N ARG B 34 ? N ARG B 685 O MSE B 50 ? O MSE B 701 
A 6 7 O PHE B 45 ? O PHE B 696 N GLY B 12 ? N GLY B 663 
A 7 8 N ARG B 9  ? N ARG B 660 O GLU B 76 ? O GLU B 727 
# 
_pdbx_entry_details.entry_id                   3IBW 
_pdbx_entry_details.compound_details           ? 
_pdbx_entry_details.source_details             ? 
_pdbx_entry_details.nonpolymer_details         ? 
_pdbx_entry_details.sequence_details           ? 
_pdbx_entry_details.has_ligand_of_interest     ? 
_pdbx_entry_details.has_protein_modification   Y 
# 
_pdbx_SG_project.id                    1 
_pdbx_SG_project.project_name          'PSI, Protein Structure Initiative' 
_pdbx_SG_project.full_name_of_center   'Northeast Structural Genomics Consortium' 
_pdbx_SG_project.initial_of_center     NESG 
# 
loop_
_pdbx_struct_mod_residue.id 
_pdbx_struct_mod_residue.label_asym_id 
_pdbx_struct_mod_residue.label_comp_id 
_pdbx_struct_mod_residue.label_seq_id 
_pdbx_struct_mod_residue.auth_asym_id 
_pdbx_struct_mod_residue.auth_comp_id 
_pdbx_struct_mod_residue.auth_seq_id 
_pdbx_struct_mod_residue.PDB_ins_code 
_pdbx_struct_mod_residue.parent_comp_id 
_pdbx_struct_mod_residue.details 
1 A MSE 18 A MSE 669 ? MET SELENOMETHIONINE 
2 A MSE 50 A MSE 701 ? MET SELENOMETHIONINE 
3 A MSE 63 A MSE 714 ? MET SELENOMETHIONINE 
4 B MSE 18 B MSE 669 ? MET SELENOMETHIONINE 
5 B MSE 50 B MSE 701 ? MET SELENOMETHIONINE 
6 B MSE 63 B MSE 714 ? MET SELENOMETHIONINE 
# 
loop_
_pdbx_unobs_or_zero_occ_residues.id 
_pdbx_unobs_or_zero_occ_residues.PDB_model_num 
_pdbx_unobs_or_zero_occ_residues.polymer_flag 
_pdbx_unobs_or_zero_occ_residues.occupancy_flag 
_pdbx_unobs_or_zero_occ_residues.auth_asym_id 
_pdbx_unobs_or_zero_occ_residues.auth_comp_id 
_pdbx_unobs_or_zero_occ_residues.auth_seq_id 
_pdbx_unobs_or_zero_occ_residues.PDB_ins_code 
_pdbx_unobs_or_zero_occ_residues.label_asym_id 
_pdbx_unobs_or_zero_occ_residues.label_comp_id 
_pdbx_unobs_or_zero_occ_residues.label_seq_id 
1  1 Y 1 A MSE 652 ? A MSE 1  
2  1 Y 1 A LEU 732 ? A LEU 81 
3  1 Y 1 A GLU 733 ? A GLU 82 
4  1 Y 1 A HIS 734 ? A HIS 83 
5  1 Y 1 A HIS 735 ? A HIS 84 
6  1 Y 1 A HIS 736 ? A HIS 85 
7  1 Y 1 A HIS 737 ? A HIS 86 
8  1 Y 1 A HIS 738 ? A HIS 87 
9  1 Y 1 A HIS 739 ? A HIS 88 
10 1 Y 1 B MSE 652 ? B MSE 1  
11 1 Y 1 B SER 730 ? B SER 79 
12 1 Y 1 B ASN 731 ? B ASN 80 
13 1 Y 1 B LEU 732 ? B LEU 81 
14 1 Y 1 B GLU 733 ? B GLU 82 
15 1 Y 1 B HIS 734 ? B HIS 83 
16 1 Y 1 B HIS 735 ? B HIS 84 
17 1 Y 1 B HIS 736 ? B HIS 85 
18 1 Y 1 B HIS 737 ? B HIS 86 
19 1 Y 1 B HIS 738 ? B HIS 87 
20 1 Y 1 B HIS 739 ? B HIS 88 
# 
loop_
_chem_comp_atom.comp_id 
_chem_comp_atom.atom_id 
_chem_comp_atom.type_symbol 
_chem_comp_atom.pdbx_aromatic_flag 
_chem_comp_atom.pdbx_stereo_config 
_chem_comp_atom.pdbx_ordinal 
ALA N    N  N N 1   
ALA CA   C  N S 2   
ALA C    C  N N 3   
ALA O    O  N N 4   
ALA CB   C  N N 5   
ALA OXT  O  N N 6   
ALA H    H  N N 7   
ALA H2   H  N N 8   
ALA HA   H  N N 9   
ALA HB1  H  N N 10  
ALA HB2  H  N N 11  
ALA HB3  H  N N 12  
ALA HXT  H  N N 13  
ARG N    N  N N 14  
ARG CA   C  N S 15  
ARG C    C  N N 16  
ARG O    O  N N 17  
ARG CB   C  N N 18  
ARG CG   C  N N 19  
ARG CD   C  N N 20  
ARG NE   N  N N 21  
ARG CZ   C  N N 22  
ARG NH1  N  N N 23  
ARG NH2  N  N N 24  
ARG OXT  O  N N 25  
ARG H    H  N N 26  
ARG H2   H  N N 27  
ARG HA   H  N N 28  
ARG HB2  H  N N 29  
ARG HB3  H  N N 30  
ARG HG2  H  N N 31  
ARG HG3  H  N N 32  
ARG HD2  H  N N 33  
ARG HD3  H  N N 34  
ARG HE   H  N N 35  
ARG HH11 H  N N 36  
ARG HH12 H  N N 37  
ARG HH21 H  N N 38  
ARG HH22 H  N N 39  
ARG HXT  H  N N 40  
ASN N    N  N N 41  
ASN CA   C  N S 42  
ASN C    C  N N 43  
ASN O    O  N N 44  
ASN CB   C  N N 45  
ASN CG   C  N N 46  
ASN OD1  O  N N 47  
ASN ND2  N  N N 48  
ASN OXT  O  N N 49  
ASN H    H  N N 50  
ASN H2   H  N N 51  
ASN HA   H  N N 52  
ASN HB2  H  N N 53  
ASN HB3  H  N N 54  
ASN HD21 H  N N 55  
ASN HD22 H  N N 56  
ASN HXT  H  N N 57  
ASP N    N  N N 58  
ASP CA   C  N S 59  
ASP C    C  N N 60  
ASP O    O  N N 61  
ASP CB   C  N N 62  
ASP CG   C  N N 63  
ASP OD1  O  N N 64  
ASP OD2  O  N N 65  
ASP OXT  O  N N 66  
ASP H    H  N N 67  
ASP H2   H  N N 68  
ASP HA   H  N N 69  
ASP HB2  H  N N 70  
ASP HB3  H  N N 71  
ASP HD2  H  N N 72  
ASP HXT  H  N N 73  
CYS N    N  N N 74  
CYS CA   C  N R 75  
CYS C    C  N N 76  
CYS O    O  N N 77  
CYS CB   C  N N 78  
CYS SG   S  N N 79  
CYS OXT  O  N N 80  
CYS H    H  N N 81  
CYS H2   H  N N 82  
CYS HA   H  N N 83  
CYS HB2  H  N N 84  
CYS HB3  H  N N 85  
CYS HG   H  N N 86  
CYS HXT  H  N N 87  
GLN N    N  N N 88  
GLN CA   C  N S 89  
GLN C    C  N N 90  
GLN O    O  N N 91  
GLN CB   C  N N 92  
GLN CG   C  N N 93  
GLN CD   C  N N 94  
GLN OE1  O  N N 95  
GLN NE2  N  N N 96  
GLN OXT  O  N N 97  
GLN H    H  N N 98  
GLN H2   H  N N 99  
GLN HA   H  N N 100 
GLN HB2  H  N N 101 
GLN HB3  H  N N 102 
GLN HG2  H  N N 103 
GLN HG3  H  N N 104 
GLN HE21 H  N N 105 
GLN HE22 H  N N 106 
GLN HXT  H  N N 107 
GLU N    N  N N 108 
GLU CA   C  N S 109 
GLU C    C  N N 110 
GLU O    O  N N 111 
GLU CB   C  N N 112 
GLU CG   C  N N 113 
GLU CD   C  N N 114 
GLU OE1  O  N N 115 
GLU OE2  O  N N 116 
GLU OXT  O  N N 117 
GLU H    H  N N 118 
GLU H2   H  N N 119 
GLU HA   H  N N 120 
GLU HB2  H  N N 121 
GLU HB3  H  N N 122 
GLU HG2  H  N N 123 
GLU HG3  H  N N 124 
GLU HE2  H  N N 125 
GLU HXT  H  N N 126 
GLY N    N  N N 127 
GLY CA   C  N N 128 
GLY C    C  N N 129 
GLY O    O  N N 130 
GLY OXT  O  N N 131 
GLY H    H  N N 132 
GLY H2   H  N N 133 
GLY HA2  H  N N 134 
GLY HA3  H  N N 135 
GLY HXT  H  N N 136 
HIS N    N  N N 137 
HIS CA   C  N S 138 
HIS C    C  N N 139 
HIS O    O  N N 140 
HIS CB   C  N N 141 
HIS CG   C  Y N 142 
HIS ND1  N  Y N 143 
HIS CD2  C  Y N 144 
HIS CE1  C  Y N 145 
HIS NE2  N  Y N 146 
HIS OXT  O  N N 147 
HIS H    H  N N 148 
HIS H2   H  N N 149 
HIS HA   H  N N 150 
HIS HB2  H  N N 151 
HIS HB3  H  N N 152 
HIS HD1  H  N N 153 
HIS HD2  H  N N 154 
HIS HE1  H  N N 155 
HIS HE2  H  N N 156 
HIS HXT  H  N N 157 
HOH O    O  N N 158 
HOH H1   H  N N 159 
HOH H2   H  N N 160 
ILE N    N  N N 161 
ILE CA   C  N S 162 
ILE C    C  N N 163 
ILE O    O  N N 164 
ILE CB   C  N S 165 
ILE CG1  C  N N 166 
ILE CG2  C  N N 167 
ILE CD1  C  N N 168 
ILE OXT  O  N N 169 
ILE H    H  N N 170 
ILE H2   H  N N 171 
ILE HA   H  N N 172 
ILE HB   H  N N 173 
ILE HG12 H  N N 174 
ILE HG13 H  N N 175 
ILE HG21 H  N N 176 
ILE HG22 H  N N 177 
ILE HG23 H  N N 178 
ILE HD11 H  N N 179 
ILE HD12 H  N N 180 
ILE HD13 H  N N 181 
ILE HXT  H  N N 182 
LEU N    N  N N 183 
LEU CA   C  N S 184 
LEU C    C  N N 185 
LEU O    O  N N 186 
LEU CB   C  N N 187 
LEU CG   C  N N 188 
LEU CD1  C  N N 189 
LEU CD2  C  N N 190 
LEU OXT  O  N N 191 
LEU H    H  N N 192 
LEU H2   H  N N 193 
LEU HA   H  N N 194 
LEU HB2  H  N N 195 
LEU HB3  H  N N 196 
LEU HG   H  N N 197 
LEU HD11 H  N N 198 
LEU HD12 H  N N 199 
LEU HD13 H  N N 200 
LEU HD21 H  N N 201 
LEU HD22 H  N N 202 
LEU HD23 H  N N 203 
LEU HXT  H  N N 204 
LYS N    N  N N 205 
LYS CA   C  N S 206 
LYS C    C  N N 207 
LYS O    O  N N 208 
LYS CB   C  N N 209 
LYS CG   C  N N 210 
LYS CD   C  N N 211 
LYS CE   C  N N 212 
LYS NZ   N  N N 213 
LYS OXT  O  N N 214 
LYS H    H  N N 215 
LYS H2   H  N N 216 
LYS HA   H  N N 217 
LYS HB2  H  N N 218 
LYS HB3  H  N N 219 
LYS HG2  H  N N 220 
LYS HG3  H  N N 221 
LYS HD2  H  N N 222 
LYS HD3  H  N N 223 
LYS HE2  H  N N 224 
LYS HE3  H  N N 225 
LYS HZ1  H  N N 226 
LYS HZ2  H  N N 227 
LYS HZ3  H  N N 228 
LYS HXT  H  N N 229 
MSE N    N  N N 230 
MSE CA   C  N S 231 
MSE C    C  N N 232 
MSE O    O  N N 233 
MSE OXT  O  N N 234 
MSE CB   C  N N 235 
MSE CG   C  N N 236 
MSE SE   SE N N 237 
MSE CE   C  N N 238 
MSE H    H  N N 239 
MSE H2   H  N N 240 
MSE HA   H  N N 241 
MSE HXT  H  N N 242 
MSE HB2  H  N N 243 
MSE HB3  H  N N 244 
MSE HG2  H  N N 245 
MSE HG3  H  N N 246 
MSE HE1  H  N N 247 
MSE HE2  H  N N 248 
MSE HE3  H  N N 249 
PHE N    N  N N 250 
PHE CA   C  N S 251 
PHE C    C  N N 252 
PHE O    O  N N 253 
PHE CB   C  N N 254 
PHE CG   C  Y N 255 
PHE CD1  C  Y N 256 
PHE CD2  C  Y N 257 
PHE CE1  C  Y N 258 
PHE CE2  C  Y N 259 
PHE CZ   C  Y N 260 
PHE OXT  O  N N 261 
PHE H    H  N N 262 
PHE H2   H  N N 263 
PHE HA   H  N N 264 
PHE HB2  H  N N 265 
PHE HB3  H  N N 266 
PHE HD1  H  N N 267 
PHE HD2  H  N N 268 
PHE HE1  H  N N 269 
PHE HE2  H  N N 270 
PHE HZ   H  N N 271 
PHE HXT  H  N N 272 
SER N    N  N N 273 
SER CA   C  N S 274 
SER C    C  N N 275 
SER O    O  N N 276 
SER CB   C  N N 277 
SER OG   O  N N 278 
SER OXT  O  N N 279 
SER H    H  N N 280 
SER H2   H  N N 281 
SER HA   H  N N 282 
SER HB2  H  N N 283 
SER HB3  H  N N 284 
SER HG   H  N N 285 
SER HXT  H  N N 286 
THR N    N  N N 287 
THR CA   C  N S 288 
THR C    C  N N 289 
THR O    O  N N 290 
THR CB   C  N R 291 
THR OG1  O  N N 292 
THR CG2  C  N N 293 
THR OXT  O  N N 294 
THR H    H  N N 295 
THR H2   H  N N 296 
THR HA   H  N N 297 
THR HB   H  N N 298 
THR HG1  H  N N 299 
THR HG21 H  N N 300 
THR HG22 H  N N 301 
THR HG23 H  N N 302 
THR HXT  H  N N 303 
VAL N    N  N N 304 
VAL CA   C  N S 305 
VAL C    C  N N 306 
VAL O    O  N N 307 
VAL CB   C  N N 308 
VAL CG1  C  N N 309 
VAL CG2  C  N N 310 
VAL OXT  O  N N 311 
VAL H    H  N N 312 
VAL H2   H  N N 313 
VAL HA   H  N N 314 
VAL HB   H  N N 315 
VAL HG11 H  N N 316 
VAL HG12 H  N N 317 
VAL HG13 H  N N 318 
VAL HG21 H  N N 319 
VAL HG22 H  N N 320 
VAL HG23 H  N N 321 
VAL HXT  H  N N 322 
# 
loop_
_chem_comp_bond.comp_id 
_chem_comp_bond.atom_id_1 
_chem_comp_bond.atom_id_2 
_chem_comp_bond.value_order 
_chem_comp_bond.pdbx_aromatic_flag 
_chem_comp_bond.pdbx_stereo_config 
_chem_comp_bond.pdbx_ordinal 
ALA N   CA   sing N N 1   
ALA N   H    sing N N 2   
ALA N   H2   sing N N 3   
ALA CA  C    sing N N 4   
ALA CA  CB   sing N N 5   
ALA CA  HA   sing N N 6   
ALA C   O    doub N N 7   
ALA C   OXT  sing N N 8   
ALA CB  HB1  sing N N 9   
ALA CB  HB2  sing N N 10  
ALA CB  HB3  sing N N 11  
ALA OXT HXT  sing N N 12  
ARG N   CA   sing N N 13  
ARG N   H    sing N N 14  
ARG N   H2   sing N N 15  
ARG CA  C    sing N N 16  
ARG CA  CB   sing N N 17  
ARG CA  HA   sing N N 18  
ARG C   O    doub N N 19  
ARG C   OXT  sing N N 20  
ARG CB  CG   sing N N 21  
ARG CB  HB2  sing N N 22  
ARG CB  HB3  sing N N 23  
ARG CG  CD   sing N N 24  
ARG CG  HG2  sing N N 25  
ARG CG  HG3  sing N N 26  
ARG CD  NE   sing N N 27  
ARG CD  HD2  sing N N 28  
ARG CD  HD3  sing N N 29  
ARG NE  CZ   sing N N 30  
ARG NE  HE   sing N N 31  
ARG CZ  NH1  sing N N 32  
ARG CZ  NH2  doub N N 33  
ARG NH1 HH11 sing N N 34  
ARG NH1 HH12 sing N N 35  
ARG NH2 HH21 sing N N 36  
ARG NH2 HH22 sing N N 37  
ARG OXT HXT  sing N N 38  
ASN N   CA   sing N N 39  
ASN N   H    sing N N 40  
ASN N   H2   sing N N 41  
ASN CA  C    sing N N 42  
ASN CA  CB   sing N N 43  
ASN CA  HA   sing N N 44  
ASN C   O    doub N N 45  
ASN C   OXT  sing N N 46  
ASN CB  CG   sing N N 47  
ASN CB  HB2  sing N N 48  
ASN CB  HB3  sing N N 49  
ASN CG  OD1  doub N N 50  
ASN CG  ND2  sing N N 51  
ASN ND2 HD21 sing N N 52  
ASN ND2 HD22 sing N N 53  
ASN OXT HXT  sing N N 54  
ASP N   CA   sing N N 55  
ASP N   H    sing N N 56  
ASP N   H2   sing N N 57  
ASP CA  C    sing N N 58  
ASP CA  CB   sing N N 59  
ASP CA  HA   sing N N 60  
ASP C   O    doub N N 61  
ASP C   OXT  sing N N 62  
ASP CB  CG   sing N N 63  
ASP CB  HB2  sing N N 64  
ASP CB  HB3  sing N N 65  
ASP CG  OD1  doub N N 66  
ASP CG  OD2  sing N N 67  
ASP OD2 HD2  sing N N 68  
ASP OXT HXT  sing N N 69  
CYS N   CA   sing N N 70  
CYS N   H    sing N N 71  
CYS N   H2   sing N N 72  
CYS CA  C    sing N N 73  
CYS CA  CB   sing N N 74  
CYS CA  HA   sing N N 75  
CYS C   O    doub N N 76  
CYS C   OXT  sing N N 77  
CYS CB  SG   sing N N 78  
CYS CB  HB2  sing N N 79  
CYS CB  HB3  sing N N 80  
CYS SG  HG   sing N N 81  
CYS OXT HXT  sing N N 82  
GLN N   CA   sing N N 83  
GLN N   H    sing N N 84  
GLN N   H2   sing N N 85  
GLN CA  C    sing N N 86  
GLN CA  CB   sing N N 87  
GLN CA  HA   sing N N 88  
GLN C   O    doub N N 89  
GLN C   OXT  sing N N 90  
GLN CB  CG   sing N N 91  
GLN CB  HB2  sing N N 92  
GLN CB  HB3  sing N N 93  
GLN CG  CD   sing N N 94  
GLN CG  HG2  sing N N 95  
GLN CG  HG3  sing N N 96  
GLN CD  OE1  doub N N 97  
GLN CD  NE2  sing N N 98  
GLN NE2 HE21 sing N N 99  
GLN NE2 HE22 sing N N 100 
GLN OXT HXT  sing N N 101 
GLU N   CA   sing N N 102 
GLU N   H    sing N N 103 
GLU N   H2   sing N N 104 
GLU CA  C    sing N N 105 
GLU CA  CB   sing N N 106 
GLU CA  HA   sing N N 107 
GLU C   O    doub N N 108 
GLU C   OXT  sing N N 109 
GLU CB  CG   sing N N 110 
GLU CB  HB2  sing N N 111 
GLU CB  HB3  sing N N 112 
GLU CG  CD   sing N N 113 
GLU CG  HG2  sing N N 114 
GLU CG  HG3  sing N N 115 
GLU CD  OE1  doub N N 116 
GLU CD  OE2  sing N N 117 
GLU OE2 HE2  sing N N 118 
GLU OXT HXT  sing N N 119 
GLY N   CA   sing N N 120 
GLY N   H    sing N N 121 
GLY N   H2   sing N N 122 
GLY CA  C    sing N N 123 
GLY CA  HA2  sing N N 124 
GLY CA  HA3  sing N N 125 
GLY C   O    doub N N 126 
GLY C   OXT  sing N N 127 
GLY OXT HXT  sing N N 128 
HIS N   CA   sing N N 129 
HIS N   H    sing N N 130 
HIS N   H2   sing N N 131 
HIS CA  C    sing N N 132 
HIS CA  CB   sing N N 133 
HIS CA  HA   sing N N 134 
HIS C   O    doub N N 135 
HIS C   OXT  sing N N 136 
HIS CB  CG   sing N N 137 
HIS CB  HB2  sing N N 138 
HIS CB  HB3  sing N N 139 
HIS CG  ND1  sing Y N 140 
HIS CG  CD2  doub Y N 141 
HIS ND1 CE1  doub Y N 142 
HIS ND1 HD1  sing N N 143 
HIS CD2 NE2  sing Y N 144 
HIS CD2 HD2  sing N N 145 
HIS CE1 NE2  sing Y N 146 
HIS CE1 HE1  sing N N 147 
HIS NE2 HE2  sing N N 148 
HIS OXT HXT  sing N N 149 
HOH O   H1   sing N N 150 
HOH O   H2   sing N N 151 
ILE N   CA   sing N N 152 
ILE N   H    sing N N 153 
ILE N   H2   sing N N 154 
ILE CA  C    sing N N 155 
ILE CA  CB   sing N N 156 
ILE CA  HA   sing N N 157 
ILE C   O    doub N N 158 
ILE C   OXT  sing N N 159 
ILE CB  CG1  sing N N 160 
ILE CB  CG2  sing N N 161 
ILE CB  HB   sing N N 162 
ILE CG1 CD1  sing N N 163 
ILE CG1 HG12 sing N N 164 
ILE CG1 HG13 sing N N 165 
ILE CG2 HG21 sing N N 166 
ILE CG2 HG22 sing N N 167 
ILE CG2 HG23 sing N N 168 
ILE CD1 HD11 sing N N 169 
ILE CD1 HD12 sing N N 170 
ILE CD1 HD13 sing N N 171 
ILE OXT HXT  sing N N 172 
LEU N   CA   sing N N 173 
LEU N   H    sing N N 174 
LEU N   H2   sing N N 175 
LEU CA  C    sing N N 176 
LEU CA  CB   sing N N 177 
LEU CA  HA   sing N N 178 
LEU C   O    doub N N 179 
LEU C   OXT  sing N N 180 
LEU CB  CG   sing N N 181 
LEU CB  HB2  sing N N 182 
LEU CB  HB3  sing N N 183 
LEU CG  CD1  sing N N 184 
LEU CG  CD2  sing N N 185 
LEU CG  HG   sing N N 186 
LEU CD1 HD11 sing N N 187 
LEU CD1 HD12 sing N N 188 
LEU CD1 HD13 sing N N 189 
LEU CD2 HD21 sing N N 190 
LEU CD2 HD22 sing N N 191 
LEU CD2 HD23 sing N N 192 
LEU OXT HXT  sing N N 193 
LYS N   CA   sing N N 194 
LYS N   H    sing N N 195 
LYS N   H2   sing N N 196 
LYS CA  C    sing N N 197 
LYS CA  CB   sing N N 198 
LYS CA  HA   sing N N 199 
LYS C   O    doub N N 200 
LYS C   OXT  sing N N 201 
LYS CB  CG   sing N N 202 
LYS CB  HB2  sing N N 203 
LYS CB  HB3  sing N N 204 
LYS CG  CD   sing N N 205 
LYS CG  HG2  sing N N 206 
LYS CG  HG3  sing N N 207 
LYS CD  CE   sing N N 208 
LYS CD  HD2  sing N N 209 
LYS CD  HD3  sing N N 210 
LYS CE  NZ   sing N N 211 
LYS CE  HE2  sing N N 212 
LYS CE  HE3  sing N N 213 
LYS NZ  HZ1  sing N N 214 
LYS NZ  HZ2  sing N N 215 
LYS NZ  HZ3  sing N N 216 
LYS OXT HXT  sing N N 217 
MSE N   CA   sing N N 218 
MSE N   H    sing N N 219 
MSE N   H2   sing N N 220 
MSE CA  C    sing N N 221 
MSE CA  CB   sing N N 222 
MSE CA  HA   sing N N 223 
MSE C   O    doub N N 224 
MSE C   OXT  sing N N 225 
MSE OXT HXT  sing N N 226 
MSE CB  CG   sing N N 227 
MSE CB  HB2  sing N N 228 
MSE CB  HB3  sing N N 229 
MSE CG  SE   sing N N 230 
MSE CG  HG2  sing N N 231 
MSE CG  HG3  sing N N 232 
MSE SE  CE   sing N N 233 
MSE CE  HE1  sing N N 234 
MSE CE  HE2  sing N N 235 
MSE CE  HE3  sing N N 236 
PHE N   CA   sing N N 237 
PHE N   H    sing N N 238 
PHE N   H2   sing N N 239 
PHE CA  C    sing N N 240 
PHE CA  CB   sing N N 241 
PHE CA  HA   sing N N 242 
PHE C   O    doub N N 243 
PHE C   OXT  sing N N 244 
PHE CB  CG   sing N N 245 
PHE CB  HB2  sing N N 246 
PHE CB  HB3  sing N N 247 
PHE CG  CD1  doub Y N 248 
PHE CG  CD2  sing Y N 249 
PHE CD1 CE1  sing Y N 250 
PHE CD1 HD1  sing N N 251 
PHE CD2 CE2  doub Y N 252 
PHE CD2 HD2  sing N N 253 
PHE CE1 CZ   doub Y N 254 
PHE CE1 HE1  sing N N 255 
PHE CE2 CZ   sing Y N 256 
PHE CE2 HE2  sing N N 257 
PHE CZ  HZ   sing N N 258 
PHE OXT HXT  sing N N 259 
SER N   CA   sing N N 260 
SER N   H    sing N N 261 
SER N   H2   sing N N 262 
SER CA  C    sing N N 263 
SER CA  CB   sing N N 264 
SER CA  HA   sing N N 265 
SER C   O    doub N N 266 
SER C   OXT  sing N N 267 
SER CB  OG   sing N N 268 
SER CB  HB2  sing N N 269 
SER CB  HB3  sing N N 270 
SER OG  HG   sing N N 271 
SER OXT HXT  sing N N 272 
THR N   CA   sing N N 273 
THR N   H    sing N N 274 
THR N   H2   sing N N 275 
THR CA  C    sing N N 276 
THR CA  CB   sing N N 277 
THR CA  HA   sing N N 278 
THR C   O    doub N N 279 
THR C   OXT  sing N N 280 
THR CB  OG1  sing N N 281 
THR CB  CG2  sing N N 282 
THR CB  HB   sing N N 283 
THR OG1 HG1  sing N N 284 
THR CG2 HG21 sing N N 285 
THR CG2 HG22 sing N N 286 
THR CG2 HG23 sing N N 287 
THR OXT HXT  sing N N 288 
VAL N   CA   sing N N 289 
VAL N   H    sing N N 290 
VAL N   H2   sing N N 291 
VAL CA  C    sing N N 292 
VAL CA  CB   sing N N 293 
VAL CA  HA   sing N N 294 
VAL C   O    doub N N 295 
VAL C   OXT  sing N N 296 
VAL CB  CG1  sing N N 297 
VAL CB  CG2  sing N N 298 
VAL CB  HB   sing N N 299 
VAL CG1 HG11 sing N N 300 
VAL CG1 HG12 sing N N 301 
VAL CG1 HG13 sing N N 302 
VAL CG2 HG21 sing N N 303 
VAL CG2 HG22 sing N N 304 
VAL CG2 HG23 sing N N 305 
VAL OXT HXT  sing N N 306 
# 
_atom_sites.entry_id                    3IBW 
_atom_sites.fract_transf_matrix[1][1]   -0.00454134 
_atom_sites.fract_transf_matrix[1][2]   0.00617043 
_atom_sites.fract_transf_matrix[1][3]   -0.01353276 
_atom_sites.fract_transf_matrix[2][1]   0.00803870 
_atom_sites.fract_transf_matrix[2][2]   -0.01088645 
_atom_sites.fract_transf_matrix[2][3]   -0.00766146 
_atom_sites.fract_transf_matrix[3][1]   -0.00856339 
_atom_sites.fract_transf_matrix[3][2]   -0.00631827 
_atom_sites.fract_transf_matrix[3][3]   -0.00000718 
_atom_sites.fract_transf_vector[1]      0.220238 
_atom_sites.fract_transf_vector[2]      0.711333 
_atom_sites.fract_transf_vector[3]      0.488366 
# 
loop_
_atom_type.symbol 
C  
N  
O  
S  
SE 
# 
loop_
_atom_site.group_PDB 
_atom_site.id 
_atom_site.type_symbol 
_atom_site.label_atom_id 
_atom_site.label_alt_id 
_atom_site.label_comp_id 
_atom_site.label_asym_id 
_atom_site.label_entity_id 
_atom_site.label_seq_id 
_atom_site.pdbx_PDB_ins_code 
_atom_site.Cartn_x 
_atom_site.Cartn_y 
_atom_site.Cartn_z 
_atom_site.occupancy 
_atom_site.B_iso_or_equiv 
_atom_site.pdbx_formal_charge 
_atom_site.auth_seq_id 
_atom_site.auth_comp_id 
_atom_site.auth_asym_id 
_atom_site.auth_atom_id 
_atom_site.pdbx_PDB_model_num 
ATOM   1    N  N   . THR A 1 2  ? 10.798  22.740  -1.867  1.00 38.97 ? 653 THR A N   1 
ATOM   2    C  CA  . THR A 1 2  ? 10.997  21.276  -2.054  1.00 36.22 ? 653 THR A CA  1 
ATOM   3    C  C   . THR A 1 2  ? 9.770   20.493  -1.587  1.00 34.46 ? 653 THR A C   1 
ATOM   4    O  O   . THR A 1 2  ? 8.780   21.082  -1.149  1.00 33.99 ? 653 THR A O   1 
ATOM   5    C  CB  . THR A 1 2  ? 12.241  20.822  -1.311  1.00 37.62 ? 653 THR A CB  1 
ATOM   6    N  N   . ASP A 1 3  ? 9.841   19.168  -1.678  1.00 32.38 ? 654 ASP A N   1 
ATOM   7    C  CA  . ASP A 1 3  ? 8.715   18.315  -1.305  1.00 30.41 ? 654 ASP A CA  1 
ATOM   8    C  C   . ASP A 1 3  ? 8.171   18.562  0.093   1.00 29.06 ? 654 ASP A C   1 
ATOM   9    O  O   . ASP A 1 3  ? 8.930   18.830  1.022   1.00 31.42 ? 654 ASP A O   1 
ATOM   10   C  CB  . ASP A 1 3  ? 9.100   16.835  -1.450  1.00 32.34 ? 654 ASP A CB  1 
ATOM   11   C  CG  . ASP A 1 3  ? 9.329   16.422  -2.895  1.00 34.27 ? 654 ASP A CG  1 
ATOM   12   O  OD1 . ASP A 1 3  ? 9.334   17.303  -3.781  1.00 37.70 ? 654 ASP A OD1 1 
ATOM   13   O  OD2 . ASP A 1 3  ? 9.509   15.208  -3.141  1.00 40.85 ? 654 ASP A OD2 1 
ATOM   14   N  N   . PHE A 1 4  ? 6.850   18.491  0.233   1.00 24.43 ? 655 PHE A N   1 
ATOM   15   C  CA  . PHE A 1 4  ? 6.217   18.680  1.534   1.00 21.33 ? 655 PHE A CA  1 
ATOM   16   C  C   . PHE A 1 4  ? 5.309   17.487  1.821   1.00 21.21 ? 655 PHE A C   1 
ATOM   17   O  O   . PHE A 1 4  ? 4.906   16.765  0.905   1.00 16.59 ? 655 PHE A O   1 
ATOM   18   C  CB  . PHE A 1 4  ? 5.412   19.989  1.580   1.00 21.89 ? 655 PHE A CB  1 
ATOM   19   C  CG  . PHE A 1 4  ? 4.156   19.962  0.763   1.00 21.12 ? 655 PHE A CG  1 
ATOM   20   C  CD1 . PHE A 1 4  ? 2.912   19.852  1.377   1.00 15.76 ? 655 PHE A CD1 1 
ATOM   21   C  CD2 . PHE A 1 4  ? 4.216   20.027  -0.624  1.00 20.81 ? 655 PHE A CD2 1 
ATOM   22   C  CE1 . PHE A 1 4  ? 1.744   19.814  0.618   1.00 18.52 ? 655 PHE A CE1 1 
ATOM   23   C  CE2 . PHE A 1 4  ? 3.057   19.987  -1.390  1.00 24.60 ? 655 PHE A CE2 1 
ATOM   24   C  CZ  . PHE A 1 4  ? 1.817   19.878  -0.767  1.00 19.97 ? 655 PHE A CZ  1 
ATOM   25   N  N   . LEU A 1 5  ? 4.997   17.284  3.096   1.00 18.42 ? 656 LEU A N   1 
ATOM   26   C  CA  . LEU A 1 5  ? 4.157   16.168  3.509   1.00 19.38 ? 656 LEU A CA  1 
ATOM   27   C  C   . LEU A 1 5  ? 2.679   16.474  3.337   1.00 16.86 ? 656 LEU A C   1 
ATOM   28   O  O   . LEU A 1 5  ? 2.183   17.487  3.839   1.00 15.96 ? 656 LEU A O   1 
ATOM   29   C  CB  . LEU A 1 5  ? 4.438   15.815  4.976   1.00 19.22 ? 656 LEU A CB  1 
ATOM   30   C  CG  . LEU A 1 5  ? 3.815   14.517  5.503   1.00 25.21 ? 656 LEU A CG  1 
ATOM   31   C  CD1 . LEU A 1 5  ? 4.476   13.317  4.827   1.00 26.63 ? 656 LEU A CD1 1 
ATOM   32   C  CD2 . LEU A 1 5  ? 3.990   14.442  7.014   1.00 31.78 ? 656 LEU A CD2 1 
ATOM   33   N  N   . ALA A 1 6  ? 1.979   15.599  2.615   1.00 16.62 ? 657 ALA A N   1 
ATOM   34   C  CA  . ALA A 1 6  ? 0.548   15.749  2.386   1.00 14.71 ? 657 ALA A CA  1 
ATOM   35   C  C   . ALA A 1 6  ? -0.171  14.431  2.678   1.00 17.05 ? 657 ALA A C   1 
ATOM   36   O  O   . ALA A 1 6  ? 0.420   13.352  2.582   1.00 15.84 ? 657 ALA A O   1 
ATOM   37   C  CB  . ALA A 1 6  ? 0.273   16.172  0.948   1.00 11.76 ? 657 ALA A CB  1 
ATOM   38   N  N   . GLY A 1 7  ? -1.447  14.532  3.037   1.00 15.78 ? 658 GLY A N   1 
ATOM   39   C  CA  . GLY A 1 7  ? -2.237  13.352  3.332   1.00 16.01 ? 658 GLY A CA  1 
ATOM   40   C  C   . GLY A 1 7  ? -3.401  13.220  2.369   1.00 16.05 ? 658 GLY A C   1 
ATOM   41   O  O   . GLY A 1 7  ? -3.982  14.224  1.944   1.00 14.50 ? 658 GLY A O   1 
ATOM   42   N  N   . ILE A 1 8  ? -3.739  11.980  2.020   1.00 13.69 ? 659 ILE A N   1 
ATOM   43   C  CA  . ILE A 1 8  ? -4.848  11.692  1.109   1.00 12.78 ? 659 ILE A CA  1 
ATOM   44   C  C   . ILE A 1 8  ? -5.672  10.550  1.705   1.00 12.58 ? 659 ILE A C   1 
ATOM   45   O  O   . ILE A 1 8  ? -5.114  9.557   2.169   1.00 13.64 ? 659 ILE A O   1 
ATOM   46   C  CB  . ILE A 1 8  ? -4.361  11.193  -0.284  1.00 14.12 ? 659 ILE A CB  1 
ATOM   47   C  CG1 . ILE A 1 8  ? -3.480  12.238  -0.968  1.00 13.40 ? 659 ILE A CG1 1 
ATOM   48   C  CG2 . ILE A 1 8  ? -5.567  10.861  -1.165  1.00 12.54 ? 659 ILE A CG2 1 
ATOM   49   C  CD1 . ILE A 1 8  ? -2.883  11.741  -2.277  1.00 14.33 ? 659 ILE A CD1 1 
ATOM   50   N  N   . ARG A 1 9  ? -6.993  10.694  1.697   1.00 10.75 ? 660 ARG A N   1 
ATOM   51   C  CA  . ARG A 1 9  ? -7.858  9.640   2.207   1.00 9.35  ? 660 ARG A CA  1 
ATOM   52   C  C   . ARG A 1 9  ? -8.749  9.135   1.081   1.00 11.46 ? 660 ARG A C   1 
ATOM   53   O  O   . ARG A 1 9  ? -9.415  9.921   0.404   1.00 10.48 ? 660 ARG A O   1 
ATOM   54   C  CB  . ARG A 1 9  ? -8.729  10.144  3.356   1.00 9.20  ? 660 ARG A CB  1 
ATOM   55   C  CG  . ARG A 1 9  ? -9.789  9.134   3.803   1.00 14.12 ? 660 ARG A CG  1 
ATOM   56   C  CD  . ARG A 1 9  ? -10.375 9.531   5.144   1.00 20.89 ? 660 ARG A CD  1 
ATOM   57   N  NE  . ARG A 1 9  ? -11.522 8.717   5.544   1.00 17.35 ? 660 ARG A NE  1 
ATOM   58   C  CZ  . ARG A 1 9  ? -11.444 7.564   6.198   1.00 21.02 ? 660 ARG A CZ  1 
ATOM   59   N  NH1 . ARG A 1 9  ? -10.262 7.056   6.521   1.00 17.14 ? 660 ARG A NH1 1 
ATOM   60   N  NH2 . ARG A 1 9  ? -12.553 6.931   6.558   1.00 20.71 ? 660 ARG A NH2 1 
ATOM   61   N  N   . ILE A 1 10 ? -8.748  7.819   0.889   1.00 10.77 ? 661 ILE A N   1 
ATOM   62   C  CA  . ILE A 1 10 ? -9.555  7.183   -0.146  1.00 10.93 ? 661 ILE A CA  1 
ATOM   63   C  C   . ILE A 1 10 ? -10.527 6.209   0.513   1.00 13.28 ? 661 ILE A C   1 
ATOM   64   O  O   . ILE A 1 10 ? -10.153 5.474   1.426   1.00 10.20 ? 661 ILE A O   1 
ATOM   65   C  CB  . ILE A 1 10 ? -8.674  6.368   -1.133  1.00 12.65 ? 661 ILE A CB  1 
ATOM   66   C  CG1 . ILE A 1 10 ? -7.585  7.262   -1.723  1.00 10.33 ? 661 ILE A CG1 1 
ATOM   67   C  CG2 . ILE A 1 10 ? -9.530  5.759   -2.251  1.00 9.58  ? 661 ILE A CG2 1 
ATOM   68   C  CD1 . ILE A 1 10 ? -6.200  6.948   -1.194  1.00 16.96 ? 661 ILE A CD1 1 
ATOM   69   N  N   . VAL A 1 11 ? -11.777 6.221   0.060   1.00 13.08 ? 662 VAL A N   1 
ATOM   70   C  CA  . VAL A 1 11 ? -12.791 5.303   0.572   1.00 10.95 ? 662 VAL A CA  1 
ATOM   71   C  C   . VAL A 1 11 ? -13.442 4.716   -0.686  1.00 10.46 ? 662 VAL A C   1 
ATOM   72   O  O   . VAL A 1 11 ? -13.806 5.450   -1.612  1.00 9.82  ? 662 VAL A O   1 
ATOM   73   C  CB  . VAL A 1 11 ? -13.850 6.026   1.449   1.00 10.45 ? 662 VAL A CB  1 
ATOM   74   C  CG1 . VAL A 1 11 ? -14.850 4.997   1.997   1.00 13.59 ? 662 VAL A CG1 1 
ATOM   75   C  CG2 . VAL A 1 11 ? -13.164 6.766   2.602   1.00 10.27 ? 662 VAL A CG2 1 
ATOM   76   N  N   . GLY A 1 12 ? -13.576 3.393   -0.720  1.00 10.58 ? 663 GLY A N   1 
ATOM   77   C  CA  . GLY A 1 12 ? -14.156 2.736   -1.878  1.00 10.63 ? 663 GLY A CA  1 
ATOM   78   C  C   . GLY A 1 12 ? -14.781 1.393   -1.557  1.00 11.35 ? 663 GLY A C   1 
ATOM   79   O  O   . GLY A 1 12 ? -14.781 0.965   -0.408  1.00 11.39 ? 663 GLY A O   1 
ATOM   80   N  N   . GLU A 1 13 ? -15.295 0.721   -2.580  1.00 14.06 ? 664 GLU A N   1 
ATOM   81   C  CA  . GLU A 1 13 ? -15.940 -0.575  -2.400  1.00 16.15 ? 664 GLU A CA  1 
ATOM   82   C  C   . GLU A 1 13 ? -14.923 -1.696  -2.264  1.00 14.58 ? 664 GLU A C   1 
ATOM   83   O  O   . GLU A 1 13 ? -13.931 -1.730  -2.984  1.00 16.11 ? 664 GLU A O   1 
ATOM   84   C  CB  . GLU A 1 13 ? -16.868 -0.863  -3.587  1.00 18.62 ? 664 GLU A CB  1 
ATOM   85   C  CG  . GLU A 1 13 ? -16.149 -0.939  -4.924  1.00 23.45 ? 664 GLU A CG  1 
ATOM   86   C  CD  . GLU A 1 13 ? -17.082 -1.275  -6.079  1.00 29.68 ? 664 GLU A CD  1 
ATOM   87   O  OE1 . GLU A 1 13 ? -18.304 -1.084  -5.933  1.00 31.71 ? 664 GLU A OE1 1 
ATOM   88   O  OE2 . GLU A 1 13 ? -16.587 -1.726  -7.135  1.00 33.95 ? 664 GLU A OE2 1 
ATOM   89   N  N   . ASP A 1 14 ? -15.162 -2.609  -1.328  1.00 16.80 ? 665 ASP A N   1 
ATOM   90   C  CA  . ASP A 1 14 ? -14.261 -3.738  -1.121  1.00 18.29 ? 665 ASP A CA  1 
ATOM   91   C  C   . ASP A 1 14 ? -14.807 -4.901  -1.945  1.00 23.09 ? 665 ASP A C   1 
ATOM   92   O  O   . ASP A 1 14 ? -15.410 -5.833  -1.422  1.00 23.79 ? 665 ASP A O   1 
ATOM   93   C  CB  . ASP A 1 14 ? -14.204 -4.088  0.372   1.00 20.13 ? 665 ASP A CB  1 
ATOM   94   C  CG  . ASP A 1 14 ? -13.378 -5.329  0.660   1.00 23.31 ? 665 ASP A CG  1 
ATOM   95   O  OD1 . ASP A 1 14 ? -12.400 -5.595  -0.072  1.00 20.26 ? 665 ASP A OD1 1 
ATOM   96   O  OD2 . ASP A 1 14 ? -13.704 -6.035  1.637   1.00 23.55 ? 665 ASP A OD2 1 
ATOM   97   N  N   . LYS A 1 15 ? -14.558 -4.827  -3.246  1.00 23.92 ? 666 LYS A N   1 
ATOM   98   C  CA  . LYS A 1 15 ? -15.017 -5.810  -4.221  1.00 28.91 ? 666 LYS A CA  1 
ATOM   99   C  C   . LYS A 1 15 ? -14.026 -5.932  -5.356  1.00 30.08 ? 666 LYS A C   1 
ATOM   100  O  O   . LYS A 1 15 ? -13.124 -5.113  -5.502  1.00 32.04 ? 666 LYS A O   1 
ATOM   101  C  CB  . LYS A 1 15 ? -16.266 -5.302  -4.944  1.00 30.49 ? 666 LYS A CB  1 
ATOM   102  C  CG  . LYS A 1 15 ? -17.585 -5.268  -4.215  1.00 36.12 ? 666 LYS A CG  1 
ATOM   103  C  CD  . LYS A 1 15 ? -18.680 -4.706  -5.123  1.00 41.33 ? 666 LYS A CD  1 
ATOM   104  C  CE  . LYS A 1 15 ? -20.074 -5.074  -4.646  1.00 45.95 ? 666 LYS A CE  1 
ATOM   105  N  NZ  . LYS A 1 15 ? -21.108 -4.486  -5.545  1.00 43.88 ? 666 LYS A NZ  1 
ATOM   106  N  N   . ASN A 1 16 ? -14.188 -6.989  -6.137  1.00 30.46 ? 667 ASN A N   1 
ATOM   107  C  CA  . ASN A 1 16 ? -13.445 -7.115  -7.379  1.00 31.26 ? 667 ASN A CA  1 
ATOM   108  C  C   . ASN A 1 16 ? -11.969 -6.719  -7.407  1.00 27.05 ? 667 ASN A C   1 
ATOM   109  O  O   . ASN A 1 16 ? -11.527 -6.058  -8.354  1.00 27.96 ? 667 ASN A O   1 
ATOM   110  C  CB  . ASN A 1 16 ? -14.191 -6.236  -8.406  1.00 32.63 ? 667 ASN A CB  1 
ATOM   111  C  CG  . ASN A 1 16 ? -15.730 -6.354  -8.308  1.00 39.18 ? 667 ASN A CG  1 
ATOM   112  O  OD1 . ASN A 1 16 ? -16.446 -5.350  -8.187  1.00 44.76 ? 667 ASN A OD1 1 
ATOM   113  N  ND2 . ASN A 1 16 ? -16.230 -7.582  -8.369  1.00 40.24 ? 667 ASN A ND2 1 
ATOM   114  N  N   . GLY A 1 17 ? -11.224 -7.102  -6.378  1.00 24.78 ? 668 GLY A N   1 
ATOM   115  C  CA  . GLY A 1 17 ? -9.812  -6.773  -6.322  1.00 20.73 ? 668 GLY A CA  1 
ATOM   116  C  C   . GLY A 1 17 ? -9.472  -5.298  -6.153  1.00 20.21 ? 668 GLY A C   1 
ATOM   117  O  O   . GLY A 1 17 ? -8.384  -4.858  -6.526  1.00 19.38 ? 668 GLY A O   1 
HETATM 118  N  N   . MSE A 1 18 ? -10.391 -4.531  -5.579  1.00 19.41 ? 669 MSE A N   1 
HETATM 119  C  CA  . MSE A 1 18 ? -10.177 -3.097  -5.389  1.00 18.95 ? 669 MSE A CA  1 
HETATM 120  C  C   . MSE A 1 18 ? -9.011  -2.690  -4.480  1.00 15.62 ? 669 MSE A C   1 
HETATM 121  O  O   . MSE A 1 18 ? -8.326  -1.705  -4.765  1.00 15.86 ? 669 MSE A O   1 
HETATM 122  C  CB  . MSE A 1 18 ? -11.459 -2.444  -4.868  1.00 18.38 ? 669 MSE A CB  1 
HETATM 123  C  CG  . MSE A 1 18 ? -12.523 -2.183  -5.926  1.00 24.08 ? 669 MSE A CG  1 
HETATM 124  SE SE  . MSE A 1 18 ? -11.912 -0.946  -7.286  1.00 43.97 ? 669 MSE A SE  1 
HETATM 125  C  CE  . MSE A 1 18 ? -10.920 0.287   -6.182  1.00 22.69 ? 669 MSE A CE  1 
ATOM   126  N  N   . THR A 1 19 ? -8.778  -3.426  -3.394  1.00 16.56 ? 670 THR A N   1 
ATOM   127  C  CA  . THR A 1 19 ? -7.682  -3.069  -2.492  1.00 16.10 ? 670 THR A CA  1 
ATOM   128  C  C   . THR A 1 19 ? -6.357  -3.237  -3.234  1.00 16.05 ? 670 THR A C   1 
ATOM   129  O  O   . THR A 1 19 ? -5.468  -2.391  -3.131  1.00 17.00 ? 670 THR A O   1 
ATOM   130  C  CB  . THR A 1 19 ? -7.718  -3.905  -1.191  1.00 14.71 ? 670 THR A CB  1 
ATOM   131  O  OG1 . THR A 1 19 ? -7.805  -5.297  -1.518  1.00 18.21 ? 670 THR A OG1 1 
ATOM   132  C  CG2 . THR A 1 19 ? -8.924  -3.493  -0.328  1.00 15.28 ? 670 THR A CG2 1 
ATOM   133  N  N   . ASN A 1 20 ? -6.223  -4.326  -3.984  1.00 15.76 ? 671 ASN A N   1 
ATOM   134  C  CA  . ASN A 1 20 ? -5.014  -4.542  -4.776  1.00 18.00 ? 671 ASN A CA  1 
ATOM   135  C  C   . ASN A 1 20 ? -4.924  -3.474  -5.873  1.00 16.23 ? 671 ASN A C   1 
ATOM   136  O  O   . ASN A 1 20 ? -3.838  -2.966  -6.165  1.00 18.71 ? 671 ASN A O   1 
ATOM   137  C  CB  . ASN A 1 20 ? -5.028  -5.925  -5.437  1.00 17.38 ? 671 ASN A CB  1 
ATOM   138  C  CG  . ASN A 1 20 ? -4.620  -7.029  -4.488  1.00 21.05 ? 671 ASN A CG  1 
ATOM   139  O  OD1 . ASN A 1 20 ? -3.620  -7.720  -4.710  1.00 22.56 ? 671 ASN A OD1 1 
ATOM   140  N  ND2 . ASN A 1 20 ? -5.380  -7.194  -3.417  1.00 12.50 ? 671 ASN A ND2 1 
ATOM   141  N  N   . GLN A 1 21 ? -6.053  -3.130  -6.490  1.00 17.42 ? 672 GLN A N   1 
ATOM   142  C  CA  . GLN A 1 21 ? -6.031  -2.117  -7.544  1.00 16.98 ? 672 GLN A CA  1 
ATOM   143  C  C   . GLN A 1 21 ? -5.568  -0.759  -7.025  1.00 15.01 ? 672 GLN A C   1 
ATOM   144  O  O   . GLN A 1 21 ? -4.729  -0.108  -7.650  1.00 16.55 ? 672 GLN A O   1 
ATOM   145  C  CB  . GLN A 1 21 ? -7.413  -1.969  -8.204  1.00 19.41 ? 672 GLN A CB  1 
ATOM   146  C  CG  . GLN A 1 21 ? -7.507  -0.766  -9.147  1.00 25.21 ? 672 GLN A CG  1 
ATOM   147  C  CD  . GLN A 1 21 ? -8.601  -0.903  -10.193 1.00 31.32 ? 672 GLN A CD  1 
ATOM   148  O  OE1 . GLN A 1 21 ? -9.574  -1.626  -10.000 1.00 28.87 ? 672 GLN A OE1 1 
ATOM   149  N  NE2 . GLN A 1 21 ? -8.445  -0.191  -11.307 1.00 30.44 ? 672 GLN A NE2 1 
ATOM   150  N  N   . ILE A 1 22 ? -6.095  -0.339  -5.876  1.00 13.12 ? 673 ILE A N   1 
ATOM   151  C  CA  . ILE A 1 22 ? -5.732  0.959   -5.318  1.00 13.86 ? 673 ILE A CA  1 
ATOM   152  C  C   . ILE A 1 22 ? -4.284  0.999   -4.852  1.00 12.50 ? 673 ILE A C   1 
ATOM   153  O  O   . ILE A 1 22 ? -3.599  2.015   -4.993  1.00 14.04 ? 673 ILE A O   1 
ATOM   154  C  CB  . ILE A 1 22 ? -6.683  1.354   -4.155  1.00 15.85 ? 673 ILE A CB  1 
ATOM   155  C  CG1 . ILE A 1 22 ? -8.008  1.873   -4.726  1.00 22.52 ? 673 ILE A CG1 1 
ATOM   156  C  CG2 . ILE A 1 22 ? -6.047  2.432   -3.297  1.00 23.72 ? 673 ILE A CG2 1 
ATOM   157  C  CD1 . ILE A 1 22 ? -7.853  3.054   -5.676  1.00 24.48 ? 673 ILE A CD1 1 
ATOM   158  N  N   . THR A 1 23 ? -3.819  -0.113  -4.299  1.00 11.67 ? 674 THR A N   1 
ATOM   159  C  CA  . THR A 1 23 ? -2.447  -0.190  -3.838  1.00 13.32 ? 674 THR A CA  1 
ATOM   160  C  C   . THR A 1 23 ? -1.523  -0.101  -5.063  1.00 13.62 ? 674 THR A C   1 
ATOM   161  O  O   . THR A 1 23 ? -0.455  0.502   -4.994  1.00 14.75 ? 674 THR A O   1 
ATOM   162  C  CB  . THR A 1 23 ? -2.198  -1.499  -3.058  1.00 12.90 ? 674 THR A CB  1 
ATOM   163  O  OG1 . THR A 1 23 ? -3.048  -1.532  -1.899  1.00 17.04 ? 674 THR A OG1 1 
ATOM   164  C  CG2 . THR A 1 23 ? -0.746  -1.578  -2.600  1.00 13.62 ? 674 THR A CG2 1 
ATOM   165  N  N   . GLY A 1 24 ? -1.947  -0.684  -6.184  1.00 13.69 ? 675 GLY A N   1 
ATOM   166  C  CA  . GLY A 1 24 ? -1.150  -0.631  -7.402  1.00 16.63 ? 675 GLY A CA  1 
ATOM   167  C  C   . GLY A 1 24 ? -1.030  0.783   -7.959  1.00 15.29 ? 675 GLY A C   1 
ATOM   168  O  O   . GLY A 1 24 ? 0.041   1.193   -8.412  1.00 14.32 ? 675 GLY A O   1 
ATOM   169  N  N   . VAL A 1 25 ? -2.134  1.528   -7.932  1.00 15.30 ? 676 VAL A N   1 
ATOM   170  C  CA  . VAL A 1 25 ? -2.170  2.910   -8.413  1.00 15.76 ? 676 VAL A CA  1 
ATOM   171  C  C   . VAL A 1 25 ? -1.217  3.761   -7.582  1.00 15.79 ? 676 VAL A C   1 
ATOM   172  O  O   . VAL A 1 25 ? -0.461  4.578   -8.114  1.00 16.27 ? 676 VAL A O   1 
ATOM   173  C  CB  . VAL A 1 25 ? -3.597  3.508   -8.284  1.00 15.71 ? 676 VAL A CB  1 
ATOM   174  C  CG1 . VAL A 1 25 ? -3.567  5.012   -8.544  1.00 20.37 ? 676 VAL A CG1 1 
ATOM   175  C  CG2 . VAL A 1 25 ? -4.535  2.818   -9.262  1.00 17.74 ? 676 VAL A CG2 1 
ATOM   176  N  N   . ILE A 1 26 ? -1.263  3.564   -6.270  1.00 14.08 ? 677 ILE A N   1 
ATOM   177  C  CA  . ILE A 1 26 ? -0.406  4.305   -5.349  1.00 15.04 ? 677 ILE A CA  1 
ATOM   178  C  C   . ILE A 1 26 ? 1.075   3.988   -5.592  1.00 15.04 ? 677 ILE A C   1 
ATOM   179  O  O   . ILE A 1 26 ? 1.915   4.887   -5.607  1.00 15.05 ? 677 ILE A O   1 
ATOM   180  C  CB  . ILE A 1 26 ? -0.762  3.966   -3.884  1.00 15.41 ? 677 ILE A CB  1 
ATOM   181  C  CG1 . ILE A 1 26 ? -2.141  4.540   -3.542  1.00 14.23 ? 677 ILE A CG1 1 
ATOM   182  C  CG2 . ILE A 1 26 ? 0.304   4.524   -2.938  1.00 19.13 ? 677 ILE A CG2 1 
ATOM   183  C  CD1 . ILE A 1 26 ? -2.694  4.051   -2.221  1.00 18.49 ? 677 ILE A CD1 1 
ATOM   184  N  N   . SER A 1 27 ? 1.391   2.711   -5.791  1.00 15.89 ? 678 SER A N   1 
ATOM   185  C  CA  . SER A 1 27 ? 2.772   2.308   -6.020  1.00 16.86 ? 678 SER A CA  1 
ATOM   186  C  C   . SER A 1 27 ? 3.327   2.948   -7.292  1.00 16.25 ? 678 SER A C   1 
ATOM   187  O  O   . SER A 1 27 ? 4.502   3.313   -7.345  1.00 19.40 ? 678 SER A O   1 
ATOM   188  C  CB  . SER A 1 27 ? 2.877   0.774   -6.098  1.00 18.81 ? 678 SER A CB  1 
ATOM   189  O  OG  . SER A 1 27 ? 2.273   0.255   -7.268  1.00 29.07 ? 678 SER A OG  1 
ATOM   190  N  N   . LYS A 1 28 ? 2.478   3.101   -8.307  1.00 16.30 ? 679 LYS A N   1 
ATOM   191  C  CA  . LYS A 1 28 ? 2.910   3.696   -9.567  1.00 19.09 ? 679 LYS A CA  1 
ATOM   192  C  C   . LYS A 1 28 ? 3.086   5.214   -9.508  1.00 21.60 ? 679 LYS A C   1 
ATOM   193  O  O   . LYS A 1 28 ? 3.636   5.820   -10.428 1.00 24.08 ? 679 LYS A O   1 
ATOM   194  C  CB  . LYS A 1 28 ? 1.969   3.265   -10.698 1.00 20.15 ? 679 LYS A CB  1 
ATOM   195  C  CG  . LYS A 1 28 ? 2.163   1.792   -11.071 1.00 25.84 ? 679 LYS A CG  1 
ATOM   196  C  CD  . LYS A 1 28 ? 1.134   1.323   -12.088 1.00 34.73 ? 679 LYS A CD  1 
ATOM   197  C  CE  . LYS A 1 28 ? 1.174   -0.194  -12.228 1.00 39.53 ? 679 LYS A CE  1 
ATOM   198  N  NZ  . LYS A 1 28 ? -0.100  -0.760  -12.762 1.00 46.23 ? 679 LYS A NZ  1 
ATOM   199  N  N   . PHE A 1 29 ? 2.622   5.823   -8.423  1.00 22.22 ? 680 PHE A N   1 
ATOM   200  C  CA  . PHE A 1 29 ? 2.794   7.263   -8.225  1.00 24.63 ? 680 PHE A CA  1 
ATOM   201  C  C   . PHE A 1 29 ? 4.280   7.642   -8.242  1.00 27.67 ? 680 PHE A C   1 
ATOM   202  O  O   . PHE A 1 29 ? 5.135   6.888   -7.769  1.00 26.13 ? 680 PHE A O   1 
ATOM   203  C  CB  . PHE A 1 29 ? 2.295   7.699   -6.847  1.00 24.34 ? 680 PHE A CB  1 
ATOM   204  C  CG  . PHE A 1 29 ? 0.815   7.846   -6.739  1.00 22.48 ? 680 PHE A CG  1 
ATOM   205  C  CD1 . PHE A 1 29 ? 0.035   7.937   -7.879  1.00 21.76 ? 680 PHE A CD1 1 
ATOM   206  C  CD2 . PHE A 1 29 ? 0.200   7.949   -5.491  1.00 23.81 ? 680 PHE A CD2 1 
ATOM   207  C  CE1 . PHE A 1 29 ? -1.343  8.098   -7.793  1.00 22.74 ? 680 PHE A CE1 1 
ATOM   208  C  CE2 . PHE A 1 29 ? -1.182  8.112   -5.393  1.00 24.56 ? 680 PHE A CE2 1 
ATOM   209  C  CZ  . PHE A 1 29 ? -1.951  8.195   -6.548  1.00 17.65 ? 680 PHE A CZ  1 
ATOM   210  N  N   . ASP A 1 30 ? 4.573   8.821   -8.774  1.00 28.90 ? 681 ASP A N   1 
ATOM   211  C  CA  . ASP A 1 30 ? 5.937   9.335   -8.807  1.00 34.49 ? 681 ASP A CA  1 
ATOM   212  C  C   . ASP A 1 30 ? 6.144   10.193  -7.539  1.00 34.40 ? 681 ASP A C   1 
ATOM   213  O  O   . ASP A 1 30 ? 6.312   11.412  -7.627  1.00 36.52 ? 681 ASP A O   1 
ATOM   214  C  CB  . ASP A 1 30 ? 6.143   10.188  -10.069 1.00 36.37 ? 681 ASP A CB  1 
ATOM   215  C  CG  . ASP A 1 30 ? 7.515   10.844  -10.125 1.00 42.90 ? 681 ASP A CG  1 
ATOM   216  O  OD1 . ASP A 1 30 ? 8.530   10.148  -9.898  1.00 47.70 ? 681 ASP A OD1 1 
ATOM   217  O  OD2 . ASP A 1 30 ? 7.572   12.061  -10.402 1.00 47.07 ? 681 ASP A OD2 1 
ATOM   218  N  N   . THR A 1 31 ? 6.106   9.556   -6.364  1.00 32.64 ? 682 THR A N   1 
ATOM   219  C  CA  . THR A 1 31 ? 6.324   10.256  -5.092  1.00 31.19 ? 682 THR A CA  1 
ATOM   220  C  C   . THR A 1 31 ? 6.893   9.362   -3.983  1.00 26.98 ? 682 THR A C   1 
ATOM   221  O  O   . THR A 1 31 ? 6.976   8.139   -4.108  1.00 27.47 ? 682 THR A O   1 
ATOM   222  C  CB  . THR A 1 31 ? 5.028   10.928  -4.521  1.00 29.08 ? 682 THR A CB  1 
ATOM   223  O  OG1 . THR A 1 31 ? 4.053   9.928   -4.216  1.00 36.73 ? 682 THR A OG1 1 
ATOM   224  C  CG2 . THR A 1 31 ? 4.450   11.931  -5.509  1.00 36.34 ? 682 THR A CG2 1 
ATOM   225  N  N   . ASN A 1 32 ? 7.289   10.012  -2.897  1.00 25.32 ? 683 ASN A N   1 
ATOM   226  C  CA  . ASN A 1 32 ? 7.867   9.358   -1.730  1.00 24.92 ? 683 ASN A CA  1 
ATOM   227  C  C   . ASN A 1 32 ? 6.751   9.045   -0.741  1.00 21.89 ? 683 ASN A C   1 
ATOM   228  O  O   . ASN A 1 32 ? 6.184   9.953   -0.144  1.00 20.73 ? 683 ASN A O   1 
ATOM   229  C  CB  . ASN A 1 32 ? 8.883   10.310  -1.096  1.00 27.18 ? 683 ASN A CB  1 
ATOM   230  C  CG  . ASN A 1 32 ? 9.568   9.724   0.117   1.00 33.45 ? 683 ASN A CG  1 
ATOM   231  O  OD1 . ASN A 1 32 ? 9.414   8.543   0.430   1.00 39.55 ? 683 ASN A OD1 1 
ATOM   232  N  ND2 . ASN A 1 32 ? 10.334  10.557  0.813   1.00 41.67 ? 683 ASN A ND2 1 
ATOM   233  N  N   . ILE A 1 33 ? 6.439   7.767   -0.566  1.00 20.15 ? 684 ILE A N   1 
ATOM   234  C  CA  . ILE A 1 33 ? 5.379   7.369   0.353   1.00 19.63 ? 684 ILE A CA  1 
ATOM   235  C  C   . ILE A 1 33 ? 5.922   7.288   1.770   1.00 19.29 ? 684 ILE A C   1 
ATOM   236  O  O   . ILE A 1 33 ? 6.967   6.679   2.011   1.00 21.11 ? 684 ILE A O   1 
ATOM   237  C  CB  . ILE A 1 33 ? 4.776   5.994   -0.062  1.00 20.68 ? 684 ILE A CB  1 
ATOM   238  C  CG1 . ILE A 1 33 ? 4.130   6.113   -1.450  1.00 23.51 ? 684 ILE A CG1 1 
ATOM   239  C  CG2 . ILE A 1 33 ? 3.756   5.527   0.981   1.00 21.95 ? 684 ILE A CG2 1 
ATOM   240  C  CD1 . ILE A 1 33 ? 3.872   4.767   -2.119  1.00 25.96 ? 684 ILE A CD1 1 
ATOM   241  N  N   . ARG A 1 34 ? 5.215   7.919   2.703   1.00 15.19 ? 685 ARG A N   1 
ATOM   242  C  CA  . ARG A 1 34 ? 5.622   7.899   4.099   1.00 15.39 ? 685 ARG A CA  1 
ATOM   243  C  C   . ARG A 1 34 ? 4.810   6.918   4.935   1.00 15.31 ? 685 ARG A C   1 
ATOM   244  O  O   . ARG A 1 34 ? 5.372   6.162   5.724   1.00 17.52 ? 685 ARG A O   1 
ATOM   245  C  CB  . ARG A 1 34 ? 5.511   9.297   4.715   1.00 18.43 ? 685 ARG A CB  1 
ATOM   246  C  CG  . ARG A 1 34 ? 6.256   10.356  3.930   1.00 24.62 ? 685 ARG A CG  1 
ATOM   247  C  CD  . ARG A 1 34 ? 7.542   9.778   3.340   1.00 33.17 ? 685 ARG A CD  1 
ATOM   248  N  NE  . ARG A 1 34 ? 8.594   9.608   4.336   1.00 37.28 ? 685 ARG A NE  1 
ATOM   249  C  CZ  . ARG A 1 34 ? 9.628   8.788   4.187   1.00 37.79 ? 685 ARG A CZ  1 
ATOM   250  N  NH1 . ARG A 1 34 ? 9.746   8.059   3.084   1.00 27.28 ? 685 ARG A NH1 1 
ATOM   251  N  NH2 . ARG A 1 34 ? 10.544  8.695   5.142   1.00 38.54 ? 685 ARG A NH2 1 
ATOM   252  N  N   . THR A 1 35 ? 3.494   6.914   4.745   1.00 13.40 ? 686 THR A N   1 
ATOM   253  C  CA  . THR A 1 35 ? 2.624   6.037   5.517   1.00 12.73 ? 686 THR A CA  1 
ATOM   254  C  C   . THR A 1 35 ? 1.419   5.573   4.713   1.00 12.79 ? 686 THR A C   1 
ATOM   255  O  O   . THR A 1 35 ? 0.903   6.308   3.873   1.00 10.63 ? 686 THR A O   1 
ATOM   256  C  CB  . THR A 1 35 ? 2.059   6.788   6.774   1.00 17.33 ? 686 THR A CB  1 
ATOM   257  O  OG1 . THR A 1 35 ? 3.135   7.289   7.575   1.00 23.91 ? 686 THR A OG1 1 
ATOM   258  C  CG2 . THR A 1 35 ? 1.192   5.874   7.624   1.00 21.58 ? 686 THR A CG2 1 
ATOM   259  N  N   . ILE A 1 36 ? 1.001   4.336   4.951   1.00 10.88 ? 687 ILE A N   1 
ATOM   260  C  CA  . ILE A 1 36 ? -0.211  3.817   4.336   1.00 12.09 ? 687 ILE A CA  1 
ATOM   261  C  C   . ILE A 1 36 ? -0.935  3.045   5.430   1.00 11.50 ? 687 ILE A C   1 
ATOM   262  O  O   . ILE A 1 36 ? -0.342  2.173   6.075   1.00 10.20 ? 687 ILE A O   1 
ATOM   263  C  CB  . ILE A 1 36 ? 0.019   2.824   3.171   1.00 13.86 ? 687 ILE A CB  1 
ATOM   264  C  CG1 . ILE A 1 36 ? 0.625   3.550   1.972   1.00 14.64 ? 687 ILE A CG1 1 
ATOM   265  C  CG2 . ILE A 1 36 ? -1.331  2.162   2.788   1.00 11.87 ? 687 ILE A CG2 1 
ATOM   266  C  CD1 . ILE A 1 36 ? 1.055   2.609   0.846   1.00 19.29 ? 687 ILE A CD1 1 
ATOM   267  N  N   . VAL A 1 37 ? -2.193  3.398   5.681   1.00 11.42 ? 688 VAL A N   1 
ATOM   268  C  CA  . VAL A 1 37 ? -3.010  2.657   6.636   1.00 10.15 ? 688 VAL A CA  1 
ATOM   269  C  C   . VAL A 1 37 ? -4.271  2.305   5.841   1.00 11.85 ? 688 VAL A C   1 
ATOM   270  O  O   . VAL A 1 37 ? -5.127  3.159   5.601   1.00 9.85  ? 688 VAL A O   1 
ATOM   271  C  CB  . VAL A 1 37 ? -3.389  3.466   7.881   1.00 12.72 ? 688 VAL A CB  1 
ATOM   272  C  CG1 . VAL A 1 37 ? -4.365  2.643   8.739   1.00 16.62 ? 688 VAL A CG1 1 
ATOM   273  C  CG2 . VAL A 1 37 ? -2.122  3.794   8.678   1.00 17.05 ? 688 VAL A CG2 1 
ATOM   274  N  N   . LEU A 1 38 ? -4.369  1.045   5.423   1.00 10.63 ? 689 LEU A N   1 
ATOM   275  C  CA  . LEU A 1 38 ? -5.508  0.563   4.644   1.00 11.93 ? 689 LEU A CA  1 
ATOM   276  C  C   . LEU A 1 38 ? -6.210  -0.544  5.410   1.00 11.88 ? 689 LEU A C   1 
ATOM   277  O  O   . LEU A 1 38 ? -5.564  -1.405  6.013   1.00 10.91 ? 689 LEU A O   1 
ATOM   278  C  CB  . LEU A 1 38 ? -5.037  0.041   3.275   1.00 13.03 ? 689 LEU A CB  1 
ATOM   279  C  CG  . LEU A 1 38 ? -6.117  -0.485  2.313   1.00 14.99 ? 689 LEU A CG  1 
ATOM   280  C  CD1 . LEU A 1 38 ? -5.672  -0.284  0.877   1.00 18.97 ? 689 LEU A CD1 1 
ATOM   281  C  CD2 . LEU A 1 38 ? -6.408  -1.961  2.592   1.00 16.85 ? 689 LEU A CD2 1 
ATOM   282  N  N   . ASN A 1 39 ? -7.536  -0.513  5.388   1.00 11.43 ? 690 ASN A N   1 
ATOM   283  C  CA  . ASN A 1 39 ? -8.322  -1.518  6.084   1.00 14.37 ? 690 ASN A CA  1 
ATOM   284  C  C   . ASN A 1 39 ? -9.579  -1.789  5.282   1.00 14.41 ? 690 ASN A C   1 
ATOM   285  O  O   . ASN A 1 39 ? -10.232 -0.855  4.828   1.00 12.29 ? 690 ASN A O   1 
ATOM   286  C  CB  . ASN A 1 39 ? -8.698  -1.020  7.479   1.00 17.94 ? 690 ASN A CB  1 
ATOM   287  C  CG  . ASN A 1 39 ? -8.295  -1.990  8.559   1.00 28.71 ? 690 ASN A CG  1 
ATOM   288  O  OD1 . ASN A 1 39 ? -8.805  -3.110  8.622   1.00 37.53 ? 690 ASN A OD1 1 
ATOM   289  N  ND2 . ASN A 1 39 ? -7.373  -1.570  9.415   1.00 34.67 ? 690 ASN A ND2 1 
ATOM   290  N  N   . ALA A 1 40 ? -9.910  -3.061  5.096   1.00 13.91 ? 691 ALA A N   1 
ATOM   291  C  CA  . ALA A 1 40 ? -11.113 -3.426  4.358   1.00 16.38 ? 691 ALA A CA  1 
ATOM   292  C  C   . ALA A 1 40 ? -12.060 -4.069  5.368   1.00 20.57 ? 691 ALA A C   1 
ATOM   293  O  O   . ALA A 1 40 ? -11.701 -5.042  6.035   1.00 22.26 ? 691 ALA A O   1 
ATOM   294  C  CB  . ALA A 1 40 ? -10.771 -4.397  3.242   1.00 17.01 ? 691 ALA A CB  1 
ATOM   295  N  N   . LYS A 1 41 ? -13.269 -3.524  5.466   1.00 24.19 ? 692 LYS A N   1 
ATOM   296  C  CA  . LYS A 1 41 ? -14.272 -3.998  6.418   1.00 28.57 ? 692 LYS A CA  1 
ATOM   297  C  C   . LYS A 1 41 ? -15.648 -3.405  6.109   1.00 28.37 ? 692 LYS A C   1 
ATOM   298  O  O   . LYS A 1 41 ? -15.748 -2.285  5.611   1.00 26.79 ? 692 LYS A O   1 
ATOM   299  C  CB  . LYS A 1 41 ? -13.845 -3.574  7.827   1.00 30.22 ? 692 LYS A CB  1 
ATOM   300  C  CG  . LYS A 1 41 ? -14.933 -3.651  8.894   1.00 36.19 ? 692 LYS A CG  1 
ATOM   301  C  CD  . LYS A 1 41 ? -14.384 -3.284  10.265  1.00 40.30 ? 692 LYS A CD  1 
ATOM   302  C  CE  . LYS A 1 41 ? -13.877 -1.852  10.295  1.00 45.30 ? 692 LYS A CE  1 
ATOM   303  N  NZ  . LYS A 1 41 ? -12.963 -1.606  11.446  1.00 53.12 ? 692 LYS A NZ  1 
ATOM   304  N  N   . ASP A 1 42 ? -16.701 -4.162  6.411   1.00 31.51 ? 693 ASP A N   1 
ATOM   305  C  CA  . ASP A 1 42 ? -18.077 -3.723  6.190   1.00 30.87 ? 693 ASP A CA  1 
ATOM   306  C  C   . ASP A 1 42 ? -18.451 -3.477  4.724   1.00 29.14 ? 693 ASP A C   1 
ATOM   307  O  O   . ASP A 1 42 ? -19.355 -2.688  4.429   1.00 29.72 ? 693 ASP A O   1 
ATOM   308  C  CB  . ASP A 1 42 ? -18.358 -2.460  7.022   1.00 33.46 ? 693 ASP A CB  1 
ATOM   309  C  CG  . ASP A 1 42 ? -18.318 -2.722  8.525   1.00 39.76 ? 693 ASP A CG  1 
ATOM   310  O  OD1 . ASP A 1 42 ? -18.710 -3.833  8.943   1.00 48.83 ? 693 ASP A OD1 1 
ATOM   311  O  OD2 . ASP A 1 42 ? -17.915 -1.815  9.288   1.00 42.15 ? 693 ASP A OD2 1 
ATOM   312  N  N   . GLY A 1 43 ? -17.765 -4.167  3.815   1.00 24.25 ? 694 GLY A N   1 
ATOM   313  C  CA  . GLY A 1 43 ? -18.035 -4.012  2.396   1.00 20.35 ? 694 GLY A CA  1 
ATOM   314  C  C   . GLY A 1 43 ? -17.253 -2.885  1.736   1.00 18.04 ? 694 GLY A C   1 
ATOM   315  O  O   . GLY A 1 43 ? -17.337 -2.688  0.523   1.00 17.07 ? 694 GLY A O   1 
ATOM   316  N  N   . ILE A 1 44 ? -16.500 -2.127  2.524   1.00 16.32 ? 695 ILE A N   1 
ATOM   317  C  CA  . ILE A 1 44 ? -15.722 -1.030  1.965   1.00 15.75 ? 695 ILE A CA  1 
ATOM   318  C  C   . ILE A 1 44 ? -14.278 -1.076  2.463   1.00 15.34 ? 695 ILE A C   1 
ATOM   319  O  O   . ILE A 1 44 ? -13.923 -1.884  3.329   1.00 13.92 ? 695 ILE A O   1 
ATOM   320  C  CB  . ILE A 1 44 ? -16.331 0.367   2.347   1.00 17.54 ? 695 ILE A CB  1 
ATOM   321  C  CG1 . ILE A 1 44 ? -16.311 0.556   3.867   1.00 23.01 ? 695 ILE A CG1 1 
ATOM   322  C  CG2 . ILE A 1 44 ? -17.773 0.495   1.801   1.00 16.23 ? 695 ILE A CG2 1 
ATOM   323  C  CD1 . ILE A 1 44 ? -16.411 2.007   4.294   1.00 27.92 ? 695 ILE A CD1 1 
ATOM   324  N  N   . PHE A 1 45 ? -13.433 -0.239  1.875   1.00 11.56 ? 696 PHE A N   1 
ATOM   325  C  CA  . PHE A 1 45 ? -12.058 -0.145  2.334   1.00 10.90 ? 696 PHE A CA  1 
ATOM   326  C  C   . PHE A 1 45 ? -11.786 1.343   2.524   1.00 10.07 ? 696 PHE A C   1 
ATOM   327  O  O   . PHE A 1 45 ? -12.389 2.192   1.850   1.00 10.10 ? 696 PHE A O   1 
ATOM   328  C  CB  . PHE A 1 45 ? -11.055 -0.753  1.322   1.00 10.60 ? 696 PHE A CB  1 
ATOM   329  C  CG  . PHE A 1 45 ? -10.829 0.092   0.103   1.00 11.25 ? 696 PHE A CG  1 
ATOM   330  C  CD1 . PHE A 1 45 ? -9.963  1.182   0.142   1.00 16.77 ? 696 PHE A CD1 1 
ATOM   331  C  CD2 . PHE A 1 45 ? -11.529 -0.164  -1.067  1.00 14.87 ? 696 PHE A CD2 1 
ATOM   332  C  CE1 . PHE A 1 45 ? -9.816  2.014   -0.962  1.00 14.52 ? 696 PHE A CE1 1 
ATOM   333  C  CE2 . PHE A 1 45 ? -11.391 0.664   -2.178  1.00 15.11 ? 696 PHE A CE2 1 
ATOM   334  C  CZ  . PHE A 1 45 ? -10.529 1.754   -2.126  1.00 14.04 ? 696 PHE A CZ  1 
ATOM   335  N  N   . THR A 1 46 ? -10.917 1.660   3.475   1.00 10.51 ? 697 THR A N   1 
ATOM   336  C  CA  . THR A 1 46 ? -10.516 3.036   3.706   1.00 10.58 ? 697 THR A CA  1 
ATOM   337  C  C   . THR A 1 46 ? -8.997  2.998   3.610   1.00 11.46 ? 697 THR A C   1 
ATOM   338  O  O   . THR A 1 46 ? -8.365  1.994   3.959   1.00 8.74  ? 697 THR A O   1 
ATOM   339  C  CB  . THR A 1 46 ? -10.934 3.567   5.093   1.00 14.60 ? 697 THR A CB  1 
ATOM   340  O  OG1 . THR A 1 46 ? -10.392 2.730   6.116   1.00 15.15 ? 697 THR A OG1 1 
ATOM   341  C  CG2 . THR A 1 46 ? -12.446 3.603   5.207   1.00 12.11 ? 697 THR A CG2 1 
ATOM   342  N  N   . CYS A 1 47 ? -8.413  4.080   3.116   1.00 10.06 ? 698 CYS A N   1 
ATOM   343  C  CA  . CYS A 1 47 ? -6.970  4.150   2.975   1.00 10.51 ? 698 CYS A CA  1 
ATOM   344  C  C   . CYS A 1 47 ? -6.478  5.560   3.238   1.00 10.58 ? 698 CYS A C   1 
ATOM   345  O  O   . CYS A 1 47 ? -6.877  6.487   2.537   1.00 12.43 ? 698 CYS A O   1 
ATOM   346  C  CB  . CYS A 1 47 ? -6.553  3.747   1.557   1.00 12.14 ? 698 CYS A CB  1 
ATOM   347  S  SG  . CYS A 1 47 ? -4.762  3.747   1.297   1.00 17.45 ? 698 CYS A SG  1 
ATOM   348  N  N   . ASN A 1 48 ? -5.638  5.721   4.258   1.00 10.20 ? 699 ASN A N   1 
ATOM   349  C  CA  . ASN A 1 48 ? -5.045  7.017   4.576   1.00 12.71 ? 699 ASN A CA  1 
ATOM   350  C  C   . ASN A 1 48 ? -3.593  6.894   4.119   1.00 14.65 ? 699 ASN A C   1 
ATOM   351  O  O   . ASN A 1 48 ? -2.863  6.004   4.555   1.00 13.80 ? 699 ASN A O   1 
ATOM   352  C  CB  . ASN A 1 48 ? -5.110  7.314   6.075   1.00 13.93 ? 699 ASN A CB  1 
ATOM   353  C  CG  . ASN A 1 48 ? -6.486  7.773   6.520   1.00 20.69 ? 699 ASN A CG  1 
ATOM   354  O  OD1 . ASN A 1 48 ? -7.415  7.878   5.716   1.00 20.66 ? 699 ASN A OD1 1 
ATOM   355  N  ND2 . ASN A 1 48 ? -6.620  8.055   7.806   1.00 24.50 ? 699 ASN A ND2 1 
ATOM   356  N  N   . LEU A 1 49 ? -3.188  7.803   3.241   1.00 14.47 ? 700 LEU A N   1 
ATOM   357  C  CA  . LEU A 1 49 ? -1.853  7.813   2.665   1.00 15.81 ? 700 LEU A CA  1 
ATOM   358  C  C   . LEU A 1 49 ? -1.134  9.118   2.969   1.00 16.07 ? 700 LEU A C   1 
ATOM   359  O  O   . LEU A 1 49 ? -1.719  10.191  2.818   1.00 15.66 ? 700 LEU A O   1 
ATOM   360  C  CB  . LEU A 1 49 ? -1.983  7.637   1.141   1.00 15.25 ? 700 LEU A CB  1 
ATOM   361  C  CG  . LEU A 1 49 ? -0.833  7.949   0.173   1.00 19.98 ? 700 LEU A CG  1 
ATOM   362  C  CD1 . LEU A 1 49 ? 0.276   6.922   0.341   1.00 15.52 ? 700 LEU A CD1 1 
ATOM   363  C  CD2 . LEU A 1 49 ? -1.350  7.933   -1.263  1.00 15.93 ? 700 LEU A CD2 1 
HETATM 364  N  N   . MSE A 1 50 ? 0.112   9.030   3.433   1.00 13.94 ? 701 MSE A N   1 
HETATM 365  C  CA  . MSE A 1 50 ? 0.912   10.229  3.686   1.00 15.26 ? 701 MSE A CA  1 
HETATM 366  C  C   . MSE A 1 50 ? 2.066   10.118  2.700   1.00 12.03 ? 701 MSE A C   1 
HETATM 367  O  O   . MSE A 1 50 ? 2.763   9.101   2.651   1.00 12.48 ? 701 MSE A O   1 
HETATM 368  C  CB  . MSE A 1 50 ? 1.469   10.267  5.109   1.00 17.78 ? 701 MSE A CB  1 
HETATM 369  C  CG  . MSE A 1 50 ? 0.409   10.305  6.189   1.00 31.42 ? 701 MSE A CG  1 
HETATM 370  SE SE  . MSE A 1 50 ? -0.603  11.946  6.199   1.00 63.04 ? 701 MSE A SE  1 
HETATM 371  C  CE  . MSE A 1 50 ? 0.838   13.214  5.916   1.00 25.71 ? 701 MSE A CE  1 
ATOM   372  N  N   . ILE A 1 51 ? 2.272   11.173  1.924   1.00 11.45 ? 702 ILE A N   1 
ATOM   373  C  CA  . ILE A 1 51 ? 3.320   11.192  0.914   1.00 13.27 ? 702 ILE A CA  1 
ATOM   374  C  C   . ILE A 1 51 ? 4.036   12.531  0.909   1.00 16.76 ? 702 ILE A C   1 
ATOM   375  O  O   . ILE A 1 51 ? 3.502   13.521  1.418   1.00 17.87 ? 702 ILE A O   1 
ATOM   376  C  CB  . ILE A 1 51 ? 2.724   11.019  -0.518  1.00 16.16 ? 702 ILE A CB  1 
ATOM   377  C  CG1 . ILE A 1 51 ? 1.697   12.133  -0.800  1.00 17.46 ? 702 ILE A CG1 1 
ATOM   378  C  CG2 . ILE A 1 51 ? 2.067   9.661   -0.671  1.00 15.45 ? 702 ILE A CG2 1 
ATOM   379  C  CD1 . ILE A 1 51 ? 1.251   12.205  -2.252  1.00 25.19 ? 702 ILE A CD1 1 
ATOM   380  N  N   . PHE A 1 52 ? 5.253   12.545  0.364   1.00 18.71 ? 703 PHE A N   1 
ATOM   381  C  CA  . PHE A 1 52 ? 6.008   13.786  0.192   1.00 21.27 ? 703 PHE A CA  1 
ATOM   382  C  C   . PHE A 1 52 ? 5.762   14.100  -1.289  1.00 22.16 ? 703 PHE A C   1 
ATOM   383  O  O   . PHE A 1 52 ? 6.018   13.272  -2.172  1.00 24.34 ? 703 PHE A O   1 
ATOM   384  C  CB  . PHE A 1 52 ? 7.495   13.602  0.489   1.00 22.33 ? 703 PHE A CB  1 
ATOM   385  C  CG  . PHE A 1 52 ? 7.814   13.705  1.942   1.00 27.88 ? 703 PHE A CG  1 
ATOM   386  C  CD1 . PHE A 1 52 ? 7.732   14.926  2.605   1.00 32.84 ? 703 PHE A CD1 1 
ATOM   387  C  CD2 . PHE A 1 52 ? 8.177   12.585  2.659   1.00 37.41 ? 703 PHE A CD2 1 
ATOM   388  C  CE1 . PHE A 1 52 ? 7.995   15.013  3.967   1.00 31.67 ? 703 PHE A CE1 1 
ATOM   389  C  CE2 . PHE A 1 52 ? 8.439   12.663  4.026   1.00 34.46 ? 703 PHE A CE2 1 
ATOM   390  C  CZ  . PHE A 1 52 ? 8.357   13.877  4.676   1.00 35.30 ? 703 PHE A CZ  1 
ATOM   391  N  N   . VAL A 1 53 ? 5.265   15.303  -1.554  1.00 19.42 ? 704 VAL A N   1 
ATOM   392  C  CA  . VAL A 1 53 ? 4.925   15.702  -2.908  1.00 17.80 ? 704 VAL A CA  1 
ATOM   393  C  C   . VAL A 1 53 ? 5.491   17.072  -3.255  1.00 18.90 ? 704 VAL A C   1 
ATOM   394  O  O   . VAL A 1 53 ? 5.689   17.917  -2.384  1.00 15.13 ? 704 VAL A O   1 
ATOM   395  C  CB  . VAL A 1 53 ? 3.369   15.650  -3.067  1.00 20.83 ? 704 VAL A CB  1 
ATOM   396  C  CG1 . VAL A 1 53 ? 2.713   16.646  -2.138  1.00 19.69 ? 704 VAL A CG1 1 
ATOM   397  C  CG2 . VAL A 1 53 ? 2.970   15.886  -4.497  1.00 19.76 ? 704 VAL A CG2 1 
ATOM   398  N  N   . LYS A 1 54 ? 5.752   17.264  -4.542  1.00 21.44 ? 705 LYS A N   1 
ATOM   399  C  CA  . LYS A 1 54 ? 6.332   18.495  -5.073  1.00 22.38 ? 705 LYS A CA  1 
ATOM   400  C  C   . LYS A 1 54 ? 5.596   19.781  -4.754  1.00 21.48 ? 705 LYS A C   1 
ATOM   401  O  O   . LYS A 1 54 ? 6.173   20.739  -4.236  1.00 19.18 ? 705 LYS A O   1 
ATOM   402  C  CB  . LYS A 1 54 ? 6.463   18.372  -6.593  1.00 24.35 ? 705 LYS A CB  1 
ATOM   403  C  CG  . LYS A 1 54 ? 7.140   19.542  -7.282  1.00 29.31 ? 705 LYS A CG  1 
ATOM   404  C  CD  . LYS A 1 54 ? 7.388   19.256  -8.762  1.00 31.64 ? 705 LYS A CD  1 
ATOM   405  C  CE  . LYS A 1 54 ? 6.112   19.348  -9.585  1.00 35.33 ? 705 LYS A CE  1 
ATOM   406  N  NZ  . LYS A 1 54 ? 6.408   19.517  -11.041 1.00 39.87 ? 705 LYS A NZ  1 
ATOM   407  N  N   . ASN A 1 55 ? 4.313   19.800  -5.083  1.00 18.22 ? 706 ASN A N   1 
ATOM   408  C  CA  . ASN A 1 55 ? 3.494   20.978  -4.862  1.00 17.94 ? 706 ASN A CA  1 
ATOM   409  C  C   . ASN A 1 55 ? 2.024   20.591  -4.892  1.00 16.47 ? 706 ASN A C   1 
ATOM   410  O  O   . ASN A 1 55 ? 1.697   19.416  -5.071  1.00 14.94 ? 706 ASN A O   1 
ATOM   411  C  CB  . ASN A 1 55 ? 3.789   22.046  -5.938  1.00 18.02 ? 706 ASN A CB  1 
ATOM   412  C  CG  . ASN A 1 55 ? 3.614   21.522  -7.367  1.00 22.64 ? 706 ASN A CG  1 
ATOM   413  O  OD1 . ASN A 1 55 ? 2.788   20.650  -7.624  1.00 17.20 ? 706 ASN A OD1 1 
ATOM   414  N  ND2 . ASN A 1 55 ? 4.390   22.071  -8.301  1.00 19.97 ? 706 ASN A ND2 1 
ATOM   415  N  N   . THR A 1 56 ? 1.142   21.573  -4.731  1.00 17.06 ? 707 THR A N   1 
ATOM   416  C  CA  . THR A 1 56 ? -0.290  21.297  -4.709  1.00 17.72 ? 707 THR A CA  1 
ATOM   417  C  C   . THR A 1 56 ? -0.834  20.791  -6.040  1.00 16.78 ? 707 THR A C   1 
ATOM   418  O  O   . THR A 1 56 ? -1.681  19.896  -6.059  1.00 15.51 ? 707 THR A O   1 
ATOM   419  C  CB  . THR A 1 56 ? -1.089  22.537  -4.252  1.00 19.49 ? 707 THR A CB  1 
ATOM   420  O  OG1 . THR A 1 56 ? -0.524  23.045  -3.033  1.00 18.85 ? 707 THR A OG1 1 
ATOM   421  C  CG2 . THR A 1 56 ? -2.545  22.155  -3.989  1.00 17.66 ? 707 THR A CG2 1 
ATOM   422  N  N   . ASP A 1 57 ? -0.362  21.352  -7.151  1.00 15.35 ? 708 ASP A N   1 
ATOM   423  C  CA  . ASP A 1 57 ? -0.824  20.892  -8.457  1.00 16.13 ? 708 ASP A CA  1 
ATOM   424  C  C   . ASP A 1 57 ? -0.526  19.394  -8.617  1.00 15.42 ? 708 ASP A C   1 
ATOM   425  O  O   . ASP A 1 57 ? -1.370  18.633  -9.094  1.00 15.91 ? 708 ASP A O   1 
ATOM   426  C  CB  . ASP A 1 57 ? -0.151  21.685  -9.588  1.00 17.08 ? 708 ASP A CB  1 
ATOM   427  C  CG  . ASP A 1 57 ? -0.632  23.129  -9.656  1.00 24.52 ? 708 ASP A CG  1 
ATOM   428  O  OD1 . ASP A 1 57 ? -1.775  23.389  -9.232  1.00 26.07 ? 708 ASP A OD1 1 
ATOM   429  O  OD2 . ASP A 1 57 ? 0.117   23.998  -10.150 1.00 25.98 ? 708 ASP A OD2 1 
ATOM   430  N  N   . LYS A 1 58 ? 0.666   18.965  -8.209  1.00 14.07 ? 709 LYS A N   1 
ATOM   431  C  CA  . LYS A 1 58 ? 1.029   17.553  -8.322  1.00 14.90 ? 709 LYS A CA  1 
ATOM   432  C  C   . LYS A 1 58 ? 0.107   16.692  -7.454  1.00 15.08 ? 709 LYS A C   1 
ATOM   433  O  O   . LYS A 1 58 ? -0.379  15.644  -7.889  1.00 13.89 ? 709 LYS A O   1 
ATOM   434  C  CB  . LYS A 1 58 ? 2.482   17.336  -7.900  1.00 16.60 ? 709 LYS A CB  1 
ATOM   435  C  CG  . LYS A 1 58 ? 2.931   15.892  -8.013  1.00 23.93 ? 709 LYS A CG  1 
ATOM   436  C  CD  . LYS A 1 58 ? 2.851   15.403  -9.447  1.00 29.27 ? 709 LYS A CD  1 
ATOM   437  C  CE  . LYS A 1 58 ? 2.999   13.898  -9.507  1.00 40.27 ? 709 LYS A CE  1 
ATOM   438  N  NZ  . LYS A 1 58 ? 3.629   13.378  -8.262  1.00 44.83 ? 709 LYS A NZ  1 
ATOM   439  N  N   . LEU A 1 59 ? -0.128  17.143  -6.225  1.00 13.12 ? 710 LEU A N   1 
ATOM   440  C  CA  . LEU A 1 59 ? -0.999  16.427  -5.294  1.00 13.31 ? 710 LEU A CA  1 
ATOM   441  C  C   . LEU A 1 59 ? -2.388  16.245  -5.906  1.00 14.73 ? 710 LEU A C   1 
ATOM   442  O  O   . LEU A 1 59 ? -2.972  15.164  -5.848  1.00 11.15 ? 710 LEU A O   1 
ATOM   443  C  CB  . LEU A 1 59 ? -1.110  17.211  -3.979  1.00 13.97 ? 710 LEU A CB  1 
ATOM   444  C  CG  . LEU A 1 59 ? -2.048  16.673  -2.891  1.00 15.92 ? 710 LEU A CG  1 
ATOM   445  C  CD1 . LEU A 1 59 ? -1.632  15.262  -2.484  1.00 12.57 ? 710 LEU A CD1 1 
ATOM   446  C  CD2 . LEU A 1 59 ? -2.016  17.613  -1.692  1.00 16.23 ? 710 LEU A CD2 1 
ATOM   447  N  N   . THR A 1 60 ? -2.910  17.310  -6.504  1.00 12.42 ? 711 THR A N   1 
ATOM   448  C  CA  . THR A 1 60 ? -4.225  17.264  -7.126  1.00 15.99 ? 711 THR A CA  1 
ATOM   449  C  C   . THR A 1 60 ? -4.287  16.202  -8.231  1.00 16.14 ? 711 THR A C   1 
ATOM   450  O  O   . THR A 1 60 ? -5.292  15.496  -8.357  1.00 15.20 ? 711 THR A O   1 
ATOM   451  C  CB  . THR A 1 60 ? -4.594  18.656  -7.689  1.00 17.69 ? 711 THR A CB  1 
ATOM   452  O  OG1 . THR A 1 60 ? -4.663  19.588  -6.603  1.00 17.81 ? 711 THR A OG1 1 
ATOM   453  C  CG2 . THR A 1 60 ? -5.944  18.622  -8.400  1.00 22.54 ? 711 THR A CG2 1 
ATOM   454  N  N   . THR A 1 61 ? -3.215  16.070  -9.014  1.00 17.38 ? 712 THR A N   1 
ATOM   455  C  CA  . THR A 1 61 ? -3.193  15.082  -10.094 1.00 16.42 ? 712 THR A CA  1 
ATOM   456  C  C   . THR A 1 61 ? -3.193  13.649  -9.556  1.00 15.39 ? 712 THR A C   1 
ATOM   457  O  O   . THR A 1 61 ? -3.763  12.752  -10.176 1.00 14.90 ? 712 THR A O   1 
ATOM   458  C  CB  . THR A 1 61 ? -1.969  15.269  -11.025 1.00 20.31 ? 712 THR A CB  1 
ATOM   459  O  OG1 . THR A 1 61 ? -0.773  14.863  -10.352 1.00 26.47 ? 712 THR A OG1 1 
ATOM   460  C  CG2 . THR A 1 61 ? -1.840  16.718  -11.431 1.00 20.25 ? 712 THR A CG2 1 
ATOM   461  N  N   . LEU A 1 62 ? -2.558  13.424  -8.409  1.00 13.73 ? 713 LEU A N   1 
ATOM   462  C  CA  . LEU A 1 62 ? -2.543  12.084  -7.827  1.00 13.00 ? 713 LEU A CA  1 
ATOM   463  C  C   . LEU A 1 62 ? -3.942  11.769  -7.283  1.00 15.34 ? 713 LEU A C   1 
ATOM   464  O  O   . LEU A 1 62 ? -4.426  10.645  -7.422  1.00 13.10 ? 713 LEU A O   1 
ATOM   465  C  CB  . LEU A 1 62 ? -1.511  11.992  -6.693  1.00 11.82 ? 713 LEU A CB  1 
ATOM   466  C  CG  . LEU A 1 62 ? -0.069  12.400  -7.039  1.00 17.66 ? 713 LEU A CG  1 
ATOM   467  C  CD1 . LEU A 1 62 ? 0.818   12.263  -5.797  1.00 17.42 ? 713 LEU A CD1 1 
ATOM   468  C  CD2 . LEU A 1 62 ? 0.462   11.541  -8.181  1.00 21.40 ? 713 LEU A CD2 1 
HETATM 469  N  N   . MSE A 1 63 ? -4.595  12.754  -6.665  1.00 14.08 ? 714 MSE A N   1 
HETATM 470  C  CA  . MSE A 1 63 ? -5.934  12.530  -6.131  1.00 14.10 ? 714 MSE A CA  1 
HETATM 471  C  C   . MSE A 1 63 ? -6.931  12.301  -7.265  1.00 16.37 ? 714 MSE A C   1 
HETATM 472  O  O   . MSE A 1 63 ? -7.835  11.475  -7.135  1.00 14.74 ? 714 MSE A O   1 
HETATM 473  C  CB  . MSE A 1 63 ? -6.358  13.708  -5.253  1.00 13.93 ? 714 MSE A CB  1 
HETATM 474  C  CG  . MSE A 1 63 ? -5.507  13.833  -4.002  1.00 14.53 ? 714 MSE A CG  1 
HETATM 475  SE SE  . MSE A 1 63 ? -6.282  15.060  -2.739  1.00 31.33 ? 714 MSE A SE  1 
HETATM 476  C  CE  . MSE A 1 63 ? -5.889  16.713  -3.628  1.00 18.19 ? 714 MSE A CE  1 
ATOM   477  N  N   . ASP A 1 64 ? -6.764  13.019  -8.376  1.00 17.12 ? 715 ASP A N   1 
ATOM   478  C  CA  . ASP A 1 64 ? -7.647  12.852  -9.531  1.00 19.61 ? 715 ASP A CA  1 
ATOM   479  C  C   . ASP A 1 64 ? -7.508  11.439  -10.124 1.00 19.28 ? 715 ASP A C   1 
ATOM   480  O  O   . ASP A 1 64 ? -8.503  10.838  -10.524 1.00 20.48 ? 715 ASP A O   1 
ATOM   481  C  CB  . ASP A 1 64 ? -7.350  13.918  -10.593 1.00 20.97 ? 715 ASP A CB  1 
ATOM   482  C  CG  . ASP A 1 64 ? -7.882  15.287  -10.202 1.00 26.10 ? 715 ASP A CG  1 
ATOM   483  O  OD1 . ASP A 1 64 ? -8.612  15.380  -9.190  1.00 31.87 ? 715 ASP A OD1 1 
ATOM   484  O  OD2 . ASP A 1 64 ? -7.585  16.270  -10.911 1.00 28.87 ? 715 ASP A OD2 1 
ATOM   485  N  N   . LYS A 1 65 ? -6.284  10.915  -10.180 1.00 18.27 ? 716 LYS A N   1 
ATOM   486  C  CA  . LYS A 1 65 ? -6.037  9.560   -10.681 1.00 20.36 ? 716 LYS A CA  1 
ATOM   487  C  C   . LYS A 1 65 ? -6.780  8.531   -9.819  1.00 19.05 ? 716 LYS A C   1 
ATOM   488  O  O   . LYS A 1 65 ? -7.386  7.594   -10.333 1.00 19.65 ? 716 LYS A O   1 
ATOM   489  C  CB  . LYS A 1 65 ? -4.545  9.226   -10.644 1.00 21.94 ? 716 LYS A CB  1 
ATOM   490  C  CG  . LYS A 1 65 ? -3.766  9.691   -11.859 1.00 31.63 ? 716 LYS A CG  1 
ATOM   491  C  CD  . LYS A 1 65 ? -2.591  8.759   -12.134 1.00 38.18 ? 716 LYS A CD  1 
ATOM   492  C  CE  . LYS A 1 65 ? -3.052  7.419   -12.710 1.00 44.12 ? 716 LYS A CE  1 
ATOM   493  N  NZ  . LYS A 1 65 ? -2.848  7.325   -14.189 1.00 44.31 ? 716 LYS A NZ  1 
ATOM   494  N  N   . LEU A 1 66 ? -6.719  8.706   -8.504  1.00 14.80 ? 717 LEU A N   1 
ATOM   495  C  CA  . LEU A 1 66 ? -7.398  7.801   -7.582  1.00 15.75 ? 717 LEU A CA  1 
ATOM   496  C  C   . LEU A 1 66 ? -8.917  7.933   -7.673  1.00 16.72 ? 717 LEU A C   1 
ATOM   497  O  O   . LEU A 1 66 ? -9.630  6.934   -7.602  1.00 18.51 ? 717 LEU A O   1 
ATOM   498  C  CB  . LEU A 1 66 ? -6.967  8.092   -6.145  1.00 14.16 ? 717 LEU A CB  1 
ATOM   499  C  CG  . LEU A 1 66 ? -5.537  7.683   -5.776  1.00 19.82 ? 717 LEU A CG  1 
ATOM   500  C  CD1 . LEU A 1 66 ? -5.062  8.475   -4.572  1.00 16.08 ? 717 LEU A CD1 1 
ATOM   501  C  CD2 . LEU A 1 66 ? -5.492  6.187   -5.494  1.00 15.77 ? 717 LEU A CD2 1 
ATOM   502  N  N   . ARG A 1 67 ? -9.409  9.159   -7.844  1.00 17.28 ? 718 ARG A N   1 
ATOM   503  C  CA  . ARG A 1 67 ? -10.849 9.381   -7.900  1.00 17.88 ? 718 ARG A CA  1 
ATOM   504  C  C   . ARG A 1 67 ? -11.476 8.797   -9.158  1.00 19.23 ? 718 ARG A C   1 
ATOM   505  O  O   . ARG A 1 67 ? -12.661 8.462   -9.165  1.00 19.72 ? 718 ARG A O   1 
ATOM   506  C  CB  . ARG A 1 67 ? -11.170 10.886  -7.766  1.00 17.39 ? 718 ARG A CB  1 
ATOM   507  C  CG  . ARG A 1 67 ? -12.593 11.171  -7.273  1.00 21.80 ? 718 ARG A CG  1 
ATOM   508  C  CD  . ARG A 1 67 ? -12.888 12.666  -7.115  1.00 20.98 ? 718 ARG A CD  1 
ATOM   509  N  NE  . ARG A 1 67 ? -12.103 13.294  -6.052  1.00 22.64 ? 718 ARG A NE  1 
ATOM   510  C  CZ  . ARG A 1 67 ? -10.971 13.960  -6.250  1.00 21.83 ? 718 ARG A CZ  1 
ATOM   511  N  NH1 . ARG A 1 67 ? -10.488 14.089  -7.476  1.00 23.33 ? 718 ARG A NH1 1 
ATOM   512  N  NH2 . ARG A 1 67 ? -10.329 14.504  -5.227  1.00 20.07 ? 718 ARG A NH2 1 
ATOM   513  N  N   . LYS A 1 68 ? -10.675 8.653   -10.212 1.00 20.61 ? 719 LYS A N   1 
ATOM   514  C  CA  . LYS A 1 68 ? -11.167 8.108   -11.470 1.00 22.36 ? 719 LYS A CA  1 
ATOM   515  C  C   . LYS A 1 68 ? -11.251 6.587   -11.499 1.00 23.90 ? 719 LYS A C   1 
ATOM   516  O  O   . LYS A 1 68 ? -11.779 6.015   -12.451 1.00 25.78 ? 719 LYS A O   1 
ATOM   517  C  CB  . LYS A 1 68 ? -10.310 8.610   -12.637 1.00 23.55 ? 719 LYS A CB  1 
ATOM   518  C  CG  . LYS A 1 68 ? -10.567 10.070  -12.988 1.00 29.66 ? 719 LYS A CG  1 
ATOM   519  C  CD  . LYS A 1 68 ? -9.678  10.539  -14.133 1.00 39.88 ? 719 LYS A CD  1 
ATOM   520  C  CE  . LYS A 1 68 ? -9.838  12.033  -14.374 1.00 43.63 ? 719 LYS A CE  1 
ATOM   521  N  NZ  . LYS A 1 68 ? -8.575  12.646  -14.878 1.00 48.92 ? 719 LYS A NZ  1 
ATOM   522  N  N   . VAL A 1 69 ? -10.735 5.929   -10.467 1.00 18.44 ? 720 VAL A N   1 
ATOM   523  C  CA  . VAL A 1 69 ? -10.807 4.474   -10.412 1.00 17.68 ? 720 VAL A CA  1 
ATOM   524  C  C   . VAL A 1 69 ? -12.249 4.071   -10.082 1.00 18.47 ? 720 VAL A C   1 
ATOM   525  O  O   . VAL A 1 69 ? -12.778 4.421   -9.024  1.00 17.50 ? 720 VAL A O   1 
ATOM   526  C  CB  . VAL A 1 69 ? -9.853  3.900   -9.339  1.00 17.43 ? 720 VAL A CB  1 
ATOM   527  C  CG1 . VAL A 1 69 ? -10.052 2.393   -9.220  1.00 19.90 ? 720 VAL A CG1 1 
ATOM   528  C  CG2 . VAL A 1 69 ? -8.407  4.211   -9.719  1.00 15.32 ? 720 VAL A CG2 1 
ATOM   529  N  N   . GLN A 1 70 ? -12.889 3.345   -10.998 1.00 17.73 ? 721 GLN A N   1 
ATOM   530  C  CA  . GLN A 1 70 ? -14.261 2.902   -10.785 1.00 18.19 ? 721 GLN A CA  1 
ATOM   531  C  C   . GLN A 1 70 ? -14.284 2.022   -9.543  1.00 17.52 ? 721 GLN A C   1 
ATOM   532  O  O   . GLN A 1 70 ? -13.527 1.055   -9.432  1.00 19.80 ? 721 GLN A O   1 
ATOM   533  C  CB  . GLN A 1 70 ? -14.766 2.140   -12.016 1.00 17.96 ? 721 GLN A CB  1 
ATOM   534  C  CG  . GLN A 1 70 ? -14.932 3.026   -13.246 1.00 15.86 ? 721 GLN A CG  1 
ATOM   535  C  CD  . GLN A 1 70 ? -15.884 4.175   -13.001 1.00 18.43 ? 721 GLN A CD  1 
ATOM   536  O  OE1 . GLN A 1 70 ? -16.986 3.980   -12.488 1.00 21.51 ? 721 GLN A OE1 1 
ATOM   537  N  NE2 . GLN A 1 70 ? -15.475 5.381   -13.380 1.00 21.36 ? 721 GLN A NE2 1 
ATOM   538  N  N   . GLY A 1 71 ? -15.161 2.367   -8.608  1.00 16.04 ? 722 GLY A N   1 
ATOM   539  C  CA  . GLY A 1 71 ? -15.252 1.629   -7.363  1.00 16.78 ? 722 GLY A CA  1 
ATOM   540  C  C   . GLY A 1 71 ? -14.838 2.514   -6.190  1.00 15.36 ? 722 GLY A C   1 
ATOM   541  O  O   . GLY A 1 71 ? -15.093 2.171   -5.035  1.00 16.16 ? 722 GLY A O   1 
ATOM   542  N  N   . VAL A 1 72 ? -14.180 3.640   -6.472  1.00 13.14 ? 723 VAL A N   1 
ATOM   543  C  CA  . VAL A 1 72 ? -13.776 4.573   -5.415  1.00 11.86 ? 723 VAL A CA  1 
ATOM   544  C  C   . VAL A 1 72 ? -14.949 5.531   -5.175  1.00 13.67 ? 723 VAL A C   1 
ATOM   545  O  O   . VAL A 1 72 ? -15.545 6.046   -6.132  1.00 12.90 ? 723 VAL A O   1 
ATOM   546  C  CB  . VAL A 1 72 ? -12.534 5.417   -5.822  1.00 14.23 ? 723 VAL A CB  1 
ATOM   547  C  CG1 . VAL A 1 72 ? -12.303 6.543   -4.802  1.00 11.32 ? 723 VAL A CG1 1 
ATOM   548  C  CG2 . VAL A 1 72 ? -11.300 4.525   -5.902  1.00 13.75 ? 723 VAL A CG2 1 
ATOM   549  N  N   . PHE A 1 73 ? -15.285 5.765   -3.909  1.00 10.58 ? 724 PHE A N   1 
ATOM   550  C  CA  . PHE A 1 73 ? -16.376 6.677   -3.576  1.00 14.00 ? 724 PHE A CA  1 
ATOM   551  C  C   . PHE A 1 73 ? -15.889 8.108   -3.388  1.00 14.00 ? 724 PHE A C   1 
ATOM   552  O  O   . PHE A 1 73 ? -16.439 9.033   -3.981  1.00 12.77 ? 724 PHE A O   1 
ATOM   553  C  CB  . PHE A 1 73 ? -17.097 6.230   -2.304  1.00 13.88 ? 724 PHE A CB  1 
ATOM   554  C  CG  . PHE A 1 73 ? -17.746 4.883   -2.423  1.00 18.55 ? 724 PHE A CG  1 
ATOM   555  C  CD1 . PHE A 1 73 ? -18.483 4.554   -3.555  1.00 21.95 ? 724 PHE A CD1 1 
ATOM   556  C  CD2 . PHE A 1 73 ? -17.623 3.946   -1.407  1.00 17.02 ? 724 PHE A CD2 1 
ATOM   557  C  CE1 . PHE A 1 73 ? -19.090 3.307   -3.674  1.00 27.72 ? 724 PHE A CE1 1 
ATOM   558  C  CE2 . PHE A 1 73 ? -18.225 2.693   -1.519  1.00 23.07 ? 724 PHE A CE2 1 
ATOM   559  C  CZ  . PHE A 1 73 ? -18.958 2.375   -2.654  1.00 22.62 ? 724 PHE A CZ  1 
ATOM   560  N  N   . THR A 1 74 ? -14.846 8.283   -2.579  1.00 13.80 ? 725 THR A N   1 
ATOM   561  C  CA  . THR A 1 74 ? -14.304 9.611   -2.306  1.00 12.88 ? 725 THR A CA  1 
ATOM   562  C  C   . THR A 1 74 ? -12.780 9.624   -2.189  1.00 11.85 ? 725 THR A C   1 
ATOM   563  O  O   . THR A 1 74 ? -12.165 8.621   -1.834  1.00 10.26 ? 725 THR A O   1 
ATOM   564  C  CB  . THR A 1 74 ? -14.850 10.184  -0.952  1.00 14.29 ? 725 THR A CB  1 
ATOM   565  O  OG1 . THR A 1 74 ? -14.451 9.329   0.131   1.00 18.12 ? 725 THR A OG1 1 
ATOM   566  C  CG2 . THR A 1 74 ? -16.379 10.283  -0.966  1.00 18.44 ? 725 THR A CG2 1 
ATOM   567  N  N   . VAL A 1 75 ? -12.186 10.768  -2.512  1.00 10.33 ? 726 VAL A N   1 
ATOM   568  C  CA  . VAL A 1 75 ? -10.751 10.984  -2.375  1.00 10.07 ? 726 VAL A CA  1 
ATOM   569  C  C   . VAL A 1 75 ? -10.682 12.429  -1.871  1.00 13.29 ? 726 VAL A C   1 
ATOM   570  O  O   . VAL A 1 75 ? -11.210 13.345  -2.509  1.00 12.78 ? 726 VAL A O   1 
ATOM   571  C  CB  . VAL A 1 75 ? -9.975  10.871  -3.705  1.00 12.05 ? 726 VAL A CB  1 
ATOM   572  C  CG1 . VAL A 1 75 ? -8.488  11.150  -3.451  1.00 10.62 ? 726 VAL A CG1 1 
ATOM   573  C  CG2 . VAL A 1 75 ? -10.156 9.480   -4.294  1.00 11.18 ? 726 VAL A CG2 1 
ATOM   574  N  N   . GLU A 1 76 ? -10.052 12.631  -0.723  1.00 14.31 ? 727 GLU A N   1 
ATOM   575  C  CA  . GLU A 1 76 ? -9.940  13.968  -0.153  1.00 15.66 ? 727 GLU A CA  1 
ATOM   576  C  C   . GLU A 1 76 ? -8.556  14.152  0.437   1.00 15.54 ? 727 GLU A C   1 
ATOM   577  O  O   . GLU A 1 76 ? -7.884  13.176  0.781   1.00 14.81 ? 727 GLU A O   1 
ATOM   578  C  CB  . GLU A 1 76 ? -10.988 14.167  0.959   1.00 18.87 ? 727 GLU A CB  1 
ATOM   579  C  CG  . GLU A 1 76 ? -10.653 13.450  2.274   1.00 26.09 ? 727 GLU A CG  1 
ATOM   580  C  CD  . GLU A 1 76 ? -11.869 13.182  3.162   1.00 39.72 ? 727 GLU A CD  1 
ATOM   581  O  OE1 . GLU A 1 76 ? -12.182 14.016  4.039   1.00 40.53 ? 727 GLU A OE1 1 
ATOM   582  O  OE2 . GLU A 1 76 ? -12.521 12.134  2.961   1.00 35.94 ? 727 GLU A OE2 1 
ATOM   583  N  N   . ARG A 1 77 ? -8.123  15.402  0.529   1.00 12.68 ? 728 ARG A N   1 
ATOM   584  C  CA  . ARG A 1 77 ? -6.837  15.702  1.134   1.00 14.57 ? 728 ARG A CA  1 
ATOM   585  C  C   . ARG A 1 77 ? -7.051  15.746  2.656   1.00 18.42 ? 728 ARG A C   1 
ATOM   586  O  O   . ARG A 1 77 ? -8.025  16.321  3.150   1.00 18.20 ? 728 ARG A O   1 
ATOM   587  C  CB  . ARG A 1 77 ? -6.324  17.058  0.667   1.00 15.48 ? 728 ARG A CB  1 
ATOM   588  C  CG  . ARG A 1 77 ? -4.986  17.425  1.263   1.00 10.21 ? 728 ARG A CG  1 
ATOM   589  C  CD  . ARG A 1 77 ? -4.488  18.708  0.654   1.00 13.29 ? 728 ARG A CD  1 
ATOM   590  N  NE  . ARG A 1 77 ? -3.292  19.180  1.331   1.00 16.38 ? 728 ARG A NE  1 
ATOM   591  C  CZ  . ARG A 1 77 ? -2.619  20.263  0.972   1.00 16.10 ? 728 ARG A CZ  1 
ATOM   592  N  NH1 . ARG A 1 77 ? -3.035  20.982  -0.062  1.00 15.99 ? 728 ARG A NH1 1 
ATOM   593  N  NH2 . ARG A 1 77 ? -1.546  20.636  1.658   1.00 14.44 ? 728 ARG A NH2 1 
ATOM   594  N  N   . LEU A 1 78 ? -6.129  15.132  3.388   1.00 19.97 ? 729 LEU A N   1 
ATOM   595  C  CA  . LEU A 1 78 ? -6.179  15.090  4.848   1.00 24.39 ? 729 LEU A CA  1 
ATOM   596  C  C   . LEU A 1 78 ? -5.361  16.226  5.442   1.00 27.30 ? 729 LEU A C   1 
ATOM   597  O  O   . LEU A 1 78 ? -4.383  16.667  4.837   1.00 28.15 ? 729 LEU A O   1 
ATOM   598  C  CB  . LEU A 1 78 ? -5.575  13.781  5.364   1.00 26.15 ? 729 LEU A CB  1 
ATOM   599  C  CG  . LEU A 1 78 ? -6.355  12.474  5.237   1.00 28.43 ? 729 LEU A CG  1 
ATOM   600  C  CD1 . LEU A 1 78 ? -5.506  11.320  5.752   1.00 28.03 ? 729 LEU A CD1 1 
ATOM   601  C  CD2 . LEU A 1 78 ? -7.653  12.582  6.036   1.00 23.98 ? 729 LEU A CD2 1 
ATOM   602  N  N   . SER A 1 79 ? -5.765  16.712  6.615   1.00 30.33 ? 730 SER A N   1 
ATOM   603  C  CA  . SER A 1 79 ? -4.995  17.758  7.286   1.00 33.51 ? 730 SER A CA  1 
ATOM   604  C  C   . SER A 1 79 ? -4.518  17.276  8.663   1.00 34.17 ? 730 SER A C   1 
ATOM   605  O  O   . SER A 1 79 ? -5.028  16.290  9.205   1.00 37.18 ? 730 SER A O   1 
ATOM   606  C  CB  . SER A 1 79 ? -5.787  19.066  7.416   1.00 34.33 ? 730 SER A CB  1 
ATOM   607  O  OG  . SER A 1 79 ? -6.943  18.924  8.209   1.00 36.69 ? 730 SER A OG  1 
ATOM   608  N  N   . ASN A 1 80 ? -3.529  17.984  9.205   1.00 35.37 ? 731 ASN A N   1 
ATOM   609  C  CA  . ASN A 1 80 ? -2.890  17.662  10.487  1.00 35.73 ? 731 ASN A CA  1 
ATOM   610  C  C   . ASN A 1 80 ? -1.629  16.828  10.180  1.00 36.25 ? 731 ASN A C   1 
ATOM   611  O  O   . ASN A 1 80 ? -0.861  16.515  11.116  1.00 35.67 ? 731 ASN A O   1 
ATOM   612  C  CB  . ASN A 1 80 ? -3.840  16.877  11.397  1.00 35.32 ? 731 ASN A CB  1 
ATOM   613  N  N   . THR B 1 2  ? -11.377 -22.543 1.139   1.00 38.15 ? 653 THR B N   1 
ATOM   614  C  CA  . THR B 1 2  ? -10.013 -22.996 1.531   1.00 37.50 ? 653 THR B CA  1 
ATOM   615  C  C   . THR B 1 2  ? -9.045  -21.822 1.679   1.00 35.63 ? 653 THR B C   1 
ATOM   616  O  O   . THR B 1 2  ? -7.945  -21.981 2.208   1.00 36.38 ? 653 THR B O   1 
ATOM   617  C  CB  . THR B 1 2  ? -9.483  -24.005 0.521   1.00 36.97 ? 653 THR B CB  1 
ATOM   618  N  N   . ASP B 1 3  ? -9.452  -20.648 1.203   1.00 34.54 ? 654 ASP B N   1 
ATOM   619  C  CA  . ASP B 1 3  ? -8.630  -19.448 1.342   1.00 31.59 ? 654 ASP B CA  1 
ATOM   620  C  C   . ASP B 1 3  ? -8.594  -19.092 2.835   1.00 28.56 ? 654 ASP B C   1 
ATOM   621  O  O   . ASP B 1 3  ? -9.590  -19.243 3.547   1.00 29.58 ? 654 ASP B O   1 
ATOM   622  C  CB  . ASP B 1 3  ? -9.251  -18.280 0.572   1.00 33.11 ? 654 ASP B CB  1 
ATOM   623  C  CG  . ASP B 1 3  ? -9.183  -18.466 -0.926  1.00 38.56 ? 654 ASP B CG  1 
ATOM   624  O  OD1 . ASP B 1 3  ? -9.059  -19.625 -1.373  1.00 41.26 ? 654 ASP B OD1 1 
ATOM   625  O  OD2 . ASP B 1 3  ? -9.259  -17.456 -1.658  1.00 44.49 ? 654 ASP B OD2 1 
ATOM   626  N  N   . PHE B 1 4  ? -7.444  -18.629 3.313   1.00 22.83 ? 655 PHE B N   1 
ATOM   627  C  CA  . PHE B 1 4  ? -7.319  -18.243 4.714   1.00 19.29 ? 655 PHE B CA  1 
ATOM   628  C  C   . PHE B 1 4  ? -6.583  -16.925 4.851   1.00 18.66 ? 655 PHE B C   1 
ATOM   629  O  O   . PHE B 1 4  ? -5.860  -16.508 3.948   1.00 16.09 ? 655 PHE B O   1 
ATOM   630  C  CB  . PHE B 1 4  ? -6.583  -19.319 5.519   1.00 19.86 ? 655 PHE B CB  1 
ATOM   631  C  CG  . PHE B 1 4  ? -5.206  -19.639 5.006   1.00 22.00 ? 655 PHE B CG  1 
ATOM   632  C  CD1 . PHE B 1 4  ? -4.081  -18.991 5.513   1.00 18.81 ? 655 PHE B CD1 1 
ATOM   633  C  CD2 . PHE B 1 4  ? -5.035  -20.606 4.020   1.00 21.31 ? 655 PHE B CD2 1 
ATOM   634  C  CE1 . PHE B 1 4  ? -2.808  -19.315 5.056   1.00 22.55 ? 655 PHE B CE1 1 
ATOM   635  C  CE2 . PHE B 1 4  ? -3.767  -20.936 3.556   1.00 22.81 ? 655 PHE B CE2 1 
ATOM   636  C  CZ  . PHE B 1 4  ? -2.652  -20.290 4.074   1.00 22.34 ? 655 PHE B CZ  1 
ATOM   637  N  N   . LEU B 1 5  ? -6.795  -16.269 5.985   1.00 19.38 ? 656 LEU B N   1 
ATOM   638  C  CA  . LEU B 1 5  ? -6.156  -14.998 6.284   1.00 18.96 ? 656 LEU B CA  1 
ATOM   639  C  C   . LEU B 1 5  ? -4.739  -15.270 6.804   1.00 18.93 ? 656 LEU B C   1 
ATOM   640  O  O   . LEU B 1 5  ? -4.532  -16.137 7.659   1.00 18.51 ? 656 LEU B O   1 
ATOM   641  C  CB  . LEU B 1 5  ? -6.967  -14.254 7.350   1.00 18.03 ? 656 LEU B CB  1 
ATOM   642  C  CG  . LEU B 1 5  ? -6.440  -12.901 7.814   1.00 24.33 ? 656 LEU B CG  1 
ATOM   643  C  CD1 . LEU B 1 5  ? -6.773  -11.836 6.781   1.00 28.28 ? 656 LEU B CD1 1 
ATOM   644  C  CD2 . LEU B 1 5  ? -7.067  -12.550 9.160   1.00 35.69 ? 656 LEU B CD2 1 
ATOM   645  N  N   . ALA B 1 6  ? -3.766  -14.537 6.274   1.00 15.33 ? 657 ALA B N   1 
ATOM   646  C  CA  . ALA B 1 6  ? -2.375  -14.683 6.690   1.00 14.21 ? 657 ALA B CA  1 
ATOM   647  C  C   . ALA B 1 6  ? -1.785  -13.295 6.902   1.00 15.54 ? 657 ALA B C   1 
ATOM   648  O  O   . ALA B 1 6  ? -2.256  -12.318 6.312   1.00 16.41 ? 657 ALA B O   1 
ATOM   649  C  CB  . ALA B 1 6  ? -1.582  -15.437 5.626   1.00 15.71 ? 657 ALA B CB  1 
ATOM   650  N  N   . GLY B 1 7  ? -0.770  -13.214 7.752   1.00 13.76 ? 658 GLY B N   1 
ATOM   651  C  CA  . GLY B 1 7  ? -0.127  -11.944 8.017   1.00 15.74 ? 658 GLY B CA  1 
ATOM   652  C  C   . GLY B 1 7  ? 1.356   -12.010 7.706   1.00 16.04 ? 658 GLY B C   1 
ATOM   653  O  O   . GLY B 1 7  ? 2.004   -13.039 7.902   1.00 17.13 ? 658 GLY B O   1 
ATOM   654  N  N   . ILE B 1 8  ? 1.889   -10.909 7.195   1.00 14.33 ? 659 ILE B N   1 
ATOM   655  C  CA  . ILE B 1 8  ? 3.305   -10.821 6.863   1.00 14.88 ? 659 ILE B CA  1 
ATOM   656  C  C   . ILE B 1 8  ? 3.856   -9.511  7.405   1.00 15.34 ? 659 ILE B C   1 
ATOM   657  O  O   . ILE B 1 8  ? 3.186   -8.475  7.349   1.00 13.86 ? 659 ILE B O   1 
ATOM   658  C  CB  . ILE B 1 8  ? 3.546   -10.812 5.332   1.00 17.09 ? 659 ILE B CB  1 
ATOM   659  C  CG1 . ILE B 1 8  ? 3.106   -12.139 4.722   1.00 18.10 ? 659 ILE B CG1 1 
ATOM   660  C  CG2 . ILE B 1 8  ? 5.030   -10.555 5.030   1.00 20.68 ? 659 ILE B CG2 1 
ATOM   661  C  CD1 . ILE B 1 8  ? 2.898   -12.060 3.221   1.00 17.75 ? 659 ILE B CD1 1 
ATOM   662  N  N   . ARG B 1 9  ? 5.064   -9.563  7.955   1.00 12.64 ? 660 ARG B N   1 
ATOM   663  C  CA  . ARG B 1 9  ? 5.709   -8.354  8.445   1.00 13.59 ? 660 ARG B CA  1 
ATOM   664  C  C   . ARG B 1 9  ? 7.011   -8.178  7.677   1.00 13.87 ? 660 ARG B C   1 
ATOM   665  O  O   . ARG B 1 9  ? 7.795   -9.119  7.535   1.00 12.32 ? 660 ARG B O   1 
ATOM   666  C  CB  . ARG B 1 9  ? 6.021   -8.431  9.939   1.00 14.66 ? 660 ARG B CB  1 
ATOM   667  C  CG  . ARG B 1 9  ? 6.874   -7.252  10.436  1.00 15.45 ? 660 ARG B CG  1 
ATOM   668  C  CD  . ARG B 1 9  ? 6.755   -7.099  11.954  1.00 21.56 ? 660 ARG B CD  1 
ATOM   669  N  NE  . ARG B 1 9  ? 7.627   -6.059  12.507  1.00 21.59 ? 660 ARG B NE  1 
ATOM   670  C  CZ  . ARG B 1 9  ? 7.336   -4.762  12.542  1.00 26.79 ? 660 ARG B CZ  1 
ATOM   671  N  NH1 . ARG B 1 9  ? 6.191   -4.318  12.042  1.00 25.17 ? 660 ARG B NH1 1 
ATOM   672  N  NH2 . ARG B 1 9  ? 8.186   -3.905  13.097  1.00 24.00 ? 660 ARG B NH2 1 
ATOM   673  N  N   . ILE B 1 10 ? 7.229   -6.969  7.179   1.00 12.17 ? 661 ILE B N   1 
ATOM   674  C  CA  . ILE B 1 10 ? 8.435   -6.647  6.426   1.00 12.06 ? 661 ILE B CA  1 
ATOM   675  C  C   . ILE B 1 10 ? 9.157   -5.498  7.123   1.00 11.67 ? 661 ILE B C   1 
ATOM   676  O  O   . ILE B 1 10 ? 8.528   -4.518  7.527   1.00 11.77 ? 661 ILE B O   1 
ATOM   677  C  CB  . ILE B 1 10 ? 8.085   -6.196  4.979   1.00 12.54 ? 661 ILE B CB  1 
ATOM   678  C  CG1 . ILE B 1 10 ? 7.276   -7.288  4.278   1.00 14.20 ? 661 ILE B CG1 1 
ATOM   679  C  CG2 . ILE B 1 10 ? 9.359   -5.889  4.188   1.00 11.75 ? 661 ILE B CG2 1 
ATOM   680  C  CD1 . ILE B 1 10 ? 5.912   -6.822  3.833   1.00 19.53 ? 661 ILE B CD1 1 
ATOM   681  N  N   . VAL B 1 11 ? 10.470  -5.630  7.290   1.00 11.84 ? 662 VAL B N   1 
ATOM   682  C  CA  . VAL B 1 11 ? 11.265  -4.567  7.887   1.00 11.96 ? 662 VAL B CA  1 
ATOM   683  C  C   . VAL B 1 11 ? 12.472  -4.370  6.974   1.00 11.56 ? 662 VAL B C   1 
ATOM   684  O  O   . VAL B 1 11 ? 13.054  -5.338  6.480   1.00 13.51 ? 662 VAL B O   1 
ATOM   685  C  CB  . VAL B 1 11 ? 11.739  -4.903  9.325   1.00 15.85 ? 662 VAL B CB  1 
ATOM   686  C  CG1 . VAL B 1 11 ? 12.476  -3.699  9.920   1.00 14.46 ? 662 VAL B CG1 1 
ATOM   687  C  CG2 . VAL B 1 11 ? 10.537  -5.257  10.192  1.00 13.22 ? 662 VAL B CG2 1 
ATOM   688  N  N   . GLY B 1 12 ? 12.822  -3.110  6.731   1.00 14.46 ? 663 GLY B N   1 
ATOM   689  C  CA  . GLY B 1 12 ? 13.956  -2.800  5.877   1.00 15.13 ? 663 GLY B CA  1 
ATOM   690  C  C   . GLY B 1 12 ? 14.387  -1.349  6.017   1.00 16.23 ? 663 GLY B C   1 
ATOM   691  O  O   . GLY B 1 12 ? 13.876  -0.625  6.874   1.00 16.52 ? 663 GLY B O   1 
ATOM   692  N  N   . GLU B 1 13 ? 15.344  -0.929  5.194   1.00 17.93 ? 664 GLU B N   1 
ATOM   693  C  CA  . GLU B 1 13 ? 15.803  0.453   5.224   1.00 21.14 ? 664 GLU B CA  1 
ATOM   694  C  C   . GLU B 1 13 ? 14.994  1.225   4.178   1.00 23.62 ? 664 GLU B C   1 
ATOM   695  O  O   . GLU B 1 13 ? 14.724  0.724   3.084   1.00 25.07 ? 664 GLU B O   1 
ATOM   696  C  CB  . GLU B 1 13 ? 17.309  0.542   4.932   1.00 20.64 ? 664 GLU B CB  1 
ATOM   697  C  CG  . GLU B 1 13 ? 17.771  -0.253  3.740   1.00 22.66 ? 664 GLU B CG  1 
ATOM   698  C  CD  . GLU B 1 13 ? 19.264  -0.114  3.482   1.00 28.64 ? 664 GLU B CD  1 
ATOM   699  O  OE1 . GLU B 1 13 ? 19.969  0.534   4.290   1.00 26.26 ? 664 GLU B OE1 1 
ATOM   700  O  OE2 . GLU B 1 13 ? 19.733  -0.662  2.467   1.00 27.98 ? 664 GLU B OE2 1 
ATOM   701  N  N   . ASP B 1 14 ? 14.593  2.441   4.528   1.00 24.74 ? 665 ASP B N   1 
ATOM   702  C  CA  . ASP B 1 14 ? 13.793  3.273   3.633   1.00 26.28 ? 665 ASP B CA  1 
ATOM   703  C  C   . ASP B 1 14 ? 14.679  4.012   2.645   1.00 28.71 ? 665 ASP B C   1 
ATOM   704  O  O   . ASP B 1 14 ? 14.942  5.200   2.798   1.00 30.37 ? 665 ASP B O   1 
ATOM   705  C  CB  . ASP B 1 14 ? 12.972  4.261   4.465   1.00 25.26 ? 665 ASP B CB  1 
ATOM   706  C  CG  . ASP B 1 14 ? 12.151  5.205   3.610   1.00 27.25 ? 665 ASP B CG  1 
ATOM   707  O  OD1 . ASP B 1 14 ? 11.696  4.785   2.530   1.00 26.15 ? 665 ASP B OD1 1 
ATOM   708  O  OD2 . ASP B 1 14 ? 11.947  6.364   4.018   1.00 30.09 ? 665 ASP B OD2 1 
ATOM   709  N  N   . LYS B 1 15 ? 15.111  3.303   1.611   1.00 29.33 ? 666 LYS B N   1 
ATOM   710  C  CA  . LYS B 1 15 ? 15.997  3.879   0.617   1.00 33.09 ? 666 LYS B CA  1 
ATOM   711  C  C   . LYS B 1 15 ? 15.648  3.473   -0.803  1.00 35.07 ? 666 LYS B C   1 
ATOM   712  O  O   . LYS B 1 15 ? 15.190  2.354   -1.033  1.00 36.28 ? 666 LYS B O   1 
ATOM   713  C  CB  . LYS B 1 15 ? 17.446  3.436   0.921   1.00 33.68 ? 666 LYS B CB  1 
ATOM   714  N  N   . ASN B 1 16 ? 15.839  4.397   -1.740  1.00 36.95 ? 667 ASN B N   1 
ATOM   715  C  CA  . ASN B 1 16 ? 15.657  4.094   -3.151  1.00 36.68 ? 667 ASN B CA  1 
ATOM   716  C  C   . ASN B 1 16 ? 14.278  3.696   -3.649  1.00 35.31 ? 667 ASN B C   1 
ATOM   717  O  O   . ASN B 1 16 ? 14.152  2.809   -4.498  1.00 38.16 ? 667 ASN B O   1 
ATOM   718  C  CB  . ASN B 1 16 ? 16.690  3.001   -3.520  1.00 38.38 ? 667 ASN B CB  1 
ATOM   719  N  N   . GLY B 1 17 ? 13.252  4.353   -3.132  1.00 33.22 ? 668 GLY B N   1 
ATOM   720  C  CA  . GLY B 1 17 ? 11.909  4.024   -3.561  1.00 33.11 ? 668 GLY B CA  1 
ATOM   721  C  C   . GLY B 1 17 ? 11.392  2.715   -2.994  1.00 31.91 ? 668 GLY B C   1 
ATOM   722  O  O   . GLY B 1 17 ? 10.533  2.060   -3.588  1.00 30.22 ? 668 GLY B O   1 
HETATM 723  N  N   . MSE B 1 18 ? 11.958  2.326   -1.857  1.00 30.37 ? 669 MSE B N   1 
HETATM 724  C  CA  . MSE B 1 18 ? 11.582  1.116   -1.127  1.00 28.43 ? 669 MSE B CA  1 
HETATM 725  C  C   . MSE B 1 18 ? 10.079  0.851   -1.106  1.00 25.97 ? 669 MSE B C   1 
HETATM 726  O  O   . MSE B 1 18 ? 9.603   -0.190  -1.552  1.00 27.57 ? 669 MSE B O   1 
HETATM 727  C  CB  . MSE B 1 18 ? 12.026  1.254   0.338   1.00 30.27 ? 669 MSE B CB  1 
HETATM 728  C  CG  . MSE B 1 18 ? 11.423  0.230   1.315   1.00 16.80 ? 669 MSE B CG  1 
HETATM 729  SE SE  . MSE B 1 18 ? 12.124  -1.503  0.921   1.00 59.96 ? 669 MSE B SE  1 
HETATM 730  C  CE  . MSE B 1 18 ? 12.277  -2.199  2.718   1.00 46.25 ? 669 MSE B CE  1 
ATOM   731  N  N   . THR B 1 19 ? 9.336   1.817   -0.577  1.00 26.55 ? 670 THR B N   1 
ATOM   732  C  CA  . THR B 1 19 ? 7.895   1.680   -0.422  1.00 25.23 ? 670 THR B CA  1 
ATOM   733  C  C   . THR B 1 19 ? 7.127   1.406   -1.694  1.00 21.49 ? 670 THR B C   1 
ATOM   734  O  O   . THR B 1 19 ? 6.184   0.617   -1.692  1.00 19.05 ? 670 THR B O   1 
ATOM   735  C  CB  . THR B 1 19 ? 7.298   2.919   0.290   1.00 27.81 ? 670 THR B CB  1 
ATOM   736  O  OG1 . THR B 1 19 ? 7.966   3.114   1.544   1.00 35.96 ? 670 THR B OG1 1 
ATOM   737  C  CG2 . THR B 1 19 ? 5.812   2.717   0.551   1.00 30.64 ? 670 THR B CG2 1 
ATOM   738  N  N   . ASN B 1 20 ? 7.538   2.046   -2.778  1.00 17.51 ? 671 ASN B N   1 
ATOM   739  C  CA  . ASN B 1 20 ? 6.875   1.861   -4.060  1.00 18.90 ? 671 ASN B CA  1 
ATOM   740  C  C   . ASN B 1 20 ? 7.086   0.443   -4.572  1.00 17.45 ? 671 ASN B C   1 
ATOM   741  O  O   . ASN B 1 20 ? 6.180   -0.159  -5.150  1.00 18.89 ? 671 ASN B O   1 
ATOM   742  C  CB  . ASN B 1 20 ? 7.419   2.853   -5.090  1.00 18.19 ? 671 ASN B CB  1 
ATOM   743  C  CG  . ASN B 1 20 ? 7.240   4.295   -4.667  1.00 23.64 ? 671 ASN B CG  1 
ATOM   744  O  OD1 . ASN B 1 20 ? 6.121   4.799   -4.581  1.00 33.87 ? 671 ASN B OD1 1 
ATOM   745  N  ND2 . ASN B 1 20 ? 8.349   4.966   -4.389  1.00 32.72 ? 671 ASN B ND2 1 
ATOM   746  N  N   . GLN B 1 21 ? 8.287   -0.086  -4.369  1.00 16.63 ? 672 GLN B N   1 
ATOM   747  C  CA  . GLN B 1 21 ? 8.592   -1.436  -4.816  1.00 17.74 ? 672 GLN B CA  1 
ATOM   748  C  C   . GLN B 1 21 ? 7.800   -2.462  -4.016  1.00 15.64 ? 672 GLN B C   1 
ATOM   749  O  O   . GLN B 1 21 ? 7.230   -3.389  -4.585  1.00 17.56 ? 672 GLN B O   1 
ATOM   750  C  CB  . GLN B 1 21 ? 10.094  -1.706  -4.697  1.00 18.29 ? 672 GLN B CB  1 
ATOM   751  C  CG  . GLN B 1 21 ? 10.909  -0.967  -5.744  1.00 28.70 ? 672 GLN B CG  1 
ATOM   752  C  CD  . GLN B 1 21 ? 12.121  -1.755  -6.171  1.00 35.72 ? 672 GLN B CD  1 
ATOM   753  O  OE1 . GLN B 1 21 ? 12.973  -2.092  -5.352  1.00 41.06 ? 672 GLN B OE1 1 
ATOM   754  N  NE2 . GLN B 1 21 ? 12.210  -2.054  -7.462  1.00 41.78 ? 672 GLN B NE2 1 
ATOM   755  N  N   . ILE B 1 22 ? 7.763   -2.289  -2.699  1.00 14.73 ? 673 ILE B N   1 
ATOM   756  C  CA  . ILE B 1 22 ? 7.025   -3.202  -1.828  1.00 15.64 ? 673 ILE B CA  1 
ATOM   757  C  C   . ILE B 1 22 ? 5.528   -3.200  -2.157  1.00 15.08 ? 673 ILE B C   1 
ATOM   758  O  O   . ILE B 1 22 ? 4.914   -4.257  -2.298  1.00 15.58 ? 673 ILE B O   1 
ATOM   759  C  CB  . ILE B 1 22 ? 7.202   -2.817  -0.337  1.00 17.66 ? 673 ILE B CB  1 
ATOM   760  C  CG1 . ILE B 1 22 ? 8.645   -3.082  0.104   1.00 17.57 ? 673 ILE B CG1 1 
ATOM   761  C  CG2 . ILE B 1 22 ? 6.210   -3.593  0.529   1.00 15.16 ? 673 ILE B CG2 1 
ATOM   762  C  CD1 . ILE B 1 22 ? 9.087   -4.529  -0.036  1.00 18.23 ? 673 ILE B CD1 1 
ATOM   763  N  N   . THR B 1 23 ? 4.941   -2.013  -2.277  1.00 14.53 ? 674 THR B N   1 
ATOM   764  C  CA  . THR B 1 23 ? 3.515   -1.915  -2.581  1.00 15.28 ? 674 THR B CA  1 
ATOM   765  C  C   . THR B 1 23 ? 3.227   -2.467  -3.975  1.00 15.50 ? 674 THR B C   1 
ATOM   766  O  O   . THR B 1 23 ? 2.167   -3.053  -4.208  1.00 17.26 ? 674 THR B O   1 
ATOM   767  C  CB  . THR B 1 23 ? 3.014   -0.455  -2.478  1.00 15.74 ? 674 THR B CB  1 
ATOM   768  O  OG1 . THR B 1 23 ? 3.783   0.376   -3.350  1.00 22.16 ? 674 THR B OG1 1 
ATOM   769  C  CG2 . THR B 1 23 ? 3.150   0.052   -1.041  1.00 22.10 ? 674 THR B CG2 1 
ATOM   770  N  N   . GLY B 1 24 ? 4.176   -2.283  -4.891  1.00 12.26 ? 675 GLY B N   1 
ATOM   771  C  CA  . GLY B 1 24 ? 4.021   -2.787  -6.245  1.00 12.94 ? 675 GLY B CA  1 
ATOM   772  C  C   . GLY B 1 24 ? 3.964   -4.307  -6.259  1.00 14.68 ? 675 GLY B C   1 
ATOM   773  O  O   . GLY B 1 24 ? 3.106   -4.900  -6.916  1.00 15.66 ? 675 GLY B O   1 
ATOM   774  N  N   . VAL B 1 25 ? 4.881   -4.942  -5.533  1.00 12.58 ? 676 VAL B N   1 
ATOM   775  C  CA  . VAL B 1 25 ? 4.923   -6.405  -5.461  1.00 14.44 ? 676 VAL B CA  1 
ATOM   776  C  C   . VAL B 1 25 ? 3.649   -6.974  -4.851  1.00 14.46 ? 676 VAL B C   1 
ATOM   777  O  O   . VAL B 1 25 ? 3.058   -7.913  -5.387  1.00 15.67 ? 676 VAL B O   1 
ATOM   778  C  CB  . VAL B 1 25 ? 6.123   -6.894  -4.607  1.00 13.87 ? 676 VAL B CB  1 
ATOM   779  C  CG1 . VAL B 1 25 ? 5.977   -8.390  -4.290  1.00 15.91 ? 676 VAL B CG1 1 
ATOM   780  C  CG2 . VAL B 1 25 ? 7.426   -6.643  -5.356  1.00 15.78 ? 676 VAL B CG2 1 
ATOM   781  N  N   . ILE B 1 26 ? 3.224   -6.401  -3.734  1.00 15.40 ? 677 ILE B N   1 
ATOM   782  C  CA  . ILE B 1 26 ? 2.030   -6.882  -3.051  1.00 17.10 ? 677 ILE B CA  1 
ATOM   783  C  C   . ILE B 1 26 ? 0.760   -6.721  -3.873  1.00 17.03 ? 677 ILE B C   1 
ATOM   784  O  O   . ILE B 1 26 ? -0.076  -7.622  -3.921  1.00 16.34 ? 677 ILE B O   1 
ATOM   785  C  CB  . ILE B 1 26 ? 1.837   -6.158  -1.696  1.00 18.60 ? 677 ILE B CB  1 
ATOM   786  C  CG1 . ILE B 1 26 ? 3.011   -6.472  -0.761  1.00 21.70 ? 677 ILE B CG1 1 
ATOM   787  C  CG2 . ILE B 1 26 ? 0.524   -6.598  -1.051  1.00 24.58 ? 677 ILE B CG2 1 
ATOM   788  C  CD1 . ILE B 1 26 ? 3.124   -5.518  0.420   1.00 26.10 ? 677 ILE B CD1 1 
ATOM   789  N  N   . SER B 1 27 ? 0.614   -5.579  -4.532  1.00 15.30 ? 678 SER B N   1 
ATOM   790  C  CA  . SER B 1 27 ? -0.583  -5.344  -5.323  1.00 15.44 ? 678 SER B CA  1 
ATOM   791  C  C   . SER B 1 27 ? -0.673  -6.213  -6.565  1.00 18.17 ? 678 SER B C   1 
ATOM   792  O  O   . SER B 1 27 ? -1.759  -6.655  -6.930  1.00 16.49 ? 678 SER B O   1 
ATOM   793  C  CB  . SER B 1 27 ? -0.670  -3.875  -5.733  1.00 16.47 ? 678 SER B CB  1 
ATOM   794  O  OG  . SER B 1 27 ? 0.421   -3.513  -6.558  1.00 21.11 ? 678 SER B OG  1 
ATOM   795  N  N   . LYS B 1 28 ? 0.466   -6.465  -7.206  1.00 16.79 ? 679 LYS B N   1 
ATOM   796  C  CA  . LYS B 1 28 ? 0.501   -7.268  -8.425  1.00 20.92 ? 679 LYS B CA  1 
ATOM   797  C  C   . LYS B 1 28 ? 0.300   -8.757  -8.201  1.00 20.48 ? 679 LYS B C   1 
ATOM   798  O  O   . LYS B 1 28 ? -0.139  -9.476  -9.100  1.00 19.34 ? 679 LYS B O   1 
ATOM   799  C  CB  . LYS B 1 28 ? 1.838   -7.077  -9.157  1.00 21.03 ? 679 LYS B CB  1 
ATOM   800  C  CG  . LYS B 1 28 ? 1.953   -5.791  -9.971  1.00 28.33 ? 679 LYS B CG  1 
ATOM   801  C  CD  . LYS B 1 28 ? 3.234   -5.758  -10.808 1.00 38.30 ? 679 LYS B CD  1 
ATOM   802  C  CE  . LYS B 1 28 ? 3.565   -4.340  -11.267 1.00 42.54 ? 679 LYS B CE  1 
ATOM   803  N  NZ  . LYS B 1 28 ? 3.761   -3.413  -10.110 1.00 42.09 ? 679 LYS B NZ  1 
ATOM   804  N  N   . PHE B 1 29 ? 0.612   -9.213  -6.997  1.00 20.45 ? 680 PHE B N   1 
ATOM   805  C  CA  . PHE B 1 29 ? 0.511   -10.628 -6.673  1.00 22.93 ? 680 PHE B CA  1 
ATOM   806  C  C   . PHE B 1 29 ? -0.923  -11.117 -6.544  1.00 23.73 ? 680 PHE B C   1 
ATOM   807  O  O   . PHE B 1 29 ? -1.832  -10.337 -6.256  1.00 24.55 ? 680 PHE B O   1 
ATOM   808  C  CB  . PHE B 1 29 ? 1.275   -10.913 -5.373  1.00 22.41 ? 680 PHE B CB  1 
ATOM   809  C  CG  . PHE B 1 29 ? 1.661   -12.361 -5.192  1.00 27.00 ? 680 PHE B CG  1 
ATOM   810  C  CD1 . PHE B 1 29 ? 2.819   -12.866 -5.777  1.00 23.90 ? 680 PHE B CD1 1 
ATOM   811  C  CD2 . PHE B 1 29 ? 0.846   -13.224 -4.471  1.00 24.86 ? 680 PHE B CD2 1 
ATOM   812  C  CE1 . PHE B 1 29 ? 3.160   -14.210 -5.636  1.00 30.45 ? 680 PHE B CE1 1 
ATOM   813  C  CE2 . PHE B 1 29 ? 1.178   -14.568 -4.327  1.00 26.25 ? 680 PHE B CE2 1 
ATOM   814  C  CZ  . PHE B 1 29 ? 2.336   -15.063 -4.910  1.00 26.82 ? 680 PHE B CZ  1 
ATOM   815  N  N   . ASP B 1 30 ? -1.111  -12.415 -6.768  1.00 24.07 ? 681 ASP B N   1 
ATOM   816  C  CA  . ASP B 1 30 ? -2.423  -13.046 -6.668  1.00 25.82 ? 681 ASP B CA  1 
ATOM   817  C  C   . ASP B 1 30 ? -2.828  -13.264 -5.211  1.00 25.53 ? 681 ASP B C   1 
ATOM   818  O  O   . ASP B 1 30 ? -2.745  -14.380 -4.693  1.00 25.99 ? 681 ASP B O   1 
ATOM   819  C  CB  . ASP B 1 30 ? -2.428  -14.391 -7.404  1.00 26.98 ? 681 ASP B CB  1 
ATOM   820  C  CG  . ASP B 1 30 ? -3.764  -15.115 -7.298  1.00 33.86 ? 681 ASP B CG  1 
ATOM   821  O  OD1 . ASP B 1 30 ? -4.762  -14.480 -6.895  1.00 31.44 ? 681 ASP B OD1 1 
ATOM   822  O  OD2 . ASP B 1 30 ? -3.815  -16.317 -7.633  1.00 36.73 ? 681 ASP B OD2 1 
ATOM   823  N  N   . THR B 1 31 ? -3.251  -12.185 -4.556  1.00 24.30 ? 682 THR B N   1 
ATOM   824  C  CA  . THR B 1 31 ? -3.708  -12.223 -3.169  1.00 26.40 ? 682 THR B CA  1 
ATOM   825  C  C   . THR B 1 31 ? -4.762  -11.133 -2.962  1.00 24.79 ? 682 THR B C   1 
ATOM   826  O  O   . THR B 1 31 ? -4.905  -10.234 -3.790  1.00 27.12 ? 682 THR B O   1 
ATOM   827  C  CB  . THR B 1 31 ? -2.566  -11.961 -2.166  1.00 28.00 ? 682 THR B CB  1 
ATOM   828  O  OG1 . THR B 1 31 ? -1.941  -10.706 -2.466  1.00 31.92 ? 682 THR B OG1 1 
ATOM   829  C  CG2 . THR B 1 31 ? -1.536  -13.070 -2.225  1.00 35.02 ? 682 THR B CG2 1 
ATOM   830  N  N   . ASN B 1 32 ? -5.507  -11.224 -1.867  1.00 19.84 ? 683 ASN B N   1 
ATOM   831  C  CA  . ASN B 1 32 ? -6.525  -10.226 -1.566  1.00 19.76 ? 683 ASN B CA  1 
ATOM   832  C  C   . ASN B 1 32 ? -6.073  -9.443  -0.327  1.00 16.59 ? 683 ASN B C   1 
ATOM   833  O  O   . ASN B 1 32 ? -6.151  -9.932  0.798   1.00 16.92 ? 683 ASN B O   1 
ATOM   834  C  CB  . ASN B 1 32 ? -7.874  -10.901 -1.307  1.00 20.11 ? 683 ASN B CB  1 
ATOM   835  C  CG  . ASN B 1 32 ? -8.979  -9.905  -1.029  1.00 24.94 ? 683 ASN B CG  1 
ATOM   836  O  OD1 . ASN B 1 32 ? -8.751  -8.694  -1.000  1.00 23.53 ? 683 ASN B OD1 1 
ATOM   837  N  ND2 . ASN B 1 32 ? -10.189 -10.409 -0.819  1.00 28.76 ? 683 ASN B ND2 1 
ATOM   838  N  N   . ILE B 1 33 ? -5.598  -8.222  -0.539  1.00 14.76 ? 684 ILE B N   1 
ATOM   839  C  CA  . ILE B 1 33 ? -5.136  -7.401  0.576   1.00 14.81 ? 684 ILE B CA  1 
ATOM   840  C  C   . ILE B 1 33 ? -6.288  -7.029  1.500   1.00 14.92 ? 684 ILE B C   1 
ATOM   841  O  O   . ILE B 1 33 ? -7.321  -6.534  1.050   1.00 18.22 ? 684 ILE B O   1 
ATOM   842  C  CB  . ILE B 1 33 ? -4.468  -6.100  0.071   1.00 15.39 ? 684 ILE B CB  1 
ATOM   843  C  CG1 . ILE B 1 33 ? -3.214  -6.442  -0.745  1.00 15.10 ? 684 ILE B CG1 1 
ATOM   844  C  CG2 . ILE B 1 33 ? -4.113  -5.200  1.261   1.00 14.34 ? 684 ILE B CG2 1 
ATOM   845  C  CD1 . ILE B 1 33 ? -2.707  -5.284  -1.587  1.00 19.45 ? 684 ILE B CD1 1 
ATOM   846  N  N   . ARG B 1 34 ? -6.109  -7.268  2.795   1.00 11.38 ? 685 ARG B N   1 
ATOM   847  C  CA  . ARG B 1 34 ? -7.142  -6.943  3.775   1.00 14.92 ? 685 ARG B CA  1 
ATOM   848  C  C   . ARG B 1 34 ? -6.768  -5.727  4.621   1.00 14.47 ? 685 ARG B C   1 
ATOM   849  O  O   . ARG B 1 34 ? -7.615  -4.880  4.919   1.00 12.37 ? 685 ARG B O   1 
ATOM   850  C  CB  . ARG B 1 34 ? -7.378  -8.128  4.708   1.00 12.44 ? 685 ARG B CB  1 
ATOM   851  C  CG  . ARG B 1 34 ? -7.868  -9.399  4.026   1.00 18.71 ? 685 ARG B CG  1 
ATOM   852  C  CD  . ARG B 1 34 ? -9.359  -9.350  3.749   1.00 29.98 ? 685 ARG B CD  1 
ATOM   853  N  NE  . ARG B 1 34 ? -9.647  -8.700  2.482   1.00 32.88 ? 685 ARG B NE  1 
ATOM   854  C  CZ  . ARG B 1 34 ? -10.752 -8.014  2.216   1.00 26.90 ? 685 ARG B CZ  1 
ATOM   855  N  NH1 . ARG B 1 34 ? -11.708 -7.884  3.129   1.00 23.73 ? 685 ARG B NH1 1 
ATOM   856  N  NH2 . ARG B 1 34 ? -10.894 -7.451  1.026   1.00 26.23 ? 685 ARG B NH2 1 
ATOM   857  N  N   . THR B 1 35 ? -5.495  -5.643  4.992   1.00 13.73 ? 686 THR B N   1 
ATOM   858  C  CA  . THR B 1 35 ? -5.020  -4.548  5.823   1.00 11.56 ? 686 THR B CA  1 
ATOM   859  C  C   . THR B 1 35 ? -3.558  -4.246  5.533   1.00 12.33 ? 686 THR B C   1 
ATOM   860  O  O   . THR B 1 35 ? -2.771  -5.157  5.293   1.00 9.21  ? 686 THR B O   1 
ATOM   861  C  CB  . THR B 1 35 ? -5.094  -4.923  7.330   1.00 16.95 ? 686 THR B CB  1 
ATOM   862  O  OG1 . THR B 1 35 ? -6.359  -5.528  7.621   1.00 20.81 ? 686 THR B OG1 1 
ATOM   863  C  CG2 . THR B 1 35 ? -4.917  -3.696  8.202   1.00 20.85 ? 686 THR B CG2 1 
ATOM   864  N  N   . ILE B 1 36 ? -3.210  -2.965  5.542   1.00 9.37  ? 687 ILE B N   1 
ATOM   865  C  CA  . ILE B 1 36 ? -1.824  -2.549  5.352   1.00 11.89 ? 687 ILE B CA  1 
ATOM   866  C  C   . ILE B 1 36 ? -1.511  -1.490  6.406   1.00 11.50 ? 687 ILE B C   1 
ATOM   867  O  O   . ILE B 1 36 ? -2.261  -0.522  6.554   1.00 12.39 ? 687 ILE B O   1 
ATOM   868  C  CB  . ILE B 1 36 ? -1.542  -1.873  3.968   1.00 12.52 ? 687 ILE B CB  1 
ATOM   869  C  CG1 . ILE B 1 36 ? -1.709  -2.874  2.829   1.00 17.04 ? 687 ILE B CG1 1 
ATOM   870  C  CG2 . ILE B 1 36 ? -0.102  -1.284  3.955   1.00 10.07 ? 687 ILE B CG2 1 
ATOM   871  C  CD1 . ILE B 1 36 ? -1.718  -2.213  1.443   1.00 15.09 ? 687 ILE B CD1 1 
ATOM   872  N  N   . VAL B 1 37 ? -0.445  -1.689  7.175   1.00 11.19 ? 688 VAL B N   1 
ATOM   873  C  CA  . VAL B 1 37 ? -0.004  -0.668  8.131   1.00 11.78 ? 688 VAL B CA  1 
ATOM   874  C  C   . VAL B 1 37 ? 1.485   -0.537  7.783   1.00 13.71 ? 688 VAL B C   1 
ATOM   875  O  O   . VAL B 1 37 ? 2.324   -1.324  8.234   1.00 10.94 ? 688 VAL B O   1 
ATOM   876  C  CB  . VAL B 1 37 ? -0.182  -1.070  9.597   1.00 15.19 ? 688 VAL B CB  1 
ATOM   877  C  CG1 . VAL B 1 37 ? 0.408   0.028   10.484  1.00 17.06 ? 688 VAL B CG1 1 
ATOM   878  C  CG2 . VAL B 1 37 ? -1.673  -1.249  9.898   1.00 14.42 ? 688 VAL B CG2 1 
ATOM   879  N  N   . LEU B 1 38 ? 1.792   0.481   6.984   1.00 12.08 ? 689 LEU B N   1 
ATOM   880  C  CA  . LEU B 1 38 ? 3.135   0.731   6.489   1.00 12.82 ? 689 LEU B CA  1 
ATOM   881  C  C   . LEU B 1 38 ? 3.643   2.097   6.922   1.00 13.80 ? 689 LEU B C   1 
ATOM   882  O  O   . LEU B 1 38 ? 2.925   3.088   6.831   1.00 11.02 ? 689 LEU B O   1 
ATOM   883  C  CB  . LEU B 1 38 ? 3.087   0.608   4.956   1.00 13.14 ? 689 LEU B CB  1 
ATOM   884  C  CG  . LEU B 1 38 ? 4.323   0.821   4.076   1.00 11.35 ? 689 LEU B CG  1 
ATOM   885  C  CD1 . LEU B 1 38 ? 4.158   0.059   2.762   1.00 17.69 ? 689 LEU B CD1 1 
ATOM   886  C  CD2 . LEU B 1 38 ? 4.524   2.303   3.809   1.00 14.64 ? 689 LEU B CD2 1 
ATOM   887  N  N   . ASN B 1 39 ? 4.876   2.144   7.412   1.00 12.09 ? 690 ASN B N   1 
ATOM   888  C  CA  . ASN B 1 39 ? 5.459   3.410   7.834   1.00 16.26 ? 690 ASN B CA  1 
ATOM   889  C  C   . ASN B 1 39 ? 6.923   3.450   7.430   1.00 17.57 ? 690 ASN B C   1 
ATOM   890  O  O   . ASN B 1 39 ? 7.630   2.454   7.552   1.00 16.12 ? 690 ASN B O   1 
ATOM   891  C  CB  . ASN B 1 39 ? 5.355   3.598   9.354   1.00 17.37 ? 690 ASN B CB  1 
ATOM   892  C  CG  . ASN B 1 39 ? 3.922   3.714   9.842   1.00 27.11 ? 690 ASN B CG  1 
ATOM   893  O  OD1 . ASN B 1 39 ? 3.328   2.741   10.306  1.00 33.13 ? 690 ASN B OD1 1 
ATOM   894  N  ND2 . ASN B 1 39 ? 3.353   4.909   9.726   1.00 30.97 ? 690 ASN B ND2 1 
ATOM   895  N  N   . ALA B 1 40 ? 7.374   4.598   6.933   1.00 19.17 ? 691 ALA B N   1 
ATOM   896  C  CA  . ALA B 1 40 ? 8.771   4.768   6.538   1.00 23.17 ? 691 ALA B CA  1 
ATOM   897  C  C   . ALA B 1 40 ? 9.236   6.102   7.099   1.00 25.64 ? 691 ALA B C   1 
ATOM   898  O  O   . ALA B 1 40 ? 8.924   7.161   6.556   1.00 28.03 ? 691 ALA B O   1 
ATOM   899  C  CB  . ALA B 1 40 ? 8.903   4.758   5.025   1.00 22.14 ? 691 ALA B CB  1 
ATOM   900  N  N   . LYS B 1 41 ? 9.992   6.043   8.188   1.00 28.92 ? 692 LYS B N   1 
ATOM   901  C  CA  . LYS B 1 41 ? 10.490  7.247   8.833   1.00 30.29 ? 692 LYS B CA  1 
ATOM   902  C  C   . LYS B 1 41 ? 11.891  7.038   9.376   1.00 30.12 ? 692 LYS B C   1 
ATOM   903  O  O   . LYS B 1 41 ? 12.269  5.925   9.738   1.00 27.61 ? 692 LYS B O   1 
ATOM   904  C  CB  . LYS B 1 41 ? 9.579   7.640   10.003  1.00 32.28 ? 692 LYS B CB  1 
ATOM   905  C  CG  . LYS B 1 41 ? 9.508   6.601   11.130  1.00 37.27 ? 692 LYS B CG  1 
ATOM   906  C  CD  . LYS B 1 41 ? 9.102   7.235   12.455  1.00 49.16 ? 692 LYS B CD  1 
ATOM   907  C  CE  . LYS B 1 41 ? 8.559   6.197   13.424  1.00 53.64 ? 692 LYS B CE  1 
ATOM   908  N  NZ  . LYS B 1 41 ? 8.002   6.812   14.663  1.00 56.27 ? 692 LYS B NZ  1 
ATOM   909  N  N   . ASP B 1 42 ? 12.664  8.112   9.427   1.00 29.15 ? 693 ASP B N   1 
ATOM   910  C  CA  . ASP B 1 42 ? 14.010  8.035   9.966   1.00 28.27 ? 693 ASP B CA  1 
ATOM   911  C  C   . ASP B 1 42 ? 14.850  6.901   9.388   1.00 26.12 ? 693 ASP B C   1 
ATOM   912  O  O   . ASP B 1 42 ? 15.605  6.240   10.107  1.00 27.27 ? 693 ASP B O   1 
ATOM   913  C  CB  . ASP B 1 42 ? 13.933  7.928   11.496  1.00 28.55 ? 693 ASP B CB  1 
ATOM   914  C  CG  . ASP B 1 42 ? 13.284  9.153   12.137  1.00 34.59 ? 693 ASP B CG  1 
ATOM   915  O  OD1 . ASP B 1 42 ? 13.630  10.283  11.734  1.00 37.29 ? 693 ASP B OD1 1 
ATOM   916  O  OD2 . ASP B 1 42 ? 12.446  8.988   13.051  1.00 40.33 ? 693 ASP B OD2 1 
ATOM   917  N  N   . GLY B 1 43 ? 14.685  6.675   8.088   1.00 23.95 ? 694 GLY B N   1 
ATOM   918  C  CA  . GLY B 1 43 ? 15.448  5.662   7.385   1.00 24.74 ? 694 GLY B CA  1 
ATOM   919  C  C   . GLY B 1 43 ? 15.056  4.213   7.543   1.00 22.19 ? 694 GLY B C   1 
ATOM   920  O  O   . GLY B 1 43 ? 15.701  3.331   6.981   1.00 21.99 ? 694 GLY B O   1 
ATOM   921  N  N   . ILE B 1 44 ? 13.996  3.966   8.297   1.00 21.51 ? 695 ILE B N   1 
ATOM   922  C  CA  . ILE B 1 44 ? 13.535  2.608   8.535   1.00 18.38 ? 695 ILE B CA  1 
ATOM   923  C  C   . ILE B 1 44 ? 12.137  2.376   7.969   1.00 19.11 ? 695 ILE B C   1 
ATOM   924  O  O   . ILE B 1 44 ? 11.268  3.234   8.080   1.00 18.27 ? 695 ILE B O   1 
ATOM   925  C  CB  . ILE B 1 44 ? 13.516  2.300   10.053  1.00 20.58 ? 695 ILE B CB  1 
ATOM   926  C  CG1 . ILE B 1 44 ? 14.936  2.401   10.628  1.00 23.60 ? 695 ILE B CG1 1 
ATOM   927  C  CG2 . ILE B 1 44 ? 12.914  0.926   10.305  1.00 19.61 ? 695 ILE B CG2 1 
ATOM   928  C  CD1 . ILE B 1 44 ? 15.964  1.505   9.947   1.00 19.65 ? 695 ILE B CD1 1 
ATOM   929  N  N   . PHE B 1 45 ? 11.937  1.202   7.380   1.00 15.21 ? 696 PHE B N   1 
ATOM   930  C  CA  . PHE B 1 45 ? 10.666  0.808   6.781   1.00 16.39 ? 696 PHE B CA  1 
ATOM   931  C  C   . PHE B 1 45 ? 10.040  -0.360  7.539   1.00 13.59 ? 696 PHE B C   1 
ATOM   932  O  O   . PHE B 1 45 ? 10.721  -1.340  7.838   1.00 13.16 ? 696 PHE B O   1 
ATOM   933  C  CB  . PHE B 1 45 ? 10.912  0.407   5.309   1.00 17.57 ? 696 PHE B CB  1 
ATOM   934  C  CG  . PHE B 1 45 ? 9.719   -0.217  4.619   1.00 21.30 ? 696 PHE B CG  1 
ATOM   935  C  CD1 . PHE B 1 45 ? 9.451   -1.578  4.742   1.00 18.12 ? 696 PHE B CD1 1 
ATOM   936  C  CD2 . PHE B 1 45 ? 8.853   0.569   3.865   1.00 20.38 ? 696 PHE B CD2 1 
ATOM   937  C  CE1 . PHE B 1 45 ? 8.341   -2.147  4.118   1.00 21.68 ? 696 PHE B CE1 1 
ATOM   938  C  CE2 . PHE B 1 45 ? 7.740   0.009   3.241   1.00 21.59 ? 696 PHE B CE2 1 
ATOM   939  C  CZ  . PHE B 1 45 ? 7.483   -1.352  3.369   1.00 18.63 ? 696 PHE B CZ  1 
ATOM   940  N  N   . THR B 1 46 ? 8.760   -0.240  7.884   1.00 13.57 ? 697 THR B N   1 
ATOM   941  C  CA  . THR B 1 46 ? 8.048   -1.343  8.527   1.00 13.29 ? 697 THR B CA  1 
ATOM   942  C  C   . THR B 1 46 ? 6.679   -1.473  7.864   1.00 13.34 ? 697 THR B C   1 
ATOM   943  O  O   . THR B 1 46 ? 6.029   -0.475  7.559   1.00 10.36 ? 697 THR B O   1 
ATOM   944  C  CB  . THR B 1 46 ? 7.835   -1.149  10.039  1.00 15.91 ? 697 THR B CB  1 
ATOM   945  O  OG1 . THR B 1 46 ? 7.112   0.061   10.276  1.00 22.05 ? 697 THR B OG1 1 
ATOM   946  C  CG2 . THR B 1 46 ? 9.169   -1.103  10.759  1.00 17.86 ? 697 THR B CG2 1 
ATOM   947  N  N   . CYS B 1 47 ? 6.252   -2.704  7.617   1.00 12.02 ? 698 CYS B N   1 
ATOM   948  C  CA  . CYS B 1 47 ? 4.950   -2.931  7.008   1.00 11.03 ? 698 CYS B CA  1 
ATOM   949  C  C   . CYS B 1 47 ? 4.326   -4.235  7.481   1.00 11.67 ? 698 CYS B C   1 
ATOM   950  O  O   . CYS B 1 47 ? 4.933   -5.301  7.344   1.00 13.24 ? 698 CYS B O   1 
ATOM   951  C  CB  . CYS B 1 47 ? 5.060   -2.968  5.478   1.00 10.78 ? 698 CYS B CB  1 
ATOM   952  S  SG  . CYS B 1 47 ? 3.493   -3.345  4.624   1.00 15.82 ? 698 CYS B SG  1 
ATOM   953  N  N   . ASN B 1 48 ? 3.138   -4.134  8.077   1.00 11.17 ? 699 ASN B N   1 
ATOM   954  C  CA  . ASN B 1 48 ? 2.379   -5.304  8.513   1.00 11.00 ? 699 ASN B CA  1 
ATOM   955  C  C   . ASN B 1 48 ? 1.241   -5.414  7.497   1.00 13.91 ? 699 ASN B C   1 
ATOM   956  O  O   . ASN B 1 48 ? 0.473   -4.469  7.292   1.00 13.60 ? 699 ASN B O   1 
ATOM   957  C  CB  . ASN B 1 48 ? 1.812   -5.122  9.920   1.00 14.17 ? 699 ASN B CB  1 
ATOM   958  C  CG  . ASN B 1 48 ? 2.857   -5.329  10.992  1.00 18.27 ? 699 ASN B CG  1 
ATOM   959  O  OD1 . ASN B 1 48 ? 3.965   -5.787  10.715  1.00 18.27 ? 699 ASN B OD1 1 
ATOM   960  N  ND2 . ASN B 1 48 ? 2.513   -4.986  12.222  1.00 22.94 ? 699 ASN B ND2 1 
ATOM   961  N  N   . LEU B 1 49 ? 1.138   -6.580  6.876   1.00 13.56 ? 700 LEU B N   1 
ATOM   962  C  CA  . LEU B 1 49 ? 0.152   -6.848  5.842   1.00 13.04 ? 700 LEU B CA  1 
ATOM   963  C  C   . LEU B 1 49 ? -0.741  -8.022  6.230   1.00 12.86 ? 700 LEU B C   1 
ATOM   964  O  O   . LEU B 1 49 ? -0.244  -9.013  6.761   1.00 14.57 ? 700 LEU B O   1 
ATOM   965  C  CB  . LEU B 1 49 ? 0.909   -7.181  4.538   1.00 13.39 ? 700 LEU B CB  1 
ATOM   966  C  CG  . LEU B 1 49 ? 0.181   -7.768  3.316   1.00 20.66 ? 700 LEU B CG  1 
ATOM   967  C  CD1 . LEU B 1 49 ? -0.694  -6.695  2.682   1.00 18.74 ? 700 LEU B CD1 1 
ATOM   968  C  CD2 . LEU B 1 49 ? 1.196   -8.286  2.296   1.00 19.41 ? 700 LEU B CD2 1 
HETATM 969  N  N   . MSE B 1 50 ? -2.051  -7.887  6.011   1.00 13.31 ? 701 MSE B N   1 
HETATM 970  C  CA  . MSE B 1 50 ? -2.985  -8.989  6.254   1.00 14.60 ? 701 MSE B CA  1 
HETATM 971  C  C   . MSE B 1 50 ? -3.571  -9.244  4.862   1.00 12.94 ? 701 MSE B C   1 
HETATM 972  O  O   . MSE B 1 50 ? -4.060  -8.328  4.199   1.00 11.04 ? 701 MSE B O   1 
HETATM 973  C  CB  . MSE B 1 50 ? -4.103  -8.614  7.232   1.00 15.70 ? 701 MSE B CB  1 
HETATM 974  C  CG  . MSE B 1 50 ? -3.624  -8.329  8.640   1.00 27.05 ? 701 MSE B CG  1 
HETATM 975  SE SE  . MSE B 1 50 ? -2.909  -9.892  9.540   1.00 51.00 ? 701 MSE B SE  1 
HETATM 976  C  CE  . MSE B 1 50 ? -4.050  -11.255 8.802   1.00 24.61 ? 701 MSE B CE  1 
ATOM   977  N  N   . ILE B 1 51 ? -3.528  -10.494 4.426   1.00 14.04 ? 702 ILE B N   1 
ATOM   978  C  CA  . ILE B 1 51 ? -4.007  -10.857 3.101   1.00 15.89 ? 702 ILE B CA  1 
ATOM   979  C  C   . ILE B 1 51 ? -4.777  -12.169 3.131   1.00 17.18 ? 702 ILE B C   1 
ATOM   980  O  O   . ILE B 1 51 ? -4.586  -12.968 4.044   1.00 16.08 ? 702 ILE B O   1 
ATOM   981  C  CB  . ILE B 1 51 ? -2.794  -11.070 2.119   1.00 17.76 ? 702 ILE B CB  1 
ATOM   982  C  CG1 . ILE B 1 51 ? -1.771  -12.031 2.752   1.00 20.31 ? 702 ILE B CG1 1 
ATOM   983  C  CG2 . ILE B 1 51 ? -2.109  -9.741  1.786   1.00 15.68 ? 702 ILE B CG2 1 
ATOM   984  C  CD1 . ILE B 1 51 ? -0.613  -12.380 1.842   1.00 22.00 ? 702 ILE B CD1 1 
ATOM   985  N  N   . PHE B 1 52 ? -5.665  -12.358 2.154   1.00 18.90 ? 703 PHE B N   1 
ATOM   986  C  CA  . PHE B 1 52 ? -6.382  -13.624 2.003   1.00 20.43 ? 703 PHE B CA  1 
ATOM   987  C  C   . PHE B 1 52 ? -5.542  -14.358 0.950   1.00 21.03 ? 703 PHE B C   1 
ATOM   988  O  O   . PHE B 1 52 ? -5.292  -13.814 -0.130  1.00 21.64 ? 703 PHE B O   1 
ATOM   989  C  CB  . PHE B 1 52 ? -7.771  -13.479 1.376   1.00 24.00 ? 703 PHE B CB  1 
ATOM   990  C  CG  . PHE B 1 52 ? -8.850  -13.124 2.339   1.00 30.63 ? 703 PHE B CG  1 
ATOM   991  C  CD1 . PHE B 1 52 ? -8.701  -13.359 3.698   1.00 40.50 ? 703 PHE B CD1 1 
ATOM   992  C  CD2 . PHE B 1 52 ? -10.051 -12.599 1.872   1.00 42.16 ? 703 PHE B CD2 1 
ATOM   993  C  CE1 . PHE B 1 52 ? -9.715  -13.027 4.592   1.00 45.48 ? 703 PHE B CE1 1 
ATOM   994  C  CE2 . PHE B 1 52 ? -11.073 -12.263 2.756   1.00 44.94 ? 703 PHE B CE2 1 
ATOM   995  C  CZ  . PHE B 1 52 ? -10.915 -12.500 4.115   1.00 46.58 ? 703 PHE B CZ  1 
ATOM   996  N  N   . VAL B 1 53 ? -5.097  -15.576 1.246   1.00 18.85 ? 704 VAL B N   1 
ATOM   997  C  CA  . VAL B 1 53 ? -4.319  -16.345 0.275   1.00 19.52 ? 704 VAL B CA  1 
ATOM   998  C  C   . VAL B 1 53 ? -5.025  -17.664 -0.018  1.00 20.36 ? 704 VAL B C   1 
ATOM   999  O  O   . VAL B 1 53 ? -5.731  -18.205 0.835   1.00 18.23 ? 704 VAL B O   1 
ATOM   1000 C  CB  . VAL B 1 53 ? -2.872  -16.629 0.768   1.00 20.96 ? 704 VAL B CB  1 
ATOM   1001 C  CG1 . VAL B 1 53 ? -2.048  -15.356 0.689   1.00 23.93 ? 704 VAL B CG1 1 
ATOM   1002 C  CG2 . VAL B 1 53 ? -2.894  -17.174 2.189   1.00 18.84 ? 704 VAL B CG2 1 
ATOM   1003 N  N   . LYS B 1 54 ? -4.846  -18.166 -1.235  1.00 20.19 ? 705 LYS B N   1 
ATOM   1004 C  CA  . LYS B 1 54 ? -5.470  -19.420 -1.639  1.00 24.32 ? 705 LYS B CA  1 
ATOM   1005 C  C   . LYS B 1 54 ? -4.852  -20.595 -0.904  1.00 24.13 ? 705 LYS B C   1 
ATOM   1006 O  O   . LYS B 1 54 ? -5.555  -21.505 -0.463  1.00 25.18 ? 705 LYS B O   1 
ATOM   1007 C  CB  . LYS B 1 54 ? -5.311  -19.631 -3.150  1.00 24.24 ? 705 LYS B CB  1 
ATOM   1008 C  CG  . LYS B 1 54 ? -6.287  -18.826 -3.994  1.00 32.01 ? 705 LYS B CG  1 
ATOM   1009 C  CD  . LYS B 1 54 ? -5.748  -18.572 -5.390  1.00 35.13 ? 705 LYS B CD  1 
ATOM   1010 C  CE  . LYS B 1 54 ? -6.650  -17.624 -6.162  1.00 40.01 ? 705 LYS B CE  1 
ATOM   1011 N  NZ  . LYS B 1 54 ? -6.219  -17.488 -7.580  1.00 43.44 ? 705 LYS B NZ  1 
ATOM   1012 N  N   . ASN B 1 55 ? -3.529  -20.562 -0.767  1.00 21.87 ? 706 ASN B N   1 
ATOM   1013 C  CA  . ASN B 1 55 ? -2.800  -21.633 -0.109  1.00 20.73 ? 706 ASN B CA  1 
ATOM   1014 C  C   . ASN B 1 55 ? -1.446  -21.156 0.412   1.00 20.72 ? 706 ASN B C   1 
ATOM   1015 O  O   . ASN B 1 55 ? -1.047  -20.015 0.182   1.00 17.76 ? 706 ASN B O   1 
ATOM   1016 C  CB  . ASN B 1 55 ? -2.616  -22.808 -1.083  1.00 21.55 ? 706 ASN B CB  1 
ATOM   1017 C  CG  . ASN B 1 55 ? -1.951  -22.398 -2.382  1.00 20.71 ? 706 ASN B CG  1 
ATOM   1018 O  OD1 . ASN B 1 55 ? -0.858  -21.831 -2.384  1.00 22.38 ? 706 ASN B OD1 1 
ATOM   1019 N  ND2 . ASN B 1 55 ? -2.606  -22.695 -3.503  1.00 19.10 ? 706 ASN B ND2 1 
ATOM   1020 N  N   . THR B 1 56 ? -0.740  -22.041 1.106   1.00 19.33 ? 707 THR B N   1 
ATOM   1021 C  CA  . THR B 1 56 ? 0.554   -21.702 1.676   1.00 17.98 ? 707 THR B CA  1 
ATOM   1022 C  C   . THR B 1 56 ? 1.603   -21.423 0.615   1.00 17.30 ? 707 THR B C   1 
ATOM   1023 O  O   . THR B 1 56 ? 2.490   -20.598 0.824   1.00 18.24 ? 707 THR B O   1 
ATOM   1024 C  CB  . THR B 1 56 ? 1.061   -22.821 2.612   1.00 19.77 ? 707 THR B CB  1 
ATOM   1025 O  OG1 . THR B 1 56 ? 0.059   -23.104 3.600   1.00 19.14 ? 707 THR B OG1 1 
ATOM   1026 C  CG2 . THR B 1 56 ? 2.341   -22.378 3.325   1.00 20.63 ? 707 THR B CG2 1 
ATOM   1027 N  N   . ASP B 1 57 ? 1.504   -22.106 -0.520  1.00 16.49 ? 708 ASP B N   1 
ATOM   1028 C  CA  . ASP B 1 57 ? 2.464   -21.899 -1.599  1.00 19.08 ? 708 ASP B CA  1 
ATOM   1029 C  C   . ASP B 1 57 ? 2.410   -20.445 -2.078  1.00 20.53 ? 708 ASP B C   1 
ATOM   1030 O  O   . ASP B 1 57 ? 3.451   -19.832 -2.328  1.00 20.34 ? 708 ASP B O   1 
ATOM   1031 C  CB  . ASP B 1 57 ? 2.186   -22.864 -2.761  1.00 20.61 ? 708 ASP B CB  1 
ATOM   1032 C  CG  . ASP B 1 57 ? 3.068   -22.593 -3.970  1.00 26.45 ? 708 ASP B CG  1 
ATOM   1033 O  OD1 . ASP B 1 57 ? 4.301   -22.478 -3.808  1.00 32.53 ? 708 ASP B OD1 1 
ATOM   1034 O  OD2 . ASP B 1 57 ? 2.525   -22.504 -5.089  1.00 34.86 ? 708 ASP B OD2 1 
ATOM   1035 N  N   . LYS B 1 58 ? 1.203   -19.894 -2.195  1.00 20.44 ? 709 LYS B N   1 
ATOM   1036 C  CA  . LYS B 1 58 ? 1.031   -18.503 -2.624  1.00 19.48 ? 709 LYS B CA  1 
ATOM   1037 C  C   . LYS B 1 58 ? 1.670   -17.574 -1.593  1.00 17.07 ? 709 LYS B C   1 
ATOM   1038 O  O   . LYS B 1 58 ? 2.379   -16.630 -1.943  1.00 16.15 ? 709 LYS B O   1 
ATOM   1039 C  CB  . LYS B 1 58 ? -0.458  -18.168 -2.759  1.00 21.90 ? 709 LYS B CB  1 
ATOM   1040 C  CG  . LYS B 1 58 ? -1.161  -18.880 -3.904  1.00 23.37 ? 709 LYS B CG  1 
ATOM   1041 C  CD  . LYS B 1 58 ? -1.013  -18.125 -5.212  1.00 30.03 ? 709 LYS B CD  1 
ATOM   1042 C  CE  . LYS B 1 58 ? -1.681  -18.877 -6.356  1.00 37.28 ? 709 LYS B CE  1 
ATOM   1043 N  NZ  . LYS B 1 58 ? -1.346  -18.284 -7.679  1.00 40.48 ? 709 LYS B NZ  1 
ATOM   1044 N  N   . LEU B 1 59 ? 1.413   -17.851 -0.320  1.00 16.30 ? 710 LEU B N   1 
ATOM   1045 C  CA  . LEU B 1 59 ? 1.961   -17.045 0.766   1.00 17.57 ? 710 LEU B CA  1 
ATOM   1046 C  C   . LEU B 1 59 ? 3.488   -17.048 0.785   1.00 17.77 ? 710 LEU B C   1 
ATOM   1047 O  O   . LEU B 1 59 ? 4.112   -15.989 0.860   1.00 18.43 ? 710 LEU B O   1 
ATOM   1048 C  CB  . LEU B 1 59 ? 1.442   -17.556 2.115   1.00 14.69 ? 710 LEU B CB  1 
ATOM   1049 C  CG  . LEU B 1 59 ? 1.952   -16.871 3.390   1.00 19.10 ? 710 LEU B CG  1 
ATOM   1050 C  CD1 . LEU B 1 59 ? 1.561   -15.397 3.391   1.00 14.24 ? 710 LEU B CD1 1 
ATOM   1051 C  CD2 . LEU B 1 59 ? 1.369   -17.584 4.606   1.00 18.21 ? 710 LEU B CD2 1 
ATOM   1052 N  N   . THR B 1 60 ? 4.097   -18.229 0.712   1.00 17.74 ? 711 THR B N   1 
ATOM   1053 C  CA  . THR B 1 60 ? 5.552   -18.296 0.749   1.00 20.20 ? 711 THR B CA  1 
ATOM   1054 C  C   . THR B 1 60 ? 6.192   -17.701 -0.500  1.00 17.50 ? 711 THR B C   1 
ATOM   1055 O  O   . THR B 1 60 ? 7.270   -17.106 -0.426  1.00 14.40 ? 711 THR B O   1 
ATOM   1056 C  CB  . THR B 1 60 ? 6.036   -19.750 1.005   1.00 22.82 ? 711 THR B CB  1 
ATOM   1057 O  OG1 . THR B 1 60 ? 5.452   -20.635 0.050   1.00 27.03 ? 711 THR B OG1 1 
ATOM   1058 C  CG2 . THR B 1 60 ? 5.629   -20.196 2.407   1.00 26.78 ? 711 THR B CG2 1 
ATOM   1059 N  N   . THR B 1 61 ? 5.526   -17.842 -1.642  1.00 14.91 ? 712 THR B N   1 
ATOM   1060 C  CA  . THR B 1 61 ? 6.027   -17.280 -2.895  1.00 15.24 ? 712 THR B CA  1 
ATOM   1061 C  C   . THR B 1 61 ? 6.065   -15.749 -2.790  1.00 14.37 ? 712 THR B C   1 
ATOM   1062 O  O   . THR B 1 61 ? 7.034   -15.105 -3.209  1.00 13.82 ? 712 THR B O   1 
ATOM   1063 C  CB  . THR B 1 61 ? 5.130   -17.682 -4.084  1.00 18.65 ? 712 THR B CB  1 
ATOM   1064 O  OG1 . THR B 1 61 ? 5.182   -19.103 -4.257  1.00 20.14 ? 712 THR B OG1 1 
ATOM   1065 C  CG2 . THR B 1 61 ? 5.606   -17.007 -5.368  1.00 18.63 ? 712 THR B CG2 1 
ATOM   1066 N  N   . LEU B 1 62 ? 5.006   -15.167 -2.234  1.00 15.11 ? 713 LEU B N   1 
ATOM   1067 C  CA  . LEU B 1 62 ? 4.939   -13.723 -2.055  1.00 12.59 ? 713 LEU B CA  1 
ATOM   1068 C  C   . LEU B 1 62 ? 6.046   -13.273 -1.094  1.00 13.65 ? 713 LEU B C   1 
ATOM   1069 O  O   . LEU B 1 62 ? 6.733   -12.288 -1.349  1.00 13.15 ? 713 LEU B O   1 
ATOM   1070 C  CB  . LEU B 1 62 ? 3.576   -13.319 -1.483  1.00 13.20 ? 713 LEU B CB  1 
ATOM   1071 C  CG  . LEU B 1 62 ? 3.493   -11.862 -1.009  1.00 14.39 ? 713 LEU B CG  1 
ATOM   1072 C  CD1 . LEU B 1 62 ? 3.810   -10.920 -2.172  1.00 18.83 ? 713 LEU B CD1 1 
ATOM   1073 C  CD2 . LEU B 1 62 ? 2.105   -11.592 -0.439  1.00 16.83 ? 713 LEU B CD2 1 
HETATM 1074 N  N   . MSE B 1 63 ? 6.219   -13.987 0.015   1.00 12.30 ? 714 MSE B N   1 
HETATM 1075 C  CA  . MSE B 1 63 ? 7.254   -13.600 0.968   1.00 12.22 ? 714 MSE B CA  1 
HETATM 1076 C  C   . MSE B 1 63 ? 8.632   -13.637 0.307   1.00 14.92 ? 714 MSE B C   1 
HETATM 1077 O  O   . MSE B 1 63 ? 9.455   -12.749 0.528   1.00 12.96 ? 714 MSE B O   1 
HETATM 1078 C  CB  . MSE B 1 63 ? 7.195   -14.502 2.207   1.00 15.41 ? 714 MSE B CB  1 
HETATM 1079 C  CG  . MSE B 1 63 ? 5.951   -14.251 3.042   1.00 17.42 ? 714 MSE B CG  1 
HETATM 1080 SE SE  . MSE B 1 63 ? 5.811   -15.465 4.537   1.00 36.01 ? 714 MSE B SE  1 
HETATM 1081 C  CE  . MSE B 1 63 ? 5.831   -17.138 3.587   1.00 37.64 ? 714 MSE B CE  1 
ATOM   1082 N  N   . ASP B 1 64 ? 8.871   -14.656 -0.515  1.00 14.16 ? 715 ASP B N   1 
ATOM   1083 C  CA  . ASP B 1 64 ? 10.141  -14.793 -1.227  1.00 17.49 ? 715 ASP B CA  1 
ATOM   1084 C  C   . ASP B 1 64 ? 10.383  -13.596 -2.158  1.00 17.24 ? 715 ASP B C   1 
ATOM   1085 O  O   . ASP B 1 64 ? 11.496  -13.083 -2.227  1.00 17.78 ? 715 ASP B O   1 
ATOM   1086 C  CB  . ASP B 1 64 ? 10.145  -16.091 -2.039  1.00 19.99 ? 715 ASP B CB  1 
ATOM   1087 C  CG  . ASP B 1 64 ? 11.408  -16.263 -2.866  1.00 26.36 ? 715 ASP B CG  1 
ATOM   1088 O  OD1 . ASP B 1 64 ? 12.502  -16.386 -2.277  1.00 33.45 ? 715 ASP B OD1 1 
ATOM   1089 O  OD2 . ASP B 1 64 ? 11.305  -16.265 -4.111  1.00 32.31 ? 715 ASP B OD2 1 
ATOM   1090 N  N   . LYS B 1 65 ? 9.350   -13.157 -2.880  1.00 16.52 ? 716 LYS B N   1 
ATOM   1091 C  CA  . LYS B 1 65 ? 9.486   -12.005 -3.776  1.00 17.99 ? 716 LYS B CA  1 
ATOM   1092 C  C   . LYS B 1 65 ? 9.845   -10.740 -2.996  1.00 17.49 ? 716 LYS B C   1 
ATOM   1093 O  O   . LYS B 1 65 ? 10.677  -9.939  -3.431  1.00 16.68 ? 716 LYS B O   1 
ATOM   1094 C  CB  . LYS B 1 65 ? 8.181   -11.724 -4.527  1.00 19.57 ? 716 LYS B CB  1 
ATOM   1095 C  CG  . LYS B 1 65 ? 7.830   -12.725 -5.615  1.00 24.07 ? 716 LYS B CG  1 
ATOM   1096 C  CD  . LYS B 1 65 ? 6.728   -12.186 -6.517  1.00 31.41 ? 716 LYS B CD  1 
ATOM   1097 C  CE  . LYS B 1 65 ? 6.069   -13.297 -7.322  1.00 39.37 ? 716 LYS B CE  1 
ATOM   1098 N  NZ  . LYS B 1 65 ? 6.420   -13.246 -8.766  1.00 42.36 ? 716 LYS B NZ  1 
ATOM   1099 N  N   . LEU B 1 66 ? 9.198   -10.561 -1.849  1.00 13.88 ? 717 LEU B N   1 
ATOM   1100 C  CA  . LEU B 1 66 ? 9.439   -9.394  -1.005  1.00 15.17 ? 717 LEU B CA  1 
ATOM   1101 C  C   . LEU B 1 66 ? 10.867  -9.359  -0.468  1.00 14.16 ? 717 LEU B C   1 
ATOM   1102 O  O   . LEU B 1 66 ? 11.462  -8.290  -0.334  1.00 14.18 ? 717 LEU B O   1 
ATOM   1103 C  CB  . LEU B 1 66 ? 8.438   -9.376  0.151   1.00 11.47 ? 717 LEU B CB  1 
ATOM   1104 C  CG  . LEU B 1 66 ? 6.975   -9.161  -0.253  1.00 14.55 ? 717 LEU B CG  1 
ATOM   1105 C  CD1 . LEU B 1 66 ? 6.064   -9.473  0.934   1.00 12.27 ? 717 LEU B CD1 1 
ATOM   1106 C  CD2 . LEU B 1 66 ? 6.774   -7.724  -0.726  1.00 19.25 ? 717 LEU B CD2 1 
ATOM   1107 N  N   . ARG B 1 67 ? 11.423  -10.528 -0.161  1.00 12.77 ? 718 ARG B N   1 
ATOM   1108 C  CA  . ARG B 1 67 ? 12.789  -10.590 0.346   1.00 15.18 ? 718 ARG B CA  1 
ATOM   1109 C  C   . ARG B 1 67 ? 13.805  -10.119 -0.700  1.00 14.39 ? 718 ARG B C   1 
ATOM   1110 O  O   . ARG B 1 67 ? 14.889  -9.646  -0.354  1.00 14.21 ? 718 ARG B O   1 
ATOM   1111 C  CB  . ARG B 1 67 ? 13.135  -12.022 0.773   1.00 15.03 ? 718 ARG B CB  1 
ATOM   1112 C  CG  . ARG B 1 67 ? 12.458  -12.472 2.046   1.00 17.04 ? 718 ARG B CG  1 
ATOM   1113 C  CD  . ARG B 1 67 ? 12.961  -13.835 2.520   1.00 19.80 ? 718 ARG B CD  1 
ATOM   1114 N  NE  . ARG B 1 67 ? 12.191  -14.290 3.671   1.00 20.05 ? 718 ARG B NE  1 
ATOM   1115 C  CZ  . ARG B 1 67 ? 11.207  -15.181 3.615   1.00 19.97 ? 718 ARG B CZ  1 
ATOM   1116 N  NH1 . ARG B 1 67 ? 10.881  -15.750 2.465   1.00 24.95 ? 718 ARG B NH1 1 
ATOM   1117 N  NH2 . ARG B 1 67 ? 10.534  -15.488 4.712   1.00 18.79 ? 718 ARG B NH2 1 
ATOM   1118 N  N   . LYS B 1 68 ? 13.451  -10.237 -1.976  1.00 15.11 ? 719 LYS B N   1 
ATOM   1119 C  CA  . LYS B 1 68 ? 14.358  -9.841  -3.050  1.00 15.99 ? 719 LYS B CA  1 
ATOM   1120 C  C   . LYS B 1 68 ? 14.371  -8.350  -3.355  1.00 15.03 ? 719 LYS B C   1 
ATOM   1121 O  O   . LYS B 1 68 ? 15.170  -7.891  -4.174  1.00 16.05 ? 719 LYS B O   1 
ATOM   1122 C  CB  . LYS B 1 68 ? 14.048  -10.646 -4.317  1.00 16.79 ? 719 LYS B CB  1 
ATOM   1123 C  CG  . LYS B 1 68 ? 14.296  -12.138 -4.148  1.00 21.17 ? 719 LYS B CG  1 
ATOM   1124 C  CD  . LYS B 1 68 ? 13.631  -12.944 -5.242  1.00 23.47 ? 719 LYS B CD  1 
ATOM   1125 C  CE  . LYS B 1 68 ? 13.932  -14.428 -5.079  1.00 29.46 ? 719 LYS B CE  1 
ATOM   1126 N  NZ  . LYS B 1 68 ? 13.149  -15.247 -6.038  1.00 33.63 ? 719 LYS B NZ  1 
ATOM   1127 N  N   . VAL B 1 69 ? 13.488  -7.599  -2.702  1.00 14.38 ? 720 VAL B N   1 
ATOM   1128 C  CA  . VAL B 1 69 ? 13.444  -6.150  -2.884  1.00 14.04 ? 720 VAL B CA  1 
ATOM   1129 C  C   . VAL B 1 69 ? 14.638  -5.536  -2.132  1.00 14.91 ? 720 VAL B C   1 
ATOM   1130 O  O   . VAL B 1 69 ? 14.896  -5.853  -0.963  1.00 15.76 ? 720 VAL B O   1 
ATOM   1131 C  CB  . VAL B 1 69 ? 12.111  -5.551  -2.343  1.00 14.01 ? 720 VAL B CB  1 
ATOM   1132 C  CG1 . VAL B 1 69 ? 12.156  -4.026  -2.391  1.00 14.94 ? 720 VAL B CG1 1 
ATOM   1133 C  CG2 . VAL B 1 69 ? 10.939  -6.062  -3.187  1.00 12.45 ? 720 VAL B CG2 1 
ATOM   1134 N  N   . GLN B 1 70 ? 15.370  -4.662  -2.810  1.00 14.76 ? 721 GLN B N   1 
ATOM   1135 C  CA  . GLN B 1 70 ? 16.530  -4.017  -2.211  1.00 17.26 ? 721 GLN B CA  1 
ATOM   1136 C  C   . GLN B 1 70 ? 16.164  -3.228  -0.952  1.00 17.27 ? 721 GLN B C   1 
ATOM   1137 O  O   . GLN B 1 70 ? 15.215  -2.436  -0.950  1.00 18.14 ? 721 GLN B O   1 
ATOM   1138 C  CB  . GLN B 1 70 ? 17.201  -3.085  -3.231  1.00 16.13 ? 721 GLN B CB  1 
ATOM   1139 C  CG  . GLN B 1 70 ? 18.449  -2.394  -2.695  1.00 18.92 ? 721 GLN B CG  1 
ATOM   1140 C  CD  . GLN B 1 70 ? 19.223  -1.650  -3.769  1.00 24.59 ? 721 GLN B CD  1 
ATOM   1141 O  OE1 . GLN B 1 70 ? 18.741  -1.470  -4.884  1.00 26.40 ? 721 GLN B OE1 1 
ATOM   1142 N  NE2 . GLN B 1 70 ? 20.431  -1.205  -3.431  1.00 23.98 ? 721 GLN B NE2 1 
ATOM   1143 N  N   . GLY B 1 71 ? 16.915  -3.461  0.119   1.00 15.86 ? 722 GLY B N   1 
ATOM   1144 C  CA  . GLY B 1 71 ? 16.663  -2.761  1.363   1.00 16.99 ? 722 GLY B CA  1 
ATOM   1145 C  C   . GLY B 1 71 ? 15.919  -3.555  2.420   1.00 15.84 ? 722 GLY B C   1 
ATOM   1146 O  O   . GLY B 1 71 ? 15.929  -3.185  3.590   1.00 15.87 ? 722 GLY B O   1 
ATOM   1147 N  N   . VAL B 1 72 ? 15.262  -4.639  2.021   1.00 16.32 ? 723 VAL B N   1 
ATOM   1148 C  CA  . VAL B 1 72 ? 14.504  -5.463  2.964   1.00 14.73 ? 723 VAL B CA  1 
ATOM   1149 C  C   . VAL B 1 72 ? 15.424  -6.273  3.881   1.00 15.68 ? 723 VAL B C   1 
ATOM   1150 O  O   . VAL B 1 72 ? 16.289  -7.005  3.404   1.00 18.40 ? 723 VAL B O   1 
ATOM   1151 C  CB  . VAL B 1 72 ? 13.567  -6.446  2.201   1.00 15.74 ? 723 VAL B CB  1 
ATOM   1152 C  CG1 . VAL B 1 72 ? 12.926  -7.434  3.169   1.00 14.64 ? 723 VAL B CG1 1 
ATOM   1153 C  CG2 . VAL B 1 72 ? 12.496  -5.663  1.451   1.00 16.76 ? 723 VAL B CG2 1 
ATOM   1154 N  N   . PHE B 1 73 ? 15.240  -6.133  5.192   1.00 13.77 ? 724 PHE B N   1 
ATOM   1155 C  CA  . PHE B 1 73 ? 16.045  -6.878  6.152   1.00 14.75 ? 724 PHE B CA  1 
ATOM   1156 C  C   . PHE B 1 73 ? 15.399  -8.235  6.381   1.00 15.21 ? 724 PHE B C   1 
ATOM   1157 O  O   . PHE B 1 73 ? 16.037  -9.280  6.235   1.00 16.18 ? 724 PHE B O   1 
ATOM   1158 C  CB  . PHE B 1 73 ? 16.130  -6.150  7.505   1.00 14.10 ? 724 PHE B CB  1 
ATOM   1159 C  CG  . PHE B 1 73 ? 16.728  -4.777  7.429   1.00 16.67 ? 724 PHE B CG  1 
ATOM   1160 C  CD1 . PHE B 1 73 ? 17.659  -4.466  6.447   1.00 18.57 ? 724 PHE B CD1 1 
ATOM   1161 C  CD2 . PHE B 1 73 ? 16.365  -3.795  8.344   1.00 18.33 ? 724 PHE B CD2 1 
ATOM   1162 C  CE1 . PHE B 1 73 ? 18.226  -3.197  6.377   1.00 20.62 ? 724 PHE B CE1 1 
ATOM   1163 C  CE2 . PHE B 1 73 ? 16.931  -2.523  8.285   1.00 23.01 ? 724 PHE B CE2 1 
ATOM   1164 C  CZ  . PHE B 1 73 ? 17.861  -2.226  7.296   1.00 21.62 ? 724 PHE B CZ  1 
ATOM   1165 N  N   . THR B 1 74 ? 14.115  -8.214  6.713   1.00 12.92 ? 725 THR B N   1 
ATOM   1166 C  CA  . THR B 1 74 ? 13.401  -9.445  7.010   1.00 14.50 ? 725 THR B CA  1 
ATOM   1167 C  C   . THR B 1 74 ? 11.962  -9.467  6.511   1.00 13.18 ? 725 THR B C   1 
ATOM   1168 O  O   . THR B 1 74 ? 11.336  -8.419  6.353   1.00 12.99 ? 725 THR B O   1 
ATOM   1169 C  CB  . THR B 1 74 ? 13.353  -9.664  8.553   1.00 16.09 ? 725 THR B CB  1 
ATOM   1170 O  OG1 . THR B 1 74 ? 12.756  -8.516  9.182   1.00 18.93 ? 725 THR B OG1 1 
ATOM   1171 C  CG2 . THR B 1 74 ? 14.758  -9.867  9.125   1.00 20.48 ? 725 THR B CG2 1 
ATOM   1172 N  N   . VAL B 1 75 ? 11.462  -10.666 6.233   1.00 13.95 ? 726 VAL B N   1 
ATOM   1173 C  CA  . VAL B 1 75 ? 10.070  -10.866 5.844   1.00 12.43 ? 726 VAL B CA  1 
ATOM   1174 C  C   . VAL B 1 75 ? 9.689   -12.079 6.696   1.00 14.61 ? 726 VAL B C   1 
ATOM   1175 O  O   . VAL B 1 75 ? 10.256  -13.166 6.551   1.00 15.78 ? 726 VAL B O   1 
ATOM   1176 C  CB  . VAL B 1 75 ? 9.877   -11.176 4.345   1.00 13.64 ? 726 VAL B CB  1 
ATOM   1177 C  CG1 . VAL B 1 75 ? 8.380   -11.414 4.062   1.00 13.34 ? 726 VAL B CG1 1 
ATOM   1178 C  CG2 . VAL B 1 75 ? 10.396  -9.998  3.513   1.00 10.18 ? 726 VAL B CG2 1 
ATOM   1179 N  N   . GLU B 1 76 ? 8.735   -11.892 7.597   1.00 14.70 ? 727 GLU B N   1 
ATOM   1180 C  CA  . GLU B 1 76 ? 8.328   -12.976 8.481   1.00 17.18 ? 727 GLU B CA  1 
ATOM   1181 C  C   . GLU B 1 76 ? 6.820   -13.117 8.521   1.00 17.75 ? 727 GLU B C   1 
ATOM   1182 O  O   . GLU B 1 76 ? 6.095   -12.145 8.323   1.00 16.03 ? 727 GLU B O   1 
ATOM   1183 C  CB  . GLU B 1 76 ? 8.851   -12.706 9.899   1.00 17.48 ? 727 GLU B CB  1 
ATOM   1184 C  CG  . GLU B 1 76 ? 10.375  -12.536 9.985   1.00 27.63 ? 727 GLU B CG  1 
ATOM   1185 C  CD  . GLU B 1 76 ? 10.897  -12.516 11.414  1.00 37.67 ? 727 GLU B CD  1 
ATOM   1186 O  OE1 . GLU B 1 76 ? 10.415  -13.327 12.234  1.00 45.41 ? 727 GLU B OE1 1 
ATOM   1187 O  OE2 . GLU B 1 76 ? 11.798  -11.702 11.717  1.00 47.64 ? 727 GLU B OE2 1 
ATOM   1188 N  N   . ARG B 1 77 ? 6.350   -14.332 8.767   1.00 16.34 ? 728 ARG B N   1 
ATOM   1189 C  CA  . ARG B 1 77 ? 4.920   -14.562 8.845   1.00 19.66 ? 728 ARG B CA  1 
ATOM   1190 C  C   . ARG B 1 77 ? 4.445   -14.215 10.255  1.00 22.80 ? 728 ARG B C   1 
ATOM   1191 O  O   . ARG B 1 77 ? 5.108   -14.542 11.242  1.00 24.24 ? 728 ARG B O   1 
ATOM   1192 C  CB  . ARG B 1 77 ? 4.602   -16.029 8.536   1.00 21.90 ? 728 ARG B CB  1 
ATOM   1193 C  CG  . ARG B 1 77 ? 3.123   -16.337 8.550   1.00 21.32 ? 728 ARG B CG  1 
ATOM   1194 C  CD  . ARG B 1 77 ? 2.862   -17.766 8.141   1.00 21.42 ? 728 ARG B CD  1 
ATOM   1195 N  NE  . ARG B 1 77 ? 1.435   -18.062 8.160   1.00 24.03 ? 728 ARG B NE  1 
ATOM   1196 C  CZ  . ARG B 1 77 ? 0.904   -19.182 7.691   1.00 27.88 ? 728 ARG B CZ  1 
ATOM   1197 N  NH1 . ARG B 1 77 ? 1.688   -20.115 7.165   1.00 22.41 ? 728 ARG B NH1 1 
ATOM   1198 N  NH2 . ARG B 1 77 ? -0.408  -19.370 7.754   1.00 30.29 ? 728 ARG B NH2 1 
ATOM   1199 N  N   . LEU B 1 78 ? 3.310   -13.528 10.344  1.00 24.24 ? 729 LEU B N   1 
ATOM   1200 C  CA  . LEU B 1 78 ? 2.738   -13.169 11.639  1.00 27.86 ? 729 LEU B CA  1 
ATOM   1201 C  C   . LEU B 1 78 ? 1.680   -14.218 12.016  1.00 30.04 ? 729 LEU B C   1 
ATOM   1202 O  O   . LEU B 1 78 ? 0.863   -14.587 11.149  1.00 32.16 ? 729 LEU B O   1 
ATOM   1203 C  CB  . LEU B 1 78 ? 2.088   -11.783 11.572  1.00 27.09 ? 729 LEU B CB  1 
ATOM   1204 C  CG  . LEU B 1 78 ? 3.042   -10.633 11.237  1.00 28.24 ? 729 LEU B CG  1 
ATOM   1205 C  CD1 . LEU B 1 78 ? 2.243   -9.387  10.891  1.00 30.71 ? 729 LEU B CD1 1 
ATOM   1206 C  CD2 . LEU B 1 78 ? 3.977   -10.384 12.412  1.00 28.39 ? 729 LEU B CD2 1 
HETATM 1207 O  O   . HOH C 2 .  ? -2.205  17.322  3.402   1.00 15.61 ? 802 HOH A O   1 
HETATM 1208 O  O   . HOH C 2 .  ? -0.247  19.075  3.893   1.00 24.42 ? 808 HOH A O   1 
HETATM 1209 O  O   . HOH C 2 .  ? -0.745  5.728   -10.547 1.00 22.81 ? 809 HOH A O   1 
HETATM 1210 O  O   . HOH C 2 .  ? -5.368  20.810  -1.883  1.00 20.49 ? 810 HOH A O   1 
HETATM 1211 O  O   . HOH C 2 .  ? -12.033 10.206  1.098   1.00 13.28 ? 813 HOH A O   1 
HETATM 1212 O  O   . HOH C 2 .  ? -7.761  3.008   7.018   1.00 25.57 ? 815 HOH A O   1 
HETATM 1213 O  O   . HOH C 2 .  ? -13.898 12.675  -3.785  1.00 23.57 ? 816 HOH A O   1 
HETATM 1214 O  O   . HOH C 2 .  ? -9.673  17.402  -0.707  1.00 19.35 ? 817 HOH A O   1 
HETATM 1215 O  O   . HOH C 2 .  ? 1.903   24.419  -4.042  1.00 17.93 ? 819 HOH A O   1 
HETATM 1216 O  O   . HOH C 2 .  ? -14.784 8.450   -7.102  1.00 23.50 ? 823 HOH A O   1 
HETATM 1217 O  O   . HOH C 2 .  ? -8.241  -7.036  -3.608  1.00 28.41 ? 825 HOH A O   1 
HETATM 1218 O  O   . HOH C 2 .  ? 6.393   14.880  -6.327  1.00 29.23 ? 826 HOH A O   1 
HETATM 1219 O  O   . HOH C 2 .  ? -13.082 5.785   -14.613 1.00 28.32 ? 827 HOH A O   1 
HETATM 1220 O  O   . HOH C 2 .  ? -10.973 -5.504  -2.294  1.00 21.96 ? 828 HOH A O   1 
HETATM 1221 O  O   . HOH C 2 .  ? -19.408 5.158   -11.751 1.00 26.40 ? 829 HOH A O   1 
HETATM 1222 O  O   . HOH C 2 .  ? 8.016   5.831   -1.464  1.00 22.99 ? 832 HOH A O   1 
HETATM 1223 O  O   . HOH C 2 .  ? -8.265  16.426  -6.681  1.00 23.75 ? 833 HOH A O   1 
HETATM 1224 O  O   . HOH C 2 .  ? -11.406 2.224   -13.360 1.00 24.72 ? 834 HOH A O   1 
HETATM 1225 O  O   . HOH C 2 .  ? 4.208   25.580  -4.105  1.00 28.33 ? 840 HOH A O   1 
HETATM 1226 O  O   . HOH C 2 .  ? -2.046  0.814   -11.502 1.00 39.39 ? 841 HOH A O   1 
HETATM 1227 O  O   . HOH C 2 .  ? -3.501  -0.784  -10.068 1.00 24.81 ? 842 HOH A O   1 
HETATM 1228 O  O   . HOH C 2 .  ? -15.617 10.812  -5.947  1.00 35.30 ? 844 HOH A O   1 
HETATM 1229 O  O   . HOH C 2 .  ? -16.330 4.946   -8.695  1.00 34.60 ? 852 HOH A O   1 
HETATM 1230 O  O   . HOH C 2 .  ? -21.065 -3.376  9.108   1.00 39.63 ? 854 HOH A O   1 
HETATM 1231 O  O   . HOH C 2 .  ? 4.256   -0.705  -9.153  1.00 31.80 ? 855 HOH A O   1 
HETATM 1232 O  O   . HOH C 2 .  ? 9.375   15.463  -5.584  1.00 55.11 ? 863 HOH A O   1 
HETATM 1233 O  O   . HOH C 2 .  ? -4.356  12.724  -12.691 1.00 28.25 ? 865 HOH A O   1 
HETATM 1234 O  O   . HOH C 2 .  ? -20.324 -1.455  -3.012  1.00 42.74 ? 866 HOH A O   1 
HETATM 1235 O  O   . HOH C 2 .  ? 6.488   18.814  5.013   1.00 32.72 ? 868 HOH A O   1 
HETATM 1236 O  O   . HOH C 2 .  ? -11.982 -0.407  -11.090 1.00 24.29 ? 869 HOH A O   1 
HETATM 1237 O  O   . HOH C 2 .  ? -15.512 -5.788  3.762   1.00 33.86 ? 870 HOH A O   1 
HETATM 1238 O  O   . HOH C 2 .  ? -1.908  3.545   -12.382 1.00 43.53 ? 872 HOH A O   1 
HETATM 1239 O  O   . HOH C 2 .  ? 3.178   10.102  -10.732 1.00 35.27 ? 875 HOH A O   1 
HETATM 1240 O  O   . HOH C 2 .  ? -6.323  1.396   -12.218 1.00 42.05 ? 879 HOH A O   1 
HETATM 1241 O  O   . HOH C 2 .  ? -18.859 -3.615  -1.274  1.00 34.06 ? 882 HOH A O   1 
HETATM 1242 O  O   . HOH C 2 .  ? 2.943   19.361  5.418   1.00 39.77 ? 884 HOH A O   1 
HETATM 1243 O  O   . HOH C 2 .  ? -12.032 0.651   6.996   1.00 37.22 ? 886 HOH A O   1 
HETATM 1244 O  O   . HOH C 2 .  ? -4.349  6.859   9.503   1.00 32.79 ? 887 HOH A O   1 
HETATM 1245 O  O   . HOH C 2 .  ? -23.556 -3.164  10.008  1.00 41.59 ? 889 HOH A O   1 
HETATM 1246 O  O   . HOH C 2 .  ? 0.767   7.050   -12.036 1.00 39.18 ? 890 HOH A O   1 
HETATM 1247 O  O   . HOH C 2 .  ? -13.469 10.281  4.207   1.00 41.09 ? 893 HOH A O   1 
HETATM 1248 O  O   . HOH C 2 .  ? 10.565  7.432   -3.023  1.00 49.79 ? 897 HOH A O   1 
HETATM 1249 O  O   . HOH C 2 .  ? 4.046   11.292  9.052   1.00 44.53 ? 899 HOH A O   1 
HETATM 1250 O  O   . HOH C 2 .  ? -14.842 8.693   5.895   1.00 32.69 ? 908 HOH A O   1 
HETATM 1251 O  O   . HOH C 2 .  ? -14.744 6.621   -9.880  1.00 35.23 ? 909 HOH A O   1 
HETATM 1252 O  O   . HOH C 2 .  ? -14.622 0.287   6.693   1.00 44.64 ? 910 HOH A O   1 
HETATM 1253 O  O   . HOH C 2 .  ? -11.499 13.601  -9.987  1.00 39.02 ? 915 HOH A O   1 
HETATM 1254 O  O   . HOH C 2 .  ? -12.033 -7.988  -3.189  1.00 44.11 ? 916 HOH A O   1 
HETATM 1255 O  O   . HOH C 2 .  ? -1.857  26.411  -10.402 1.00 45.60 ? 920 HOH A O   1 
HETATM 1256 O  O   . HOH C 2 .  ? -12.030 7.543   -16.482 1.00 44.20 ? 923 HOH A O   1 
HETATM 1257 O  O   . HOH C 2 .  ? -9.580  -6.036  7.430   1.00 42.57 ? 926 HOH A O   1 
HETATM 1258 O  O   . HOH C 2 .  ? 10.777  13.558  -1.067  1.00 43.20 ? 927 HOH A O   1 
HETATM 1259 O  O   . HOH C 2 .  ? 6.894   3.086   -9.016  1.00 39.04 ? 928 HOH A O   1 
HETATM 1260 O  O   . HOH C 2 .  ? -10.456 -3.838  -9.277  1.00 45.02 ? 935 HOH A O   1 
HETATM 1261 O  O   . HOH C 2 .  ? -4.798  22.146  -7.384  1.00 39.35 ? 937 HOH A O   1 
HETATM 1262 O  O   . HOH C 2 .  ? -6.865  -6.108  -8.565  1.00 39.93 ? 938 HOH A O   1 
HETATM 1263 O  O   . HOH C 2 .  ? 11.935  15.336  0.982   1.00 43.53 ? 939 HOH A O   1 
HETATM 1264 O  O   . HOH C 2 .  ? 10.534  19.426  -4.826  1.00 41.89 ? 943 HOH A O   1 
HETATM 1265 O  O   . HOH C 2 .  ? -3.056  19.526  -11.254 1.00 44.46 ? 945 HOH A O   1 
HETATM 1266 O  O   . HOH C 2 .  ? -6.629  6.064   -12.514 1.00 41.50 ? 946 HOH A O   1 
HETATM 1267 O  O   . HOH C 2 .  ? 8.072   11.504  7.365   1.00 43.36 ? 951 HOH A O   1 
HETATM 1268 O  O   . HOH C 2 .  ? -2.890  -3.647  -9.841  1.00 47.14 ? 952 HOH A O   1 
HETATM 1269 O  O   . HOH C 2 .  ? -8.815  8.788   9.372   1.00 43.29 ? 953 HOH A O   1 
HETATM 1270 O  O   . HOH D 2 .  ? 20.142  0.323   7.015   1.00 15.08 ? 801 HOH B O   1 
HETATM 1271 O  O   . HOH D 2 .  ? 16.970  -7.733  -1.194  1.00 18.40 ? 803 HOH B O   1 
HETATM 1272 O  O   . HOH D 2 .  ? 14.715  -3.842  -5.563  1.00 21.01 ? 804 HOH B O   1 
HETATM 1273 O  O   . HOH D 2 .  ? 13.414  -12.754 5.875   1.00 16.89 ? 805 HOH B O   1 
HETATM 1274 O  O   . HOH D 2 .  ? -0.195  -15.629 9.201   1.00 18.36 ? 806 HOH B O   1 
HETATM 1275 O  O   . HOH D 2 .  ? 4.263   -0.269  10.018  1.00 18.91 ? 807 HOH B O   1 
HETATM 1276 O  O   . HOH D 2 .  ? -2.403  -17.274 9.143   1.00 25.21 ? 811 HOH B O   1 
HETATM 1277 O  O   . HOH D 2 .  ? 9.972   -9.035  9.283   1.00 16.18 ? 812 HOH B O   1 
HETATM 1278 O  O   . HOH D 2 .  ? 4.260   -9.508  -7.524  1.00 20.42 ? 814 HOH B O   1 
HETATM 1279 O  O   . HOH D 2 .  ? 15.976  -9.573  1.993   1.00 26.29 ? 818 HOH B O   1 
HETATM 1280 O  O   . HOH D 2 .  ? -4.096  -16.182 -3.174  1.00 29.25 ? 820 HOH B O   1 
HETATM 1281 O  O   . HOH D 2 .  ? -2.744  -24.306 2.156   1.00 26.87 ? 821 HOH B O   1 
HETATM 1282 O  O   . HOH D 2 .  ? 12.797  7.540   5.721   1.00 30.98 ? 822 HOH B O   1 
HETATM 1283 O  O   . HOH D 2 .  ? 9.494   -9.854  11.868  1.00 27.94 ? 824 HOH B O   1 
HETATM 1284 O  O   . HOH D 2 .  ? 8.944   -16.131 -5.456  1.00 31.30 ? 830 HOH B O   1 
HETATM 1285 O  O   . HOH D 2 .  ? 10.979  -9.137  -6.125  1.00 28.61 ? 831 HOH B O   1 
HETATM 1286 O  O   . HOH D 2 .  ? 6.264   -5.135  -8.952  1.00 31.14 ? 835 HOH B O   1 
HETATM 1287 O  O   . HOH D 2 .  ? 7.675   -3.578  -7.446  1.00 25.27 ? 836 HOH B O   1 
HETATM 1288 O  O   . HOH D 2 .  ? 9.559   4.855   -7.102  1.00 41.40 ? 837 HOH B O   1 
HETATM 1289 O  O   . HOH D 2 .  ? -6.633  -14.914 -2.814  1.00 37.73 ? 838 HOH B O   1 
HETATM 1290 O  O   . HOH D 2 .  ? -5.795  -17.929 9.296   1.00 33.03 ? 839 HOH B O   1 
HETATM 1291 O  O   . HOH D 2 .  ? 0.839   -13.906 -8.517  1.00 29.43 ? 843 HOH B O   1 
HETATM 1292 O  O   . HOH D 2 .  ? -7.261  -9.219  -5.259  1.00 40.75 ? 845 HOH B O   1 
HETATM 1293 O  O   . HOH D 2 .  ? 16.530  5.373   12.427  1.00 31.66 ? 846 HOH B O   1 
HETATM 1294 O  O   . HOH D 2 .  ? 8.994   -17.721 1.957   1.00 26.34 ? 847 HOH B O   1 
HETATM 1295 O  O   . HOH D 2 .  ? -9.009  -17.265 7.706   1.00 35.43 ? 848 HOH B O   1 
HETATM 1296 O  O   . HOH D 2 .  ? 5.728   6.845   10.623  1.00 66.51 ? 849 HOH B O   1 
HETATM 1297 O  O   . HOH D 2 .  ? 3.368   -11.277 -9.123  1.00 30.64 ? 850 HOH B O   1 
HETATM 1298 O  O   . HOH D 2 .  ? 18.340  -6.452  0.662   1.00 36.46 ? 851 HOH B O   1 
HETATM 1299 O  O   . HOH D 2 .  ? 5.974   -8.010  -8.737  1.00 29.04 ? 853 HOH B O   1 
HETATM 1300 O  O   . HOH D 2 .  ? 10.134  -7.020  13.461  1.00 31.98 ? 856 HOH B O   1 
HETATM 1301 O  O   . HOH D 2 .  ? -3.747  -9.372  -8.174  1.00 32.85 ? 857 HOH B O   1 
HETATM 1302 O  O   . HOH D 2 .  ? 8.104   -16.500 8.825   1.00 29.72 ? 858 HOH B O   1 
HETATM 1303 O  O   . HOH D 2 .  ? 7.656   -10.778 13.020  1.00 32.80 ? 859 HOH B O   1 
HETATM 1304 O  O   . HOH D 2 .  ? -0.614  -22.229 -5.944  1.00 37.03 ? 860 HOH B O   1 
HETATM 1305 O  O   . HOH D 2 .  ? -7.328  -19.938 8.821   1.00 32.81 ? 861 HOH B O   1 
HETATM 1306 O  O   . HOH D 2 .  ? -2.688  -24.109 4.745   1.00 33.99 ? 862 HOH B O   1 
HETATM 1307 O  O   . HOH D 2 .  ? -0.594  -15.260 14.178  1.00 52.92 ? 867 HOH B O   1 
HETATM 1308 O  O   . HOH D 2 .  ? 12.772  -16.638 0.347   1.00 32.66 ? 871 HOH B O   1 
HETATM 1309 O  O   . HOH D 2 .  ? -0.208  -3.435  12.620  1.00 29.92 ? 873 HOH B O   1 
HETATM 1310 O  O   . HOH D 2 .  ? 0.908   -16.792 -8.183  1.00 64.58 ? 874 HOH B O   1 
HETATM 1311 O  O   . HOH D 2 .  ? 18.180  -11.649 3.031   1.00 45.65 ? 876 HOH B O   1 
HETATM 1312 O  O   . HOH D 2 .  ? -5.549  -23.808 1.270   1.00 30.39 ? 877 HOH B O   1 
HETATM 1313 O  O   . HOH D 2 .  ? 8.914   -18.045 4.755   1.00 46.10 ? 878 HOH B O   1 
HETATM 1314 O  O   . HOH D 2 .  ? 15.780  -11.849 5.043   1.00 40.33 ? 880 HOH B O   1 
HETATM 1315 O  O   . HOH D 2 .  ? 18.833  -0.238  0.012   1.00 32.20 ? 881 HOH B O   1 
HETATM 1316 O  O   . HOH D 2 .  ? 6.944   -13.788 13.414  1.00 51.88 ? 883 HOH B O   1 
HETATM 1317 O  O   . HOH D 2 .  ? 3.608   -13.859 14.767  1.00 39.56 ? 885 HOH B O   1 
HETATM 1318 O  O   . HOH D 2 .  ? 8.931   2.268   10.380  1.00 27.07 ? 888 HOH B O   1 
HETATM 1319 O  O   . HOH D 2 .  ? 22.410  1.334   3.989   1.00 41.34 ? 891 HOH B O   1 
HETATM 1320 O  O   . HOH D 2 .  ? -0.177  -18.966 11.810  1.00 39.23 ? 892 HOH B O   1 
HETATM 1321 O  O   . HOH D 2 .  ? 10.752  2.165   -7.233  1.00 34.88 ? 894 HOH B O   1 
HETATM 1322 O  O   . HOH D 2 .  ? -10.796 -9.586  6.195   1.00 39.72 ? 896 HOH B O   1 
HETATM 1323 O  O   . HOH D 2 .  ? 6.179   -21.509 -2.336  1.00 33.59 ? 898 HOH B O   1 
HETATM 1324 O  O   . HOH D 2 .  ? 2.682   -19.456 -5.806  1.00 43.79 ? 900 HOH B O   1 
HETATM 1325 O  O   . HOH D 2 .  ? 6.064   10.594  12.327  1.00 43.39 ? 901 HOH B O   1 
HETATM 1326 O  O   . HOH D 2 .  ? 2.222   1.655   13.372  1.00 47.98 ? 902 HOH B O   1 
HETATM 1327 O  O   . HOH D 2 .  ? 2.224   -1.631  13.730  1.00 46.57 ? 903 HOH B O   1 
HETATM 1328 O  O   . HOH D 2 .  ? 3.860   -4.806  14.783  1.00 46.48 ? 904 HOH B O   1 
HETATM 1329 O  O   . HOH D 2 .  ? 12.409  -14.682 7.862   1.00 61.67 ? 905 HOH B O   1 
HETATM 1330 O  O   . HOH D 2 .  ? 0.027   -1.363  16.796  1.00 49.89 ? 906 HOH B O   1 
HETATM 1331 O  O   . HOH D 2 .  ? 12.366  -7.162  12.727  1.00 41.25 ? 907 HOH B O   1 
HETATM 1332 O  O   . HOH D 2 .  ? 14.062  -0.834  -3.157  1.00 35.75 ? 911 HOH B O   1 
HETATM 1333 O  O   . HOH D 2 .  ? 1.622   -20.565 11.246  1.00 42.78 ? 912 HOH B O   1 
HETATM 1334 O  O   . HOH D 2 .  ? 21.335  -1.993  -1.103  1.00 41.24 ? 913 HOH B O   1 
HETATM 1335 O  O   . HOH D 2 .  ? 14.351  -6.584  -6.658  1.00 36.17 ? 914 HOH B O   1 
HETATM 1336 O  O   . HOH D 2 .  ? -6.322  -8.691  -7.880  1.00 45.23 ? 917 HOH B O   1 
HETATM 1337 O  O   . HOH D 2 .  ? -2.199  -4.575  11.135  1.00 39.33 ? 918 HOH B O   1 
HETATM 1338 O  O   . HOH D 2 .  ? 11.519  -13.746 -7.762  1.00 41.44 ? 919 HOH B O   1 
HETATM 1339 O  O   . HOH D 2 .  ? -1.779  -5.339  8.685   1.00 29.22 ? 921 HOH B O   1 
HETATM 1340 O  O   . HOH D 2 .  ? 2.185   6.445   12.058  1.00 42.99 ? 922 HOH B O   1 
HETATM 1341 O  O   . HOH D 2 .  ? 8.673   -19.712 -3.003  1.00 41.05 ? 924 HOH B O   1 
HETATM 1342 O  O   . HOH D 2 .  ? 23.344  -3.398  2.405   1.00 39.09 ? 925 HOH B O   1 
HETATM 1343 O  O   . HOH D 2 .  ? -7.863  -22.238 -1.360  1.00 46.61 ? 929 HOH B O   1 
HETATM 1344 O  O   . HOH D 2 .  ? -2.661  -17.906 11.840  1.00 44.42 ? 930 HOH B O   1 
HETATM 1345 O  O   . HOH D 2 .  ? 18.266  6.576   13.987  1.00 40.92 ? 931 HOH B O   1 
HETATM 1346 O  O   . HOH D 2 .  ? 16.785  -2.507  -6.719  1.00 39.47 ? 932 HOH B O   1 
HETATM 1347 O  O   . HOH D 2 .  ? 16.833  -13.496 1.651   1.00 41.35 ? 933 HOH B O   1 
HETATM 1348 O  O   . HOH D 2 .  ? 3.874   -22.231 -7.277  1.00 51.11 ? 934 HOH B O   1 
HETATM 1349 O  O   . HOH D 2 .  ? 4.390   -20.448 6.597   1.00 41.66 ? 936 HOH B O   1 
HETATM 1350 O  O   . HOH D 2 .  ? 12.994  8.124   1.436   1.00 51.63 ? 940 HOH B O   1 
HETATM 1351 O  O   . HOH D 2 .  ? -5.069  -24.184 -3.535  1.00 42.68 ? 941 HOH B O   1 
HETATM 1352 O  O   . HOH D 2 .  ? 8.371   -12.325 15.009  1.00 51.04 ? 942 HOH B O   1 
HETATM 1353 O  O   . HOH D 2 .  ? 14.429  4.834   13.741  1.00 40.95 ? 944 HOH B O   1 
HETATM 1354 O  O   . HOH D 2 .  ? -0.485  -12.556 15.083  1.00 49.69 ? 947 HOH B O   1 
HETATM 1355 O  O   . HOH D 2 .  ? 8.586   0.925   -8.251  1.00 39.48 ? 948 HOH B O   1 
HETATM 1356 O  O   . HOH D 2 .  ? 17.431  9.410   8.140   1.00 32.96 ? 949 HOH B O   1 
HETATM 1357 O  O   . HOH D 2 .  ? -3.397  -14.290 10.875  1.00 34.55 ? 950 HOH B O   1 
# 
